data_7OCE
#
_entry.id   7OCE
#
_cell.length_a   1.00
_cell.length_b   1.00
_cell.length_c   1.00
_cell.angle_alpha   90.00
_cell.angle_beta   90.00
_cell.angle_gamma   90.00
#
_symmetry.space_group_name_H-M   'P 1'
#
loop_
_entity.id
_entity.type
_entity.pdbx_description
1 polymer 'Glutamate receptor 1'
2 polymer 'Glutamate receptor 2'
3 polymer 'Protein cornichon homolog 2'
4 polymer 'Voltage-dependent calcium channel gamma-8 subunit'
5 non-polymer 6-nitro-2,3-bis(oxidanylidene)-1,4-dihydrobenzo[f]quinoxaline-7-sulfonamide
6 non-polymer 1,2-DIACYL-SN-GLYCERO-3-PHOSPHOCHOLINE
7 non-polymer CHOLESTEROL
#
loop_
_entity_poly.entity_id
_entity_poly.type
_entity_poly.pdbx_seq_one_letter_code
_entity_poly.pdbx_strand_id
1 'polypeptide(L)'
;MPYIFAFFCTGFLGAVVGADYKDDDDKNFPNNIQIGGLFPNQQSQEHAAFRFALSQLTEPPKLLPQIDIVNISDSFEMTY
RFCSQFSKGVYAIFGFYERRTVNMLTSFCGALHVCFITPSFPVDTSNQFVLQLRPELQEALISIIDHYKWQTFVYIYDAD
RGLSVLQRVLDTAAEKNWQVTAVNILTTTEEGYRMLFQDLEKKKERLVVVDCESERLNAILGQIVKLEKNGIGYHYILAN
LGFMDIDLNKFKESGANVTGFQLVNYTDTIPARIMQQWRTSDSRDHTRVDWKRPKYTSALTYDGVKVMAEAFQSLRRQRI
DISRRGNAGDCLANPAVPWGQGIDIQRALQQVRFEGLTGNVQFNEKGRRTNYTLHVIEMKHDGIRKIGYWNEDDKFVPAA
TDAQAGGDNSSVQNRTYIVTTILEDPYVMLKKNANQFEGNDRYEGYCVELAAEIAKHVGYSYRLEIVSDGKYGARDPDTK
AWNGMVGELVYGRADVAVAPLTITLVREEVIDFSKPFMSLGISIMIKKPQKSKPGVFSFLDPLAYEIWMCIVFAYIGVSV
VLFLVSRFSPYEWHSEEFEEGRDQTTSDQSNEFGIFNSLWFSLGAFMQQGCDISPRSLSGRIVGGVWWFFTLIIISSYTA
NLAAFLTVERMVSPIESAEDLAKQTEIAYGTLEAGSTKEFFRRSKIAVFEKMWTYMKSAEPSVFVRTTEEGMIRVRKSKG
KYAYLLESTMNEYIEQRKPCDTMKVGGNLDSKGYGIATPKGSALRGPVNLAVLKLSEQGVLDKLKSKWWYDKGECGSKDS
GSKDKTSALSLSNVAGVFYILIGGLGLAMLVALIEFCYKSRSESKRMKGFCLIPQQSINEAIRTSTLPRNSGAGASGGGG
SGENGRVVSQDFPKSMQSIPCMSHSSGMPLGATGL
;
A,C
2 'polypeptide(L)'
;MQKIMHISVLLSPVLWGLIFGVSSNSIQIGGLFPRGADQEYSAFRVGMVQFSTSEFRLTPHIDNLEVANSFAVTNAFCSQ
FSRGVYAIFGFYDKKSVNTITSFCGTLHVSFITPSFPTDGTHPFVIQMRPDLKGALLSLIEYYQWDKFAYLYDSDRGLST
LQAVLDSAAEKKWQVTAINVGNINNDKKDETYRSLFQDLELKKERRVILDCERDKVNDIVDQVITIGKHVKGYHYIIANL
GFTDGDLLKIQFGGANVSGFQIVDYDDSLVSKFIERWSTLEEKEYPGAHTATIKYTSALTYDAVQVMTEAFRNLRKQRIE
ISRRGNAGDCLANPAVPWGQGVEIERALKQVQVEGLSGNIKFDQNGKRINYTINIMELKTNGPRKIGYWSEVDKMVVTLT
ELPSGNDTSGLENKTVVVTTILESPYVMMKKNHEMLEGNERYEGYCVDLAAEIAKHCGFKYKLTIVGDGKYGARDADTKI
WNGMVGELVYGKADIAIAPLTITLVREEVIDFSKPFMSLGISIMIKKPQKSKPGVFSFLDPLAYEIWMCIVFAYIGVSVV
LFLVSRFSPYEWHTEEFEDGRETQSSESTNEFGIFNSLWFSLGAFMRQGCDISPRSLSGRIVGGVWWFFTLIIISSYTAN
LAAFLTVERMVSPIESAEDLSKQTEIAYGTLDSGSTKEFFRRSKIAVFDKMWTYMRSAEPSVFVRTTAEGVARVRKSKGK
YAYLLESTMNEYIEQRKPCDTMKVGGNLDSKGYGIATPKGSSLGTPVNLAVLKLSEQGVLDKLKNKWWYDKGECGAKDSG
SKEKTSALSLSNVAGVFYILVGGLGLAMLVALIEFCYKSRAEAKRMKVAKNPQNINPSSS
;
B,D
3 'polypeptide(L)'
;MAFTFAAFCYMLTLVLCASLIFFVIWHIIAFDELRTDFKNPIDQGNPARARERLKNIERICCLLRKLVVPEYSIHGLFCL
MFLCAAEWVTLGLNIPLLFYHLWRYFHRPADGSEVMYDAVSIMNADILNYCQKESWCKLAFYLLSFFYYLYSMVYTLVSF
ENLYFQSGGSTETSQVAPAYPYDVPDYA
;
G,E
4 'polypeptide(L)'
;ESLKRWNEERGLWCEKGVQVLLTTIGAFAAFGLMTIAISTDYWLYTRALICNTTNLTAGDDGPPHRGGSGSSEKKDPGGL
THSGLWRICCLEGLKRGVCVKINHFPEDTDYDHDSAEYLLRVVRASSIFPILSAILLLLGGVCVAASRVYKSKRNIILGA
GILFVAAGLSNIIGVIVYISANAGEPGPKRDEEKKNHYSYGWSFYFGGLSFILAEVIGVLAVNIYIERSREAHCQSRSDL
LKAGGGAGGSGGSGPSAILRLPSYRFRYRRRSRSSSRGSSEASPSRDASPGGPGGPGFASTDISMYTLSRDPSKGSVAAG
LASAGGGGGGAGVGAYGGAAGAAGGGGTGSERDRGSSAGFLTLHNAFPKEAASGVTVTVTGPPAAPAPAPPAPAAPAPGT
LSKEAAASNTNTLNRKLEVLFQ
;
I,J
#
# COMPACT_ATOMS: atom_id res chain seq x y z
N GLN A 413 -69.75 34.10 -18.19
CA GLN A 413 -68.32 34.06 -17.88
C GLN A 413 -67.86 32.63 -17.64
N ASN A 414 -66.77 32.24 -18.29
CA ASN A 414 -66.23 30.91 -18.09
C ASN A 414 -65.94 30.69 -16.61
N ARG A 415 -66.43 29.57 -16.08
CA ARG A 415 -66.34 29.33 -14.65
C ARG A 415 -64.89 29.15 -14.22
N THR A 416 -64.56 29.73 -13.07
CA THR A 416 -63.24 29.51 -12.49
C THR A 416 -63.07 28.04 -12.17
N TYR A 417 -61.92 27.48 -12.56
CA TYR A 417 -61.64 26.08 -12.31
C TYR A 417 -60.90 25.94 -10.99
N ILE A 418 -61.38 25.02 -10.15
CA ILE A 418 -60.86 24.85 -8.80
C ILE A 418 -59.65 23.93 -8.85
N VAL A 419 -58.54 24.41 -8.31
CA VAL A 419 -57.28 23.69 -8.31
C VAL A 419 -56.96 23.22 -6.91
N THR A 420 -56.62 21.94 -6.79
CA THR A 420 -56.17 21.37 -5.52
C THR A 420 -54.66 21.25 -5.51
N THR A 421 -54.07 21.44 -4.35
CA THR A 421 -52.63 21.34 -4.17
C THR A 421 -52.37 20.83 -2.76
N ILE A 422 -51.13 20.97 -2.31
CA ILE A 422 -50.74 20.54 -0.97
C ILE A 422 -49.49 21.30 -0.59
N LEU A 423 -49.27 21.46 0.72
CA LEU A 423 -48.09 22.16 1.22
C LEU A 423 -46.92 21.21 1.25
N GLU A 424 -45.94 21.45 0.39
CA GLU A 424 -44.72 20.65 0.37
C GLU A 424 -43.65 21.51 -0.30
N ASP A 425 -42.73 22.03 0.49
CA ASP A 425 -41.70 22.90 -0.06
C ASP A 425 -40.85 22.11 -1.06
N PRO A 426 -40.50 22.71 -2.21
CA PRO A 426 -40.84 24.04 -2.74
C PRO A 426 -42.07 24.07 -3.64
N TYR A 427 -42.78 22.95 -3.76
CA TYR A 427 -43.85 22.87 -4.74
C TYR A 427 -44.93 23.90 -4.46
N VAL A 428 -45.34 24.04 -3.20
CA VAL A 428 -46.29 25.07 -2.81
C VAL A 428 -45.93 25.54 -1.41
N MET A 429 -45.82 26.85 -1.24
CA MET A 429 -45.48 27.44 0.04
C MET A 429 -46.29 28.72 0.21
N LEU A 430 -46.36 29.18 1.46
CA LEU A 430 -47.05 30.41 1.80
C LEU A 430 -46.08 31.58 1.75
N LYS A 431 -46.43 32.61 0.99
CA LYS A 431 -45.53 33.73 0.80
C LYS A 431 -45.33 34.48 2.11
N LYS A 432 -44.18 35.14 2.23
CA LYS A 432 -43.91 35.94 3.41
C LYS A 432 -45.02 36.97 3.61
N ASN A 433 -45.45 37.11 4.86
CA ASN A 433 -46.58 37.97 5.20
C ASN A 433 -47.84 37.49 4.48
N ALA A 434 -48.27 36.27 4.86
CA ALA A 434 -49.43 35.67 4.24
C ALA A 434 -50.68 36.53 4.42
N ASN A 435 -50.88 37.05 5.63
CA ASN A 435 -52.06 37.86 5.89
C ASN A 435 -52.12 39.08 4.98
N GLN A 436 -50.98 39.57 4.52
CA GLN A 436 -50.96 40.75 3.66
C GLN A 436 -51.68 40.49 2.35
N PHE A 437 -51.45 39.33 1.74
CA PHE A 437 -52.01 38.99 0.43
C PHE A 437 -53.15 37.98 0.59
N GLU A 438 -54.09 38.03 -0.34
CA GLU A 438 -55.27 37.17 -0.32
C GLU A 438 -55.43 36.47 -1.66
N GLY A 439 -55.95 35.25 -1.61
CA GLY A 439 -56.22 34.48 -2.81
C GLY A 439 -55.05 33.65 -3.27
N ASN A 440 -54.79 33.63 -4.58
CA ASN A 440 -53.62 32.93 -5.10
C ASN A 440 -52.32 33.71 -4.86
N ASP A 441 -52.42 35.03 -4.70
CA ASP A 441 -51.21 35.84 -4.57
C ASP A 441 -50.39 35.50 -3.33
N ARG A 442 -51.00 34.82 -2.35
CA ARG A 442 -50.29 34.44 -1.14
C ARG A 442 -49.46 33.18 -1.30
N TYR A 443 -49.67 32.43 -2.37
CA TYR A 443 -48.99 31.16 -2.60
C TYR A 443 -47.82 31.38 -3.56
N GLU A 444 -46.65 30.83 -3.21
CA GLU A 444 -45.47 30.91 -4.04
C GLU A 444 -44.84 29.53 -4.13
N GLY A 445 -44.45 29.13 -5.33
CA GLY A 445 -43.75 27.87 -5.49
C GLY A 445 -43.77 27.39 -6.92
N TYR A 446 -43.09 26.27 -7.13
CA TYR A 446 -42.96 25.66 -8.44
C TYR A 446 -44.33 25.36 -9.04
N CYS A 447 -45.17 24.67 -8.29
CA CYS A 447 -46.47 24.27 -8.81
C CYS A 447 -47.35 25.46 -9.13
N VAL A 448 -47.18 26.57 -8.40
CA VAL A 448 -48.01 27.74 -8.64
C VAL A 448 -47.70 28.33 -10.01
N GLU A 449 -46.42 28.52 -10.31
CA GLU A 449 -46.04 29.05 -11.62
C GLU A 449 -46.36 28.05 -12.73
N LEU A 450 -46.26 26.75 -12.44
CA LEU A 450 -46.65 25.75 -13.41
C LEU A 450 -48.13 25.87 -13.75
N ALA A 451 -48.97 26.03 -12.73
CA ALA A 451 -50.39 26.19 -12.96
C ALA A 451 -50.67 27.48 -13.72
N ALA A 452 -49.95 28.54 -13.39
CA ALA A 452 -50.10 29.79 -14.13
C ALA A 452 -49.86 29.57 -15.62
N GLU A 453 -48.73 28.94 -15.95
CA GLU A 453 -48.40 28.73 -17.35
C GLU A 453 -49.43 27.82 -18.02
N ILE A 454 -49.85 26.77 -17.33
CA ILE A 454 -50.79 25.82 -17.92
C ILE A 454 -52.11 26.49 -18.22
N ALA A 455 -52.62 27.28 -17.26
CA ALA A 455 -53.87 27.98 -17.48
C ALA A 455 -53.72 29.05 -18.55
N LYS A 456 -52.55 29.67 -18.65
CA LYS A 456 -52.31 30.64 -19.70
C LYS A 456 -52.40 29.99 -21.08
N HIS A 457 -51.83 28.80 -21.23
CA HIS A 457 -51.86 28.13 -22.52
C HIS A 457 -53.25 27.58 -22.83
N VAL A 458 -53.90 26.99 -21.82
CA VAL A 458 -55.28 26.54 -22.01
C VAL A 458 -56.22 27.72 -22.12
N GLY A 459 -56.02 28.74 -21.27
CA GLY A 459 -56.84 29.94 -21.34
C GLY A 459 -58.05 29.90 -20.43
N TYR A 460 -57.83 29.61 -19.14
CA TYR A 460 -58.90 29.57 -18.16
C TYR A 460 -58.42 30.19 -16.86
N SER A 461 -59.36 30.74 -16.10
CA SER A 461 -59.06 31.31 -14.78
C SER A 461 -59.18 30.23 -13.72
N TYR A 462 -58.32 30.30 -12.71
CA TYR A 462 -58.24 29.28 -11.69
C TYR A 462 -58.20 29.90 -10.31
N ARG A 463 -58.74 29.15 -9.35
CA ARG A 463 -58.71 29.50 -7.93
C ARG A 463 -58.06 28.34 -7.18
N LEU A 464 -57.01 28.64 -6.42
CA LEU A 464 -56.31 27.60 -5.70
C LEU A 464 -57.00 27.30 -4.37
N GLU A 465 -56.59 26.19 -3.78
CA GLU A 465 -56.99 25.77 -2.45
C GLU A 465 -56.03 24.67 -2.02
N ILE A 466 -56.35 24.00 -0.92
CA ILE A 466 -55.49 22.95 -0.38
C ILE A 466 -56.36 21.82 0.12
N VAL A 467 -55.90 20.58 -0.07
CA VAL A 467 -56.61 19.42 0.44
C VAL A 467 -56.61 19.48 1.96
N SER A 468 -57.81 19.52 2.56
CA SER A 468 -57.90 19.61 4.01
C SER A 468 -57.22 18.44 4.68
N ASP A 469 -57.41 17.24 4.15
CA ASP A 469 -56.75 16.06 4.69
C ASP A 469 -55.23 16.19 4.63
N GLY A 470 -54.71 17.05 3.75
CA GLY A 470 -53.28 17.23 3.64
C GLY A 470 -52.52 15.97 3.31
N LYS A 471 -53.18 15.01 2.67
CA LYS A 471 -52.55 13.75 2.29
C LYS A 471 -52.83 13.47 0.82
N TYR A 472 -51.86 12.85 0.16
CA TYR A 472 -52.06 12.47 -1.23
C TYR A 472 -53.05 11.32 -1.32
N GLY A 473 -53.63 11.17 -2.51
CA GLY A 473 -54.74 10.26 -2.66
C GLY A 473 -54.39 8.84 -2.25
N ALA A 474 -55.37 8.17 -1.63
CA ALA A 474 -55.24 6.77 -1.26
C ALA A 474 -56.60 6.28 -0.79
N ARG A 475 -56.90 5.02 -1.12
CA ARG A 475 -58.20 4.43 -0.82
C ARG A 475 -58.14 3.67 0.49
N ASP A 476 -59.25 3.69 1.21
CA ASP A 476 -59.39 2.85 2.40
C ASP A 476 -59.62 1.40 1.94
N PRO A 477 -58.82 0.44 2.42
CA PRO A 477 -58.96 -0.93 1.89
C PRO A 477 -60.35 -1.50 2.05
N ASP A 478 -61.03 -1.20 3.16
CA ASP A 478 -62.37 -1.71 3.41
C ASP A 478 -63.45 -0.71 2.99
N THR A 479 -63.32 0.55 3.39
CA THR A 479 -64.32 1.55 3.06
C THR A 479 -64.37 1.86 1.57
N LYS A 480 -63.29 1.55 0.83
CA LYS A 480 -63.22 1.81 -0.60
C LYS A 480 -63.42 3.27 -0.94
N ALA A 481 -62.89 4.16 -0.10
CA ALA A 481 -63.03 5.60 -0.27
C ALA A 481 -61.65 6.24 -0.33
N TRP A 482 -61.48 7.18 -1.26
CA TRP A 482 -60.21 7.85 -1.46
C TRP A 482 -60.00 8.94 -0.41
N ASN A 483 -58.78 9.05 0.09
CA ASN A 483 -58.41 10.00 1.13
C ASN A 483 -57.31 10.92 0.59
N GLY A 484 -57.72 12.01 -0.04
CA GLY A 484 -56.79 13.02 -0.49
C GLY A 484 -57.23 13.59 -1.83
N MET A 485 -56.33 14.40 -2.40
CA MET A 485 -56.66 15.16 -3.60
C MET A 485 -57.33 14.30 -4.66
N VAL A 486 -56.97 13.02 -4.75
CA VAL A 486 -57.70 12.12 -5.63
C VAL A 486 -59.17 12.12 -5.28
N GLY A 487 -59.48 12.13 -3.99
CA GLY A 487 -60.87 12.22 -3.57
C GLY A 487 -61.52 13.53 -4.00
N GLU A 488 -60.81 14.64 -3.80
CA GLU A 488 -61.31 15.93 -4.23
C GLU A 488 -61.49 16.02 -5.73
N LEU A 489 -60.88 15.11 -6.48
CA LEU A 489 -61.04 15.07 -7.93
C LEU A 489 -62.19 14.18 -8.38
N VAL A 490 -62.16 12.91 -7.97
CA VAL A 490 -63.12 11.93 -8.46
C VAL A 490 -64.51 12.12 -7.87
N TYR A 491 -64.64 12.88 -6.79
CA TYR A 491 -65.93 13.17 -6.20
C TYR A 491 -66.49 14.51 -6.66
N GLY A 492 -65.88 15.13 -7.66
CA GLY A 492 -66.39 16.36 -8.25
C GLY A 492 -66.03 17.61 -7.51
N ARG A 493 -65.33 17.51 -6.37
CA ARG A 493 -64.99 18.68 -5.59
C ARG A 493 -64.04 19.59 -6.36
N ALA A 494 -63.08 19.01 -7.06
CA ALA A 494 -62.03 19.76 -7.75
C ALA A 494 -62.00 19.40 -9.23
N ASP A 495 -61.55 20.36 -10.03
CA ASP A 495 -61.51 20.20 -11.48
C ASP A 495 -60.13 19.83 -12.01
N VAL A 496 -59.08 20.03 -11.22
CA VAL A 496 -57.72 19.69 -11.64
C VAL A 496 -56.84 19.71 -10.40
N ALA A 497 -55.77 18.92 -10.44
CA ALA A 497 -54.81 18.84 -9.35
C ALA A 497 -53.42 19.13 -9.90
N VAL A 498 -52.75 20.09 -9.30
CA VAL A 498 -51.41 20.50 -9.72
C VAL A 498 -50.52 20.36 -8.50
N ALA A 499 -49.90 19.20 -8.36
CA ALA A 499 -49.08 18.90 -7.20
C ALA A 499 -48.21 17.71 -7.51
N PRO A 500 -47.29 17.36 -6.63
CA PRO A 500 -46.43 16.21 -6.87
C PRO A 500 -47.16 14.88 -6.74
N LEU A 501 -48.12 14.63 -7.63
CA LEU A 501 -48.84 13.37 -7.64
C LEU A 501 -48.03 12.30 -8.32
N THR A 502 -47.56 11.33 -7.54
CA THR A 502 -46.89 10.18 -8.10
C THR A 502 -47.86 9.41 -8.98
N ILE A 503 -47.38 8.98 -10.14
CA ILE A 503 -48.21 8.24 -11.08
C ILE A 503 -48.18 6.77 -10.70
N THR A 504 -49.36 6.20 -10.47
CA THR A 504 -49.49 4.82 -10.04
C THR A 504 -50.66 4.18 -10.75
N LEU A 505 -50.70 2.85 -10.71
CA LEU A 505 -51.77 2.11 -11.37
C LEU A 505 -53.11 2.33 -10.69
N VAL A 506 -53.13 2.31 -9.36
CA VAL A 506 -54.39 2.45 -8.63
C VAL A 506 -55.07 3.77 -8.97
N ARG A 507 -54.29 4.85 -9.06
CA ARG A 507 -54.86 6.15 -9.36
C ARG A 507 -55.19 6.31 -10.84
N GLU A 508 -54.38 5.73 -11.72
CA GLU A 508 -54.58 5.92 -13.15
C GLU A 508 -55.87 5.29 -13.63
N GLU A 509 -56.44 4.37 -12.85
CA GLU A 509 -57.71 3.75 -13.22
C GLU A 509 -58.88 4.71 -12.99
N VAL A 510 -58.83 5.47 -11.90
CA VAL A 510 -59.91 6.37 -11.52
C VAL A 510 -59.56 7.82 -11.77
N ILE A 511 -58.45 8.10 -12.44
CA ILE A 511 -58.01 9.47 -12.67
C ILE A 511 -57.27 9.52 -14.00
N ASP A 512 -57.38 10.66 -14.68
CA ASP A 512 -56.71 10.90 -15.95
C ASP A 512 -55.52 11.82 -15.69
N PHE A 513 -54.33 11.25 -15.69
CA PHE A 513 -53.09 11.99 -15.47
C PHE A 513 -52.66 12.69 -16.74
N SER A 514 -51.47 13.29 -16.68
CA SER A 514 -50.80 13.89 -17.81
C SER A 514 -49.40 13.32 -17.91
N LYS A 515 -48.77 13.53 -19.06
CA LYS A 515 -47.41 13.06 -19.21
C LYS A 515 -46.53 13.71 -18.16
N PRO A 516 -45.64 12.97 -17.52
CA PRO A 516 -44.91 13.51 -16.36
C PRO A 516 -44.18 14.79 -16.71
N PHE A 517 -44.42 15.82 -15.88
CA PHE A 517 -43.69 17.07 -15.97
C PHE A 517 -42.39 17.03 -15.19
N MET A 518 -42.20 16.00 -14.37
CA MET A 518 -40.96 15.83 -13.62
C MET A 518 -40.72 14.34 -13.45
N SER A 519 -39.69 13.84 -14.10
CA SER A 519 -39.25 12.47 -13.83
C SER A 519 -38.43 12.45 -12.55
N LEU A 520 -38.35 11.26 -11.96
CA LEU A 520 -38.00 11.17 -10.55
C LEU A 520 -37.56 9.75 -10.25
N GLY A 521 -36.98 9.57 -9.08
CA GLY A 521 -36.58 8.24 -8.65
C GLY A 521 -36.08 8.24 -7.23
N ILE A 522 -35.85 7.04 -6.73
CA ILE A 522 -35.29 6.84 -5.41
C ILE A 522 -33.79 7.08 -5.46
N SER A 523 -33.24 7.68 -4.41
CA SER A 523 -31.85 8.10 -4.40
C SER A 523 -31.32 8.04 -2.98
N ILE A 524 -30.01 8.18 -2.87
CA ILE A 524 -29.27 7.96 -1.63
C ILE A 524 -28.79 9.31 -1.10
N MET A 525 -29.06 9.54 0.18
CA MET A 525 -28.71 10.76 0.89
C MET A 525 -27.73 10.40 1.99
N ILE A 526 -26.62 11.14 2.06
CA ILE A 526 -25.55 10.87 3.01
C ILE A 526 -25.11 12.17 3.66
N LYS A 527 -24.37 12.03 4.75
CA LYS A 527 -23.76 13.19 5.40
C LYS A 527 -22.69 13.78 4.49
N LYS A 528 -22.72 15.08 4.32
CA LYS A 528 -21.74 15.73 3.48
C LYS A 528 -20.36 15.59 4.11
N PRO A 529 -19.37 14.99 3.43
CA PRO A 529 -18.05 14.84 4.05
C PRO A 529 -17.40 16.20 4.27
N GLN A 530 -17.20 16.53 5.54
CA GLN A 530 -16.49 17.76 5.88
C GLN A 530 -15.05 17.68 5.37
N LYS A 531 -14.57 18.79 4.82
CA LYS A 531 -13.21 18.82 4.32
C LYS A 531 -12.25 18.80 5.51
N SER A 532 -11.82 17.60 5.91
CA SER A 532 -10.98 17.47 7.09
C SER A 532 -9.75 18.35 6.96
N LYS A 533 -9.65 19.37 7.80
CA LYS A 533 -8.50 20.26 7.77
C LYS A 533 -7.35 19.57 8.49
N PRO A 534 -6.28 19.20 7.80
CA PRO A 534 -5.17 18.53 8.49
C PRO A 534 -4.60 19.42 9.57
N GLY A 535 -4.32 18.82 10.71
CA GLY A 535 -3.77 19.59 11.81
C GLY A 535 -2.31 19.92 11.59
N VAL A 536 -1.91 21.09 12.10
CA VAL A 536 -0.50 21.36 12.24
C VAL A 536 0.06 20.40 13.29
N PHE A 537 1.20 19.79 12.98
CA PHE A 537 1.74 18.69 13.77
C PHE A 537 0.94 17.43 13.51
N SER A 538 0.37 17.31 12.31
CA SER A 538 -0.12 16.04 11.82
C SER A 538 0.99 15.18 11.25
N PHE A 539 2.15 15.78 11.00
CA PHE A 539 3.32 15.03 10.57
C PHE A 539 3.89 14.15 11.67
N LEU A 540 3.42 14.32 12.91
CA LEU A 540 3.80 13.46 14.01
C LEU A 540 2.86 12.28 14.20
N ASP A 541 1.79 12.20 13.42
CA ASP A 541 0.74 11.22 13.61
C ASP A 541 1.22 9.78 13.38
N PRO A 542 2.20 9.56 12.51
CA PRO A 542 2.67 8.17 12.30
C PRO A 542 3.16 7.51 13.58
N LEU A 543 3.70 8.27 14.51
CA LEU A 543 4.19 7.74 15.77
C LEU A 543 3.41 8.35 16.92
N ALA A 544 3.10 7.54 17.92
CA ALA A 544 2.33 7.99 19.05
C ALA A 544 3.11 8.99 19.90
N TYR A 545 2.36 9.76 20.68
CA TYR A 545 2.95 10.78 21.55
C TYR A 545 3.98 10.17 22.48
N GLU A 546 3.71 8.96 22.98
CA GLU A 546 4.62 8.32 23.93
C GLU A 546 5.97 8.05 23.29
N ILE A 547 5.97 7.67 22.01
CA ILE A 547 7.23 7.37 21.33
C ILE A 547 8.08 8.62 21.24
N TRP A 548 7.48 9.76 20.88
CA TRP A 548 8.24 11.00 20.82
C TRP A 548 8.78 11.38 22.19
N MET A 549 7.94 11.26 23.22
CA MET A 549 8.37 11.55 24.59
C MET A 549 9.59 10.72 24.95
N CYS A 550 9.51 9.41 24.76
CA CYS A 550 10.60 8.53 25.13
C CYS A 550 11.80 8.70 24.22
N ILE A 551 11.60 9.18 22.99
CA ILE A 551 12.71 9.52 22.12
C ILE A 551 13.51 10.66 22.74
N VAL A 552 12.80 11.68 23.23
CA VAL A 552 13.48 12.80 23.89
C VAL A 552 14.24 12.31 25.12
N PHE A 553 13.58 11.48 25.93
CA PHE A 553 14.22 10.96 27.13
C PHE A 553 15.47 10.16 26.79
N ALA A 554 15.38 9.30 25.79
CA ALA A 554 16.52 8.49 25.38
C ALA A 554 17.64 9.35 24.79
N TYR A 555 17.29 10.41 24.07
CA TYR A 555 18.29 11.34 23.59
C TYR A 555 19.09 11.93 24.74
N ILE A 556 18.38 12.39 25.76
CA ILE A 556 19.05 12.99 26.91
C ILE A 556 19.94 11.97 27.60
N GLY A 557 19.42 10.77 27.82
CA GLY A 557 20.20 9.74 28.48
C GLY A 557 21.42 9.33 27.68
N VAL A 558 21.27 9.18 26.37
CA VAL A 558 22.39 8.82 25.52
C VAL A 558 23.46 9.89 25.57
N SER A 559 23.06 11.15 25.46
CA SER A 559 24.03 12.23 25.49
C SER A 559 24.78 12.27 26.82
N VAL A 560 24.06 12.10 27.93
CA VAL A 560 24.71 12.14 29.23
C VAL A 560 25.67 10.95 29.39
N VAL A 561 25.25 9.77 28.97
CA VAL A 561 26.11 8.60 29.13
C VAL A 561 27.35 8.73 28.26
N LEU A 562 27.20 9.29 27.06
CA LEU A 562 28.34 9.54 26.20
C LEU A 562 29.30 10.52 26.85
N PHE A 563 28.80 11.66 27.30
CA PHE A 563 29.62 12.64 28.00
C PHE A 563 30.37 11.99 29.15
N LEU A 564 29.65 11.25 29.99
CA LEU A 564 30.25 10.57 31.12
C LEU A 564 31.37 9.64 30.68
N VAL A 565 31.03 8.59 29.93
CA VAL A 565 32.01 7.59 29.52
C VAL A 565 33.11 8.16 28.64
N SER A 566 33.04 9.44 28.26
CA SER A 566 34.12 10.07 27.52
C SER A 566 34.98 11.01 28.35
N ARG A 567 34.48 11.48 29.49
CA ARG A 567 35.13 12.55 30.25
C ARG A 567 35.14 12.23 31.73
N PHE A 568 35.55 11.02 32.09
CA PHE A 568 35.58 10.62 33.49
C PHE A 568 36.95 10.14 33.88
N SER A 569 37.60 9.41 32.97
CA SER A 569 38.85 8.73 33.26
C SER A 569 40.01 9.71 33.06
N PRO A 570 40.75 10.03 34.10
CA PRO A 570 41.91 10.90 33.92
C PRO A 570 43.04 10.17 33.21
N TYR A 571 42.82 9.85 31.94
CA TYR A 571 43.79 9.13 31.14
C TYR A 571 44.71 10.11 30.41
N SER A 590 43.13 14.33 24.15
CA SER A 590 41.92 14.54 24.94
C SER A 590 40.68 14.06 24.18
N ASN A 591 39.51 14.44 24.69
CA ASN A 591 38.24 14.10 24.07
C ASN A 591 37.42 15.37 23.89
N GLU A 592 36.80 15.49 22.72
CA GLU A 592 35.95 16.64 22.40
C GLU A 592 34.51 16.40 22.80
N PHE A 593 34.23 15.35 23.57
CA PHE A 593 32.85 14.98 23.92
C PHE A 593 32.52 15.51 25.31
N GLY A 594 32.22 16.81 25.35
CA GLY A 594 31.58 17.39 26.50
C GLY A 594 30.10 17.08 26.47
N ILE A 595 29.34 17.88 27.22
CA ILE A 595 27.90 17.68 27.26
C ILE A 595 27.20 18.41 26.12
N PHE A 596 27.77 19.50 25.63
CA PHE A 596 27.19 20.21 24.50
C PHE A 596 27.41 19.44 23.21
N ASN A 597 28.63 18.94 23.01
CA ASN A 597 28.95 18.22 21.79
C ASN A 597 28.39 16.80 21.81
N SER A 598 28.22 16.21 22.98
CA SER A 598 27.51 14.94 23.06
C SER A 598 26.08 15.10 22.59
N LEU A 599 25.41 16.15 23.04
CA LEU A 599 24.06 16.44 22.56
C LEU A 599 24.04 16.68 21.06
N TRP A 600 25.02 17.44 20.55
CA TRP A 600 25.10 17.69 19.12
C TRP A 600 25.27 16.39 18.33
N PHE A 601 26.18 15.53 18.78
CA PHE A 601 26.43 14.27 18.09
C PHE A 601 25.19 13.39 18.10
N SER A 602 24.53 13.29 19.26
CA SER A 602 23.33 12.48 19.35
C SER A 602 22.24 12.99 18.42
N LEU A 603 22.03 14.30 18.41
CA LEU A 603 21.03 14.88 17.54
C LEU A 603 21.33 14.61 16.07
N GLY A 604 22.58 14.86 15.65
CA GLY A 604 22.95 14.58 14.28
C GLY A 604 22.82 13.11 13.93
N ALA A 605 23.09 12.23 14.88
CA ALA A 605 22.90 10.81 14.65
C ALA A 605 21.42 10.49 14.41
N PHE A 606 20.54 11.08 15.22
CA PHE A 606 19.12 10.79 15.06
C PHE A 606 18.61 11.19 13.69
N MET A 607 19.18 12.23 13.10
CA MET A 607 18.75 12.73 11.80
C MET A 607 19.52 12.13 10.65
N GLN A 608 20.39 11.14 10.91
CA GLN A 608 21.15 10.47 9.86
C GLN A 608 22.01 11.46 9.09
N GLN A 609 22.59 12.41 9.80
CA GLN A 609 23.47 13.42 9.21
C GLN A 609 24.94 13.20 9.53
N GLY A 610 25.26 12.88 10.79
CA GLY A 610 26.63 12.79 11.21
C GLY A 610 27.25 14.16 11.39
N CYS A 611 28.27 14.25 12.25
CA CYS A 611 28.90 15.53 12.54
C CYS A 611 30.41 15.32 12.41
N ASP A 612 31.17 16.34 12.81
CA ASP A 612 32.62 16.28 12.66
C ASP A 612 33.23 15.24 13.58
N ILE A 613 32.85 15.24 14.85
CA ILE A 613 33.47 14.35 15.81
C ILE A 613 32.82 12.97 15.74
N SER A 614 33.55 11.97 16.22
CA SER A 614 33.04 10.63 16.37
C SER A 614 33.80 9.96 17.51
N PRO A 615 33.16 9.08 18.27
CA PRO A 615 33.85 8.44 19.39
C PRO A 615 35.03 7.60 18.95
N ARG A 616 36.00 7.47 19.85
CA ARG A 616 37.16 6.62 19.64
C ARG A 616 37.32 5.53 20.68
N SER A 617 36.61 5.61 21.80
CA SER A 617 36.69 4.64 22.86
C SER A 617 35.68 3.51 22.63
N LEU A 618 35.85 2.43 23.40
CA LEU A 618 34.96 1.29 23.29
C LEU A 618 33.57 1.63 23.82
N SER A 619 33.51 2.28 24.98
CA SER A 619 32.22 2.62 25.57
C SER A 619 31.46 3.63 24.73
N GLY A 620 32.15 4.69 24.29
CA GLY A 620 31.51 5.66 23.44
C GLY A 620 30.99 5.07 22.15
N ARG A 621 31.73 4.12 21.60
CA ARG A 621 31.30 3.48 20.36
C ARG A 621 30.13 2.53 20.58
N ILE A 622 30.08 1.85 21.73
CA ILE A 622 28.89 1.07 22.07
C ILE A 622 27.67 1.98 22.12
N VAL A 623 27.80 3.12 22.81
CA VAL A 623 26.69 4.06 22.92
C VAL A 623 26.25 4.53 21.55
N GLY A 624 27.22 4.96 20.73
CA GLY A 624 26.89 5.44 19.41
C GLY A 624 26.24 4.38 18.54
N GLY A 625 26.71 3.13 18.65
CA GLY A 625 26.13 2.07 17.86
C GLY A 625 24.68 1.79 18.22
N VAL A 626 24.38 1.69 19.52
CA VAL A 626 23.00 1.43 19.90
C VAL A 626 22.10 2.61 19.53
N TRP A 627 22.61 3.84 19.69
CA TRP A 627 21.83 5.00 19.27
C TRP A 627 21.58 4.98 17.77
N TRP A 628 22.58 4.57 16.99
CA TRP A 628 22.43 4.48 15.54
C TRP A 628 21.37 3.45 15.15
N PHE A 629 21.41 2.28 15.80
CA PHE A 629 20.40 1.25 15.55
C PHE A 629 19.00 1.78 15.87
N PHE A 630 18.85 2.40 17.03
CA PHE A 630 17.58 2.99 17.42
C PHE A 630 17.09 3.99 16.39
N THR A 631 17.97 4.89 15.97
CA THR A 631 17.61 5.88 14.95
C THR A 631 17.14 5.22 13.67
N LEU A 632 17.89 4.22 13.21
CA LEU A 632 17.53 3.55 11.98
C LEU A 632 16.14 2.96 12.06
N ILE A 633 15.87 2.21 13.13
CA ILE A 633 14.56 1.58 13.29
C ILE A 633 13.47 2.62 13.34
N ILE A 634 13.68 3.69 14.10
CA ILE A 634 12.63 4.68 14.31
C ILE A 634 12.32 5.43 13.02
N ILE A 635 13.35 5.85 12.29
CA ILE A 635 13.11 6.58 11.04
C ILE A 635 12.45 5.70 10.02
N SER A 636 12.89 4.43 9.91
CA SER A 636 12.26 3.52 8.97
C SER A 636 10.79 3.31 9.33
N SER A 637 10.50 3.15 10.62
CA SER A 637 9.12 2.97 11.06
C SER A 637 8.27 4.19 10.73
N TYR A 638 8.80 5.39 10.96
CA TYR A 638 8.06 6.60 10.65
C TYR A 638 7.72 6.64 9.16
N THR A 639 8.72 6.44 8.31
CA THR A 639 8.47 6.49 6.87
C THR A 639 7.46 5.44 6.45
N ALA A 640 7.60 4.23 6.97
CA ALA A 640 6.73 3.14 6.58
C ALA A 640 5.28 3.38 7.00
N ASN A 641 5.08 3.82 8.25
CA ASN A 641 3.72 4.06 8.71
C ASN A 641 3.10 5.25 8.03
N LEU A 642 3.89 6.26 7.67
CA LEU A 642 3.35 7.36 6.88
C LEU A 642 2.92 6.89 5.51
N ALA A 643 3.72 6.01 4.89
CA ALA A 643 3.32 5.45 3.60
C ALA A 643 2.03 4.66 3.75
N ALA A 644 1.90 3.89 4.83
CA ALA A 644 0.66 3.17 5.09
C ALA A 644 -0.52 4.13 5.19
N PHE A 645 -0.36 5.21 5.97
CA PHE A 645 -1.43 6.18 6.12
C PHE A 645 -1.88 6.71 4.77
N LEU A 646 -0.93 7.19 3.97
CA LEU A 646 -1.29 7.81 2.70
C LEU A 646 -1.87 6.80 1.73
N THR A 647 -1.32 5.58 1.69
CA THR A 647 -1.84 4.56 0.80
C THR A 647 -3.28 4.23 1.15
N VAL A 648 -3.56 4.04 2.43
CA VAL A 648 -4.93 3.72 2.85
C VAL A 648 -5.86 4.89 2.54
N GLU A 649 -5.42 6.11 2.82
CA GLU A 649 -6.22 7.29 2.47
C GLU A 649 -6.43 7.40 0.98
N ARG A 650 -5.64 6.71 0.17
CA ARG A 650 -5.79 6.71 -1.28
C ARG A 650 -6.66 5.57 -1.77
N MET A 651 -6.82 4.50 -0.99
CA MET A 651 -7.70 3.41 -1.35
C MET A 651 -9.16 3.79 -1.20
N VAL A 652 -9.46 4.75 -0.33
CA VAL A 652 -10.82 4.98 0.13
C VAL A 652 -11.69 5.36 -1.06
N SER A 653 -12.62 4.47 -1.39
CA SER A 653 -13.61 4.72 -2.44
C SER A 653 -14.94 5.01 -1.76
N PRO A 654 -15.45 6.23 -1.80
CA PRO A 654 -16.70 6.52 -1.10
C PRO A 654 -17.87 5.77 -1.71
N ILE A 655 -19.06 5.91 -1.13
CA ILE A 655 -20.25 5.33 -1.72
C ILE A 655 -20.64 6.15 -2.94
N GLU A 656 -20.89 5.46 -4.04
CA GLU A 656 -21.28 6.11 -5.28
C GLU A 656 -22.41 5.40 -6.00
N SER A 657 -22.98 4.36 -5.42
CA SER A 657 -24.00 3.56 -6.08
C SER A 657 -24.70 2.69 -5.04
N ALA A 658 -25.76 2.03 -5.48
CA ALA A 658 -26.51 1.14 -4.60
C ALA A 658 -25.68 -0.08 -4.23
N GLU A 659 -24.84 -0.55 -5.14
CA GLU A 659 -24.04 -1.75 -4.87
C GLU A 659 -23.04 -1.49 -3.75
N ASP A 660 -22.33 -0.37 -3.82
CA ASP A 660 -21.35 -0.05 -2.80
C ASP A 660 -21.97 -0.03 -1.41
N LEU A 661 -23.17 0.54 -1.32
CA LEU A 661 -23.91 0.52 -0.06
C LEU A 661 -24.36 -0.89 0.29
N ALA A 662 -24.72 -1.69 -0.72
CA ALA A 662 -25.28 -3.01 -0.48
C ALA A 662 -24.27 -3.95 0.16
N LYS A 663 -23.08 -4.05 -0.44
CA LYS A 663 -22.10 -5.01 0.06
C LYS A 663 -21.60 -4.63 1.44
N GLN A 664 -21.22 -3.36 1.63
CA GLN A 664 -20.70 -2.94 2.92
C GLN A 664 -21.81 -2.95 3.97
N THR A 665 -21.39 -2.94 5.23
CA THR A 665 -22.33 -2.86 6.34
C THR A 665 -21.88 -1.91 7.44
N GLU A 666 -20.74 -1.24 7.30
CA GLU A 666 -20.30 -0.28 8.30
C GLU A 666 -21.27 0.89 8.42
N ILE A 667 -22.09 1.11 7.41
CA ILE A 667 -23.11 2.17 7.43
C ILE A 667 -24.47 1.52 7.29
N ALA A 668 -25.44 2.02 8.06
CA ALA A 668 -26.80 1.52 8.02
C ALA A 668 -27.64 2.42 7.11
N TYR A 669 -28.59 1.81 6.41
CA TYR A 669 -29.48 2.54 5.53
C TYR A 669 -30.90 2.06 5.70
N GLY A 670 -31.83 2.99 5.86
CA GLY A 670 -33.23 2.65 6.01
C GLY A 670 -34.11 3.78 5.51
N THR A 671 -35.29 3.41 5.04
CA THR A 671 -36.26 4.33 4.47
C THR A 671 -37.45 4.50 5.40
N LEU A 672 -38.46 5.22 4.92
CA LEU A 672 -39.65 5.49 5.72
C LEU A 672 -40.38 4.19 6.03
N GLU A 673 -40.97 4.14 7.22
CA GLU A 673 -41.67 2.93 7.65
C GLU A 673 -42.82 2.59 6.72
N ALA A 674 -43.65 3.59 6.39
CA ALA A 674 -44.76 3.43 5.48
C ALA A 674 -44.55 4.31 4.27
N GLY A 675 -44.58 3.72 3.08
CA GLY A 675 -44.36 4.47 1.87
C GLY A 675 -44.14 3.55 0.70
N SER A 676 -43.93 4.18 -0.46
CA SER A 676 -43.71 3.44 -1.69
C SER A 676 -42.31 2.84 -1.76
N THR A 677 -41.36 3.37 -1.00
CA THR A 677 -40.00 2.82 -1.03
C THR A 677 -39.93 1.47 -0.34
N LYS A 678 -40.56 1.34 0.82
CA LYS A 678 -40.58 0.06 1.51
C LYS A 678 -41.25 -1.00 0.65
N GLU A 679 -42.38 -0.65 0.04
CA GLU A 679 -43.06 -1.59 -0.85
C GLU A 679 -42.19 -1.93 -2.05
N PHE A 680 -41.52 -0.93 -2.62
CA PHE A 680 -40.69 -1.17 -3.79
C PHE A 680 -39.57 -2.15 -3.48
N PHE A 681 -38.95 -2.00 -2.30
CA PHE A 681 -37.87 -2.91 -1.93
C PHE A 681 -38.42 -4.30 -1.60
N ARG A 682 -39.51 -4.34 -0.83
CA ARG A 682 -40.11 -5.62 -0.46
C ARG A 682 -40.51 -6.42 -1.70
N ARG A 683 -41.18 -5.77 -2.64
CA ARG A 683 -41.70 -6.43 -3.83
C ARG A 683 -40.71 -6.43 -4.99
N SER A 684 -39.42 -6.35 -4.71
CA SER A 684 -38.41 -6.25 -5.75
C SER A 684 -37.92 -7.63 -6.18
N LYS A 685 -37.74 -7.80 -7.49
CA LYS A 685 -37.20 -9.01 -8.07
C LYS A 685 -35.75 -8.86 -8.50
N ILE A 686 -35.09 -7.76 -8.12
CA ILE A 686 -33.71 -7.49 -8.51
C ILE A 686 -32.78 -8.05 -7.44
N ALA A 687 -31.56 -8.39 -7.86
CA ALA A 687 -30.61 -9.00 -6.94
C ALA A 687 -30.17 -8.01 -5.86
N VAL A 688 -29.75 -6.82 -6.25
CA VAL A 688 -29.16 -5.89 -5.30
C VAL A 688 -30.20 -5.43 -4.29
N PHE A 689 -31.39 -5.06 -4.77
CA PHE A 689 -32.43 -4.61 -3.86
C PHE A 689 -32.99 -5.77 -3.06
N GLU A 690 -32.93 -6.99 -3.59
CA GLU A 690 -33.26 -8.16 -2.79
C GLU A 690 -32.29 -8.29 -1.62
N LYS A 691 -31.00 -8.09 -1.87
CA LYS A 691 -30.02 -8.12 -0.78
C LYS A 691 -30.28 -7.00 0.21
N MET A 692 -30.61 -5.81 -0.29
CA MET A 692 -30.95 -4.70 0.60
C MET A 692 -32.11 -5.07 1.51
N TRP A 693 -33.16 -5.65 0.93
CA TRP A 693 -34.34 -6.02 1.72
C TRP A 693 -33.98 -7.10 2.74
N THR A 694 -33.13 -8.05 2.34
CA THR A 694 -32.66 -9.05 3.28
C THR A 694 -31.96 -8.38 4.46
N TYR A 695 -31.09 -7.41 4.18
CA TYR A 695 -30.55 -6.58 5.25
C TYR A 695 -31.64 -5.77 5.92
N MET A 696 -32.57 -5.24 5.14
CA MET A 696 -33.61 -4.39 5.69
C MET A 696 -34.49 -5.17 6.66
N LYS A 697 -35.06 -4.45 7.63
CA LYS A 697 -35.84 -5.04 8.71
C LYS A 697 -34.95 -5.75 9.72
N SER A 698 -33.67 -5.38 9.76
CA SER A 698 -32.71 -5.99 10.66
C SER A 698 -32.76 -5.28 12.02
N ALA A 699 -31.78 -5.57 12.87
CA ALA A 699 -31.74 -5.01 14.23
C ALA A 699 -30.78 -3.82 14.23
N GLU A 700 -31.30 -2.68 13.81
CA GLU A 700 -30.55 -1.43 13.79
C GLU A 700 -30.41 -0.81 15.17
N PRO A 701 -31.44 -0.85 16.04
CA PRO A 701 -32.70 -1.61 15.99
C PRO A 701 -33.66 -1.23 14.87
N SER A 702 -33.76 0.07 14.55
CA SER A 702 -34.76 0.58 13.62
C SER A 702 -34.07 1.39 12.53
N VAL A 703 -33.74 0.74 11.42
CA VAL A 703 -33.30 1.48 10.24
C VAL A 703 -34.44 2.32 9.69
N PHE A 704 -35.66 1.81 9.76
CA PHE A 704 -36.83 2.53 9.28
C PHE A 704 -37.07 3.78 10.11
N VAL A 705 -38.01 4.61 9.64
CA VAL A 705 -38.35 5.87 10.27
C VAL A 705 -39.83 6.14 10.01
N ARG A 706 -40.39 7.08 10.78
CA ARG A 706 -41.79 7.45 10.65
C ARG A 706 -41.98 8.76 9.89
N THR A 707 -41.09 9.73 10.07
CA THR A 707 -41.19 11.04 9.42
C THR A 707 -39.92 11.32 8.64
N THR A 708 -40.09 11.96 7.48
CA THR A 708 -38.94 12.27 6.64
C THR A 708 -37.99 13.24 7.35
N GLU A 709 -38.53 14.26 8.01
CA GLU A 709 -37.68 15.13 8.82
C GLU A 709 -36.91 14.32 9.84
N GLU A 710 -37.53 13.27 10.38
CA GLU A 710 -36.83 12.39 11.31
C GLU A 710 -35.63 11.73 10.64
N GLY A 711 -35.80 11.26 9.40
CA GLY A 711 -34.69 10.66 8.70
C GLY A 711 -33.57 11.65 8.42
N MET A 712 -33.93 12.86 8.00
CA MET A 712 -32.92 13.88 7.74
C MET A 712 -32.14 14.20 9.01
N ILE A 713 -32.85 14.37 10.13
CA ILE A 713 -32.20 14.67 11.40
C ILE A 713 -31.30 13.51 11.81
N ARG A 714 -31.77 12.28 11.63
CA ARG A 714 -30.98 11.11 12.02
C ARG A 714 -29.70 11.03 11.21
N VAL A 715 -29.79 11.30 9.91
CA VAL A 715 -28.58 11.29 9.07
C VAL A 715 -27.64 12.41 9.50
N ARG A 716 -28.18 13.59 9.81
CA ARG A 716 -27.32 14.70 10.22
C ARG A 716 -26.62 14.40 11.53
N LYS A 717 -27.33 13.80 12.48
CA LYS A 717 -26.72 13.48 13.77
C LYS A 717 -25.67 12.39 13.62
N SER A 718 -26.01 11.32 12.90
CA SER A 718 -25.04 10.26 12.66
C SER A 718 -23.81 10.81 11.94
N LYS A 719 -22.63 10.40 12.39
CA LYS A 719 -21.37 10.87 11.82
C LYS A 719 -21.03 10.04 10.57
N GLY A 720 -21.96 10.06 9.62
CA GLY A 720 -21.81 9.25 8.43
C GLY A 720 -22.20 7.80 8.59
N LYS A 721 -22.82 7.45 9.70
CA LYS A 721 -23.19 6.06 9.99
C LYS A 721 -24.60 5.71 9.51
N TYR A 722 -25.33 6.67 8.95
CA TYR A 722 -26.66 6.42 8.41
C TYR A 722 -26.78 7.01 7.02
N ALA A 723 -27.46 6.28 6.14
CA ALA A 723 -27.77 6.74 4.79
C ALA A 723 -29.26 6.60 4.56
N TYR A 724 -29.88 7.66 4.06
CA TYR A 724 -31.32 7.68 3.85
C TYR A 724 -31.66 7.42 2.39
N LEU A 725 -32.78 6.76 2.15
CA LEU A 725 -33.28 6.51 0.81
C LEU A 725 -34.56 7.31 0.62
N LEU A 726 -34.58 8.18 -0.39
CA LEU A 726 -35.73 9.06 -0.56
C LEU A 726 -35.79 9.55 -1.99
N GLU A 727 -36.87 10.24 -2.30
CA GLU A 727 -37.05 10.79 -3.64
C GLU A 727 -35.94 11.79 -3.96
N SER A 728 -35.49 11.76 -5.22
CA SER A 728 -34.34 12.57 -5.61
C SER A 728 -34.61 14.05 -5.47
N THR A 729 -35.83 14.48 -5.79
CA THR A 729 -36.15 15.90 -5.76
C THR A 729 -35.94 16.47 -4.36
N MET A 730 -36.48 15.79 -3.36
CA MET A 730 -36.30 16.26 -1.99
C MET A 730 -34.84 16.18 -1.57
N ASN A 731 -34.11 15.17 -2.04
CA ASN A 731 -32.69 15.08 -1.74
C ASN A 731 -31.96 16.32 -2.23
N GLU A 732 -32.23 16.73 -3.48
CA GLU A 732 -31.59 17.92 -4.01
C GLU A 732 -32.01 19.16 -3.23
N TYR A 733 -33.31 19.33 -2.98
CA TYR A 733 -33.78 20.49 -2.24
C TYR A 733 -33.07 20.59 -0.90
N ILE A 734 -33.03 19.49 -0.15
CA ILE A 734 -32.35 19.47 1.14
C ILE A 734 -30.88 19.82 0.97
N GLU A 735 -30.24 19.22 -0.04
CA GLU A 735 -28.83 19.51 -0.30
C GLU A 735 -28.60 21.00 -0.50
N GLN A 736 -29.58 21.71 -1.04
CA GLN A 736 -29.46 23.14 -1.26
C GLN A 736 -30.04 23.96 -0.11
N ARG A 737 -30.38 23.31 1.01
CA ARG A 737 -30.90 24.01 2.17
C ARG A 737 -29.79 24.21 3.21
N LYS A 738 -29.91 25.29 3.97
CA LYS A 738 -29.00 25.49 5.09
C LYS A 738 -29.20 24.37 6.09
N PRO A 739 -28.13 23.88 6.74
CA PRO A 739 -26.74 24.34 6.66
C PRO A 739 -25.95 23.78 5.49
N CYS A 740 -26.61 23.02 4.61
CA CYS A 740 -25.95 22.38 3.48
C CYS A 740 -24.88 21.41 3.98
N ASP A 741 -25.28 20.52 4.88
CA ASP A 741 -24.40 19.53 5.48
C ASP A 741 -24.80 18.11 5.09
N THR A 742 -25.35 17.93 3.89
CA THR A 742 -25.73 16.62 3.39
C THR A 742 -25.68 16.65 1.88
N MET A 743 -25.62 15.46 1.27
CA MET A 743 -25.49 15.38 -0.17
C MET A 743 -26.23 14.17 -0.72
N LYS A 744 -26.54 14.27 -2.01
CA LYS A 744 -27.11 13.18 -2.78
C LYS A 744 -26.00 12.48 -3.54
N VAL A 745 -26.04 11.14 -3.56
CA VAL A 745 -24.98 10.37 -4.20
C VAL A 745 -25.59 9.24 -5.01
N GLY A 746 -25.03 8.99 -6.18
CA GLY A 746 -25.44 7.90 -7.01
C GLY A 746 -26.61 8.26 -7.92
N GLY A 747 -26.92 7.33 -8.80
CA GLY A 747 -28.07 7.47 -9.68
C GLY A 747 -29.35 7.13 -8.94
N ASN A 748 -30.42 7.02 -9.71
CA ASN A 748 -31.75 6.75 -9.17
C ASN A 748 -32.04 5.26 -9.28
N LEU A 749 -32.33 4.64 -8.13
CA LEU A 749 -32.60 3.20 -8.11
C LEU A 749 -33.83 2.87 -8.96
N ASP A 750 -34.90 3.63 -8.79
CA ASP A 750 -36.15 3.43 -9.50
C ASP A 750 -36.34 4.54 -10.52
N SER A 751 -37.51 4.54 -11.17
CA SER A 751 -37.84 5.57 -12.14
C SER A 751 -39.35 5.75 -12.14
N LYS A 752 -39.80 6.91 -11.71
CA LYS A 752 -41.22 7.24 -11.68
C LYS A 752 -41.37 8.69 -12.11
N GLY A 753 -42.59 9.22 -11.99
CA GLY A 753 -42.84 10.57 -12.44
C GLY A 753 -43.95 11.22 -11.64
N TYR A 754 -43.98 12.54 -11.71
CA TYR A 754 -45.07 13.33 -11.15
C TYR A 754 -45.91 13.87 -12.29
N GLY A 755 -47.23 13.89 -12.07
CA GLY A 755 -48.16 14.23 -13.13
C GLY A 755 -49.22 15.18 -12.66
N ILE A 756 -50.01 15.65 -13.63
CA ILE A 756 -51.12 16.56 -13.39
C ILE A 756 -52.41 15.78 -13.61
N ALA A 757 -53.28 15.78 -12.61
CA ALA A 757 -54.45 14.93 -12.59
C ALA A 757 -55.71 15.72 -12.94
N THR A 758 -56.57 15.11 -13.74
CA THR A 758 -57.91 15.58 -14.00
C THR A 758 -58.88 14.42 -13.83
N PRO A 759 -60.13 14.70 -13.47
CA PRO A 759 -61.08 13.61 -13.27
C PRO A 759 -61.45 12.96 -14.60
N LYS A 760 -61.87 11.70 -14.51
CA LYS A 760 -62.21 10.94 -15.70
C LYS A 760 -63.29 11.65 -16.49
N GLY A 761 -63.15 11.62 -17.81
CA GLY A 761 -64.13 12.24 -18.68
C GLY A 761 -64.21 13.75 -18.53
N SER A 762 -63.06 14.41 -18.47
CA SER A 762 -63.00 15.86 -18.32
C SER A 762 -62.51 16.49 -19.63
N ALA A 763 -62.85 17.76 -19.79
CA ALA A 763 -62.46 18.51 -20.98
C ALA A 763 -61.04 19.07 -20.86
N LEU A 764 -60.38 18.89 -19.72
CA LEU A 764 -59.05 19.41 -19.48
C LEU A 764 -58.00 18.31 -19.52
N ARG A 765 -58.19 17.32 -20.38
CA ARG A 765 -57.25 16.21 -20.51
C ARG A 765 -56.23 16.46 -21.61
N GLY A 766 -56.70 16.63 -22.84
CA GLY A 766 -55.82 16.84 -23.96
C GLY A 766 -55.05 18.14 -23.86
N PRO A 767 -55.77 19.24 -23.62
CA PRO A 767 -55.07 20.53 -23.50
C PRO A 767 -53.99 20.55 -22.44
N VAL A 768 -54.24 19.91 -21.30
CA VAL A 768 -53.27 19.93 -20.22
C VAL A 768 -52.03 19.13 -20.59
N ASN A 769 -52.23 17.94 -21.17
CA ASN A 769 -51.08 17.13 -21.60
C ASN A 769 -50.27 17.86 -22.65
N LEU A 770 -50.95 18.45 -23.63
CA LEU A 770 -50.27 19.22 -24.66
C LEU A 770 -49.49 20.38 -24.06
N ALA A 771 -50.08 21.07 -23.08
CA ALA A 771 -49.39 22.18 -22.43
C ALA A 771 -48.15 21.70 -21.70
N VAL A 772 -48.26 20.58 -20.98
CA VAL A 772 -47.10 20.06 -20.25
C VAL A 772 -45.98 19.73 -21.20
N LEU A 773 -46.31 19.03 -22.30
CA LEU A 773 -45.27 18.66 -23.26
C LEU A 773 -44.65 19.89 -23.90
N LYS A 774 -45.47 20.87 -24.28
CA LYS A 774 -44.94 22.09 -24.89
C LYS A 774 -44.01 22.80 -23.92
N LEU A 775 -44.40 22.87 -22.65
CA LEU A 775 -43.54 23.48 -21.65
C LEU A 775 -42.21 22.74 -21.54
N SER A 776 -42.27 21.41 -21.55
CA SER A 776 -41.03 20.64 -21.41
C SER A 776 -40.10 20.88 -22.58
N GLU A 777 -40.63 20.90 -23.81
CA GLU A 777 -39.78 21.19 -24.96
C GLU A 777 -39.23 22.62 -24.89
N GLN A 778 -40.07 23.57 -24.48
CA GLN A 778 -39.64 24.96 -24.41
C GLN A 778 -38.61 25.20 -23.31
N GLY A 779 -38.41 24.24 -22.41
CA GLY A 779 -37.46 24.40 -21.33
C GLY A 779 -37.98 25.12 -20.12
N VAL A 780 -39.29 25.37 -20.04
CA VAL A 780 -39.85 26.09 -18.91
C VAL A 780 -39.66 25.31 -17.62
N LEU A 781 -40.00 24.01 -17.65
CA LEU A 781 -39.99 23.23 -16.42
C LEU A 781 -38.59 23.10 -15.85
N ASP A 782 -37.59 22.94 -16.71
CA ASP A 782 -36.21 22.87 -16.24
C ASP A 782 -35.79 24.18 -15.61
N LYS A 783 -36.21 25.30 -16.20
CA LYS A 783 -35.87 26.61 -15.64
C LYS A 783 -36.51 26.80 -14.27
N LEU A 784 -37.77 26.40 -14.12
CA LEU A 784 -38.42 26.48 -12.81
C LEU A 784 -37.72 25.57 -11.79
N LYS A 785 -37.33 24.38 -12.24
CA LYS A 785 -36.57 23.48 -11.38
C LYS A 785 -35.31 24.18 -10.87
N SER A 786 -34.52 24.74 -11.78
CA SER A 786 -33.28 25.40 -11.39
C SER A 786 -33.57 26.57 -10.46
N LYS A 787 -34.62 27.33 -10.75
CA LYS A 787 -34.92 28.51 -9.95
C LYS A 787 -35.25 28.13 -8.52
N TRP A 788 -36.20 27.21 -8.33
CA TRP A 788 -36.67 26.88 -7.00
C TRP A 788 -35.81 25.85 -6.28
N TRP A 789 -34.80 25.29 -6.94
CA TRP A 789 -33.88 24.36 -6.29
C TRP A 789 -32.50 24.94 -6.07
N TYR A 790 -32.01 25.77 -6.99
CA TYR A 790 -30.65 26.27 -6.93
C TYR A 790 -30.57 27.79 -6.85
N ASP A 791 -31.32 28.52 -7.67
CA ASP A 791 -31.32 29.97 -7.58
C ASP A 791 -31.96 30.48 -6.29
N LYS A 792 -32.40 29.59 -5.41
CA LYS A 792 -32.91 29.97 -4.10
C LYS A 792 -32.30 29.09 -3.02
N GLY A 793 -31.17 28.47 -3.29
CA GLY A 793 -30.51 27.61 -2.32
C GLY A 793 -29.57 28.40 -1.43
N GLU A 794 -29.58 28.05 -0.15
CA GLU A 794 -28.69 28.71 0.79
C GLU A 794 -27.23 28.40 0.48
N CYS A 795 -26.99 27.29 -0.21
CA CYS A 795 -25.65 26.75 -0.38
C CYS A 795 -25.13 27.19 -1.74
N GLY A 796 -24.02 26.62 -2.19
CA GLY A 796 -23.40 27.03 -3.43
C GLY A 796 -24.05 26.38 -4.63
N SER A 797 -23.34 26.46 -5.76
CA SER A 797 -23.80 25.90 -7.02
C SER A 797 -23.14 24.57 -7.33
N LYS A 798 -21.84 24.45 -7.11
CA LYS A 798 -21.12 23.21 -7.36
C LYS A 798 -20.20 22.87 -6.20
N LYS A 805 -8.89 16.71 -5.16
CA LYS A 805 -8.67 16.47 -6.58
C LYS A 805 -7.28 15.93 -6.83
N THR A 806 -6.29 16.48 -6.12
CA THR A 806 -4.90 16.08 -6.24
C THR A 806 -4.47 15.37 -4.95
N SER A 807 -3.87 14.20 -5.10
CA SER A 807 -3.36 13.47 -3.95
C SER A 807 -1.97 13.92 -3.54
N ALA A 808 -1.35 14.83 -4.29
CA ALA A 808 -0.06 15.37 -3.91
C ALA A 808 -0.15 16.04 -2.55
N LEU A 809 0.91 15.86 -1.76
CA LEU A 809 0.91 16.42 -0.42
C LEU A 809 0.81 17.94 -0.48
N SER A 810 -0.06 18.49 0.35
CA SER A 810 -0.29 19.93 0.40
C SER A 810 0.49 20.55 1.55
N LEU A 811 0.69 21.86 1.44
CA LEU A 811 1.44 22.59 2.45
C LEU A 811 0.79 22.51 3.82
N SER A 812 -0.52 22.23 3.88
CA SER A 812 -1.20 22.10 5.14
C SER A 812 -0.78 20.85 5.91
N ASN A 813 -0.24 19.85 5.21
CA ASN A 813 0.16 18.62 5.87
C ASN A 813 1.47 18.78 6.64
N VAL A 814 2.34 19.68 6.19
CA VAL A 814 3.68 19.80 6.74
C VAL A 814 3.88 21.21 7.28
N ALA A 815 2.79 21.87 7.68
CA ALA A 815 2.88 23.25 8.16
C ALA A 815 3.71 23.34 9.43
N GLY A 816 3.50 22.41 10.35
CA GLY A 816 4.23 22.45 11.61
C GLY A 816 5.73 22.46 11.42
N VAL A 817 6.21 21.78 10.38
CA VAL A 817 7.64 21.77 10.09
C VAL A 817 8.12 23.18 9.81
N PHE A 818 7.39 23.91 8.97
CA PHE A 818 7.80 25.27 8.61
C PHE A 818 7.67 26.21 9.80
N TYR A 819 6.63 26.04 10.60
CA TYR A 819 6.49 26.87 11.79
C TYR A 819 7.67 26.65 12.73
N ILE A 820 8.05 25.39 12.94
CA ILE A 820 9.18 25.06 13.80
C ILE A 820 10.46 25.65 13.22
N LEU A 821 10.62 25.58 11.90
CA LEU A 821 11.81 26.12 11.26
C LEU A 821 11.92 27.62 11.50
N ILE A 822 10.82 28.35 11.29
CA ILE A 822 10.85 29.80 11.48
C ILE A 822 11.12 30.13 12.95
N GLY A 823 10.48 29.41 13.86
CA GLY A 823 10.74 29.64 15.27
C GLY A 823 12.19 29.41 15.64
N GLY A 824 12.78 28.35 15.10
CA GLY A 824 14.18 28.07 15.38
C GLY A 824 15.10 29.12 14.80
N LEU A 825 14.80 29.62 13.60
CA LEU A 825 15.60 30.68 13.02
C LEU A 825 15.55 31.93 13.90
N GLY A 826 14.34 32.32 14.31
CA GLY A 826 14.23 33.49 15.18
C GLY A 826 14.94 33.31 16.50
N LEU A 827 14.80 32.14 17.10
CA LEU A 827 15.49 31.86 18.36
C LEU A 827 17.00 31.90 18.17
N ALA A 828 17.48 31.42 17.03
CA ALA A 828 18.91 31.47 16.74
C ALA A 828 19.39 32.92 16.62
N MET A 829 18.60 33.76 15.96
CA MET A 829 18.97 35.18 15.89
C MET A 829 19.03 35.78 17.29
N LEU A 830 18.04 35.48 18.12
CA LEU A 830 18.01 36.03 19.48
C LEU A 830 19.21 35.57 20.29
N VAL A 831 19.53 34.28 20.21
CA VAL A 831 20.66 33.74 20.96
C VAL A 831 21.96 34.30 20.44
N ALA A 832 22.06 34.55 19.14
CA ALA A 832 23.26 35.17 18.60
C ALA A 832 23.41 36.59 19.12
N LEU A 833 22.30 37.33 19.22
CA LEU A 833 22.37 38.67 19.80
C LEU A 833 22.83 38.62 21.25
N ILE A 834 22.29 37.67 22.02
CA ILE A 834 22.69 37.52 23.42
C ILE A 834 24.18 37.21 23.52
N GLU A 835 24.66 36.27 22.69
CA GLU A 835 26.07 35.94 22.69
C GLU A 835 26.92 37.12 22.27
N PHE A 836 26.44 37.91 21.31
CA PHE A 836 27.15 39.09 20.88
C PHE A 836 27.34 40.07 22.02
N CYS A 837 26.26 40.36 22.75
CA CYS A 837 26.36 41.27 23.88
C CYS A 837 27.28 40.72 24.96
N TYR A 838 27.11 39.44 25.30
CA TYR A 838 27.94 38.82 26.34
C TYR A 838 29.42 38.87 25.99
N LYS A 839 29.75 38.48 24.76
CA LYS A 839 31.15 38.47 24.34
C LYS A 839 31.70 39.89 24.27
N SER A 840 30.89 40.84 23.81
CA SER A 840 31.35 42.23 23.78
C SER A 840 31.69 42.72 25.18
N ARG A 841 30.83 42.42 26.16
CA ARG A 841 31.11 42.85 27.52
C ARG A 841 32.35 42.17 28.08
N SER A 842 32.48 40.86 27.87
CA SER A 842 33.64 40.15 28.39
C SER A 842 34.93 40.64 27.75
N GLU A 843 34.89 40.98 26.46
CA GLU A 843 36.08 41.50 25.80
C GLU A 843 36.41 42.91 26.27
N SER A 844 35.39 43.78 26.37
CA SER A 844 35.63 45.12 26.91
C SER A 844 36.19 45.04 28.32
N LYS A 845 35.86 43.99 29.07
CA LYS A 845 36.53 43.75 30.34
C LYS A 845 38.01 43.48 30.12
N ARG A 846 38.35 42.80 29.04
CA ARG A 846 39.74 42.50 28.72
C ARG A 846 40.37 43.65 27.94
N VAL B 417 -50.97 -6.24 -35.32
CA VAL B 417 -49.97 -5.74 -36.26
C VAL B 417 -49.08 -4.70 -35.58
N VAL B 418 -48.26 -5.17 -34.64
CA VAL B 418 -47.33 -4.30 -33.91
C VAL B 418 -46.23 -3.85 -34.87
N THR B 419 -45.43 -2.89 -34.42
CA THR B 419 -44.34 -2.36 -35.22
C THR B 419 -43.11 -2.21 -34.35
N THR B 420 -41.95 -2.13 -35.00
CA THR B 420 -40.68 -2.10 -34.28
C THR B 420 -39.61 -1.58 -35.24
N ILE B 421 -38.40 -1.39 -34.71
CA ILE B 421 -37.28 -0.86 -35.49
C ILE B 421 -36.00 -1.50 -34.98
N LEU B 422 -35.07 -1.76 -35.89
CA LEU B 422 -33.90 -2.59 -35.61
C LEU B 422 -32.91 -1.92 -34.66
N GLU B 423 -33.10 -0.64 -34.32
CA GLU B 423 -32.21 0.02 -33.38
C GLU B 423 -32.01 -0.84 -32.13
N SER B 424 -30.76 -1.24 -31.90
CA SER B 424 -30.44 -2.12 -30.79
C SER B 424 -30.22 -1.34 -29.51
N PRO B 425 -30.36 -1.99 -28.35
CA PRO B 425 -30.77 -3.38 -28.15
C PRO B 425 -32.28 -3.55 -27.98
N TYR B 426 -33.04 -2.87 -28.82
CA TYR B 426 -34.50 -2.96 -28.76
C TYR B 426 -35.03 -4.05 -29.69
N VAL B 427 -34.61 -4.03 -30.95
CA VAL B 427 -34.96 -5.07 -31.91
C VAL B 427 -33.68 -5.52 -32.61
N MET B 428 -33.44 -6.82 -32.63
CA MET B 428 -32.34 -7.38 -33.39
C MET B 428 -32.73 -8.76 -33.87
N MET B 429 -32.06 -9.22 -34.92
CA MET B 429 -32.33 -10.53 -35.49
C MET B 429 -31.45 -11.57 -34.79
N LYS B 430 -32.09 -12.60 -34.24
CA LYS B 430 -31.36 -13.59 -33.47
C LYS B 430 -30.35 -14.32 -34.35
N LYS B 431 -29.29 -14.82 -33.72
CA LYS B 431 -28.27 -15.55 -34.45
C LYS B 431 -28.91 -16.73 -35.18
N ASN B 432 -28.58 -16.89 -36.46
CA ASN B 432 -29.17 -17.92 -37.30
C ASN B 432 -30.67 -17.70 -37.45
N HIS B 433 -31.03 -16.47 -37.83
CA HIS B 433 -32.43 -16.12 -38.03
C HIS B 433 -33.03 -16.73 -39.29
N GLU B 434 -32.20 -17.27 -40.19
CA GLU B 434 -32.74 -18.03 -41.31
C GLU B 434 -33.52 -19.24 -40.81
N MET B 435 -33.01 -19.92 -39.78
CA MET B 435 -33.73 -21.03 -39.19
C MET B 435 -35.07 -20.60 -38.62
N LEU B 436 -35.10 -19.47 -37.91
CA LEU B 436 -36.35 -18.96 -37.37
C LEU B 436 -37.24 -18.43 -38.49
N GLU B 437 -38.55 -18.62 -38.35
CA GLU B 437 -39.49 -18.26 -39.39
C GLU B 437 -40.05 -16.85 -39.22
N GLY B 438 -40.71 -16.59 -38.09
CA GLY B 438 -41.31 -15.30 -37.87
C GLY B 438 -41.76 -15.10 -36.43
N ASN B 439 -41.52 -13.91 -35.89
CA ASN B 439 -41.86 -13.53 -34.52
C ASN B 439 -40.99 -14.23 -33.50
N GLU B 440 -40.09 -15.13 -33.91
CA GLU B 440 -39.14 -15.77 -33.02
C GLU B 440 -37.70 -15.51 -33.41
N ARG B 441 -37.46 -15.03 -34.64
CA ARG B 441 -36.11 -14.62 -35.02
C ARG B 441 -35.69 -13.34 -34.29
N TYR B 442 -36.64 -12.43 -34.06
CA TYR B 442 -36.33 -11.17 -33.42
C TYR B 442 -35.99 -11.37 -31.94
N GLU B 443 -35.10 -10.52 -31.43
CA GLU B 443 -34.78 -10.49 -30.02
C GLU B 443 -34.48 -9.05 -29.61
N GLY B 444 -34.59 -8.79 -28.32
CA GLY B 444 -34.25 -7.48 -27.79
C GLY B 444 -35.16 -7.10 -26.64
N TYR B 445 -35.20 -5.79 -26.39
CA TYR B 445 -35.99 -5.25 -25.29
C TYR B 445 -37.44 -5.02 -25.70
N CYS B 446 -37.64 -4.33 -26.83
CA CYS B 446 -38.98 -4.03 -27.28
C CYS B 446 -39.78 -5.30 -27.52
N VAL B 447 -39.12 -6.39 -27.94
CA VAL B 447 -39.85 -7.62 -28.26
C VAL B 447 -40.38 -8.26 -26.99
N ASP B 448 -39.54 -8.37 -25.95
CA ASP B 448 -40.02 -8.88 -24.67
C ASP B 448 -41.11 -7.98 -24.11
N LEU B 449 -40.96 -6.66 -24.30
CA LEU B 449 -41.98 -5.75 -23.83
C LEU B 449 -43.31 -6.01 -24.52
N ALA B 450 -43.29 -6.18 -25.84
CA ALA B 450 -44.51 -6.46 -26.57
C ALA B 450 -45.11 -7.78 -26.13
N ALA B 451 -44.26 -8.77 -25.85
CA ALA B 451 -44.75 -10.04 -25.33
C ALA B 451 -45.53 -9.84 -24.05
N GLU B 452 -44.94 -9.12 -23.09
CA GLU B 452 -45.62 -8.90 -21.82
C GLU B 452 -46.88 -8.05 -21.99
N ILE B 453 -46.84 -7.07 -22.89
CA ILE B 453 -48.01 -6.23 -23.14
C ILE B 453 -49.16 -7.07 -23.69
N ALA B 454 -48.87 -7.91 -24.67
CA ALA B 454 -49.88 -8.80 -25.22
C ALA B 454 -50.41 -9.75 -24.17
N LYS B 455 -49.52 -10.25 -23.30
CA LYS B 455 -49.95 -11.15 -22.24
C LYS B 455 -50.92 -10.45 -21.29
N HIS B 456 -50.62 -9.21 -20.91
CA HIS B 456 -51.50 -8.48 -20.00
C HIS B 456 -52.75 -7.95 -20.68
N CYS B 457 -52.76 -7.89 -22.02
CA CYS B 457 -53.93 -7.47 -22.77
C CYS B 457 -54.63 -8.61 -23.49
N GLY B 458 -53.90 -9.67 -23.85
CA GLY B 458 -54.47 -10.86 -24.43
C GLY B 458 -54.26 -10.99 -25.92
N PHE B 459 -54.33 -9.88 -26.66
CA PHE B 459 -54.29 -9.94 -28.11
C PHE B 459 -53.04 -10.67 -28.60
N LYS B 460 -53.10 -11.12 -29.85
CA LYS B 460 -51.98 -11.76 -30.53
C LYS B 460 -51.35 -10.78 -31.51
N TYR B 461 -50.04 -10.90 -31.67
CA TYR B 461 -49.27 -9.92 -32.43
C TYR B 461 -48.28 -10.61 -33.34
N LYS B 462 -47.93 -9.93 -34.42
CA LYS B 462 -46.87 -10.36 -35.33
C LYS B 462 -45.91 -9.19 -35.51
N LEU B 463 -44.70 -9.34 -34.98
CA LEU B 463 -43.72 -8.26 -35.08
C LEU B 463 -43.39 -7.97 -36.55
N THR B 464 -43.25 -6.69 -36.87
CA THR B 464 -43.00 -6.24 -38.23
C THR B 464 -41.93 -5.15 -38.21
N ILE B 465 -41.61 -4.66 -39.41
CA ILE B 465 -40.70 -3.55 -39.61
C ILE B 465 -41.29 -2.65 -40.69
N VAL B 466 -40.82 -1.40 -40.72
CA VAL B 466 -41.34 -0.39 -41.62
C VAL B 466 -40.24 0.21 -42.50
N GLY B 467 -39.11 0.56 -41.90
CA GLY B 467 -38.14 1.34 -42.64
C GLY B 467 -38.71 2.70 -43.03
N ASP B 468 -38.26 3.21 -44.16
CA ASP B 468 -38.79 4.46 -44.73
C ASP B 468 -38.68 5.61 -43.74
N GLY B 469 -37.56 5.66 -43.02
CA GLY B 469 -37.32 6.73 -42.07
C GLY B 469 -36.90 6.21 -40.71
N LYS B 470 -37.44 5.05 -40.34
CA LYS B 470 -37.18 4.31 -39.11
C LYS B 470 -37.84 4.96 -37.90
N TYR B 471 -38.43 6.14 -38.02
CA TYR B 471 -39.10 6.80 -36.91
C TYR B 471 -40.11 7.78 -37.47
N GLY B 472 -40.87 8.40 -36.56
CA GLY B 472 -41.89 9.34 -36.97
C GLY B 472 -41.33 10.71 -37.26
N ALA B 473 -41.98 11.39 -38.20
CA ALA B 473 -41.65 12.76 -38.57
C ALA B 473 -42.67 13.20 -39.61
N ARG B 474 -42.60 14.46 -40.00
CA ARG B 474 -43.51 15.01 -40.99
C ARG B 474 -42.76 15.89 -41.98
N ASP B 475 -43.18 15.83 -43.24
CA ASP B 475 -42.66 16.71 -44.27
C ASP B 475 -43.59 17.92 -44.37
N ALA B 476 -43.04 19.10 -44.12
CA ALA B 476 -43.86 20.31 -44.09
C ALA B 476 -44.61 20.51 -45.40
N ASP B 477 -44.00 20.14 -46.52
CA ASP B 477 -44.67 20.29 -47.81
C ASP B 477 -45.66 19.16 -48.05
N THR B 478 -45.17 17.91 -48.06
CA THR B 478 -46.05 16.77 -48.29
C THR B 478 -47.12 16.65 -47.21
N LYS B 479 -46.81 17.06 -45.98
CA LYS B 479 -47.74 16.98 -44.86
C LYS B 479 -48.21 15.54 -44.67
N ILE B 480 -47.30 14.60 -44.90
CA ILE B 480 -47.57 13.17 -44.75
C ILE B 480 -46.59 12.61 -43.72
N TRP B 481 -47.11 11.91 -42.73
CA TRP B 481 -46.28 11.33 -41.69
C TRP B 481 -45.55 10.10 -42.24
N ASN B 482 -44.33 9.89 -41.75
CA ASN B 482 -43.48 8.81 -42.20
C ASN B 482 -43.09 7.93 -41.02
N GLY B 483 -42.81 6.66 -41.31
CA GLY B 483 -42.33 5.75 -40.29
C GLY B 483 -43.45 5.13 -39.48
N MET B 484 -43.11 4.78 -38.23
CA MET B 484 -44.11 4.19 -37.34
C MET B 484 -45.30 5.11 -37.14
N VAL B 485 -45.04 6.40 -36.93
CA VAL B 485 -46.13 7.36 -36.79
C VAL B 485 -46.97 7.39 -38.05
N GLY B 486 -46.31 7.43 -39.21
CA GLY B 486 -47.04 7.47 -40.45
C GLY B 486 -47.96 6.28 -40.62
N GLU B 487 -47.47 5.08 -40.29
CA GLU B 487 -48.27 3.89 -40.51
C GLU B 487 -49.39 3.77 -39.47
N LEU B 488 -49.12 4.18 -38.22
CA LEU B 488 -50.18 4.15 -37.22
C LEU B 488 -51.29 5.12 -37.57
N VAL B 489 -50.94 6.29 -38.08
CA VAL B 489 -51.97 7.26 -38.46
C VAL B 489 -52.85 6.72 -39.57
N TYR B 490 -52.26 5.95 -40.49
CA TYR B 490 -52.95 5.50 -41.69
C TYR B 490 -53.40 4.05 -41.62
N GLY B 491 -53.39 3.44 -40.44
CA GLY B 491 -53.96 2.12 -40.25
C GLY B 491 -53.09 0.96 -40.66
N LYS B 492 -51.87 1.21 -41.14
CA LYS B 492 -51.00 0.12 -41.55
C LYS B 492 -50.53 -0.73 -40.40
N ALA B 493 -50.78 -0.32 -39.15
CA ALA B 493 -50.38 -1.09 -37.98
C ALA B 493 -51.34 -0.79 -36.84
N ASP B 494 -51.34 -1.68 -35.86
CA ASP B 494 -52.20 -1.54 -34.69
C ASP B 494 -51.56 -0.63 -33.65
N ILE B 495 -50.35 -0.97 -33.20
CA ILE B 495 -49.61 -0.18 -32.23
C ILE B 495 -48.14 -0.21 -32.61
N ALA B 496 -47.39 0.73 -32.04
CA ALA B 496 -45.94 0.81 -32.21
C ALA B 496 -45.27 0.61 -30.87
N ILE B 497 -44.42 -0.41 -30.78
CA ILE B 497 -43.68 -0.72 -29.56
C ILE B 497 -42.20 -0.58 -29.92
N ALA B 498 -41.60 0.49 -29.46
CA ALA B 498 -40.24 0.81 -29.87
C ALA B 498 -39.74 2.02 -29.09
N PRO B 499 -38.45 2.32 -29.16
CA PRO B 499 -37.96 3.56 -28.55
C PRO B 499 -38.47 4.78 -29.29
N LEU B 500 -39.77 5.03 -29.19
CA LEU B 500 -40.40 6.16 -29.85
C LEU B 500 -40.54 7.29 -28.85
N THR B 501 -39.99 8.45 -29.19
CA THR B 501 -39.87 9.54 -28.25
C THR B 501 -41.20 10.28 -28.13
N ILE B 502 -41.56 10.63 -26.90
CA ILE B 502 -42.78 11.39 -26.66
C ILE B 502 -42.53 12.84 -27.03
N THR B 503 -43.43 13.39 -27.84
CA THR B 503 -43.27 14.75 -28.34
C THR B 503 -44.64 15.34 -28.62
N LEU B 504 -44.69 16.67 -28.67
CA LEU B 504 -45.96 17.36 -28.82
C LEU B 504 -46.60 17.04 -30.17
N VAL B 505 -45.83 17.14 -31.25
CA VAL B 505 -46.40 16.99 -32.59
C VAL B 505 -47.03 15.62 -32.75
N ARG B 506 -46.40 14.59 -32.17
CA ARG B 506 -46.91 13.23 -32.32
C ARG B 506 -48.15 13.00 -31.47
N GLU B 507 -48.19 13.54 -30.25
CA GLU B 507 -49.34 13.35 -29.39
C GLU B 507 -50.60 13.98 -29.98
N GLU B 508 -50.44 14.98 -30.86
CA GLU B 508 -51.59 15.61 -31.51
C GLU B 508 -52.26 14.71 -32.53
N VAL B 509 -51.61 13.63 -32.95
CA VAL B 509 -52.10 12.80 -34.05
C VAL B 509 -52.16 11.33 -33.63
N ILE B 510 -51.53 11.00 -32.52
CA ILE B 510 -51.60 9.66 -31.93
C ILE B 510 -51.68 9.81 -30.42
N ASP B 511 -51.76 8.68 -29.73
CA ASP B 511 -51.87 8.64 -28.28
C ASP B 511 -50.76 7.78 -27.73
N PHE B 512 -50.05 8.31 -26.74
CA PHE B 512 -48.94 7.62 -26.12
C PHE B 512 -49.39 6.98 -24.81
N SER B 513 -48.53 6.10 -24.30
CA SER B 513 -48.67 5.56 -22.96
C SER B 513 -47.78 6.35 -22.01
N LYS B 514 -47.87 6.02 -20.74
CA LYS B 514 -46.91 6.57 -19.80
C LYS B 514 -45.53 5.97 -20.11
N PRO B 515 -44.47 6.76 -19.99
CA PRO B 515 -43.15 6.26 -20.42
C PRO B 515 -42.79 4.97 -19.72
N PHE B 516 -42.36 3.99 -20.51
CA PHE B 516 -41.81 2.76 -19.97
C PHE B 516 -40.32 2.86 -19.72
N MET B 517 -39.69 3.95 -20.13
CA MET B 517 -38.27 4.16 -19.89
C MET B 517 -37.99 5.65 -20.03
N SER B 518 -37.55 6.27 -18.94
CA SER B 518 -37.20 7.68 -18.91
C SER B 518 -35.70 7.84 -19.06
N LEU B 519 -35.30 8.90 -19.73
CA LEU B 519 -33.91 9.10 -20.11
C LEU B 519 -33.67 10.60 -20.29
N GLY B 520 -32.52 10.93 -20.85
CA GLY B 520 -32.18 12.32 -21.12
C GLY B 520 -30.82 12.39 -21.75
N ILE B 521 -30.41 13.63 -22.05
CA ILE B 521 -29.13 13.84 -22.70
C ILE B 521 -28.01 13.63 -21.69
N SER B 522 -26.88 13.12 -22.16
CA SER B 522 -25.74 12.79 -21.32
C SER B 522 -24.48 12.90 -22.15
N ILE B 523 -23.34 12.69 -21.47
CA ILE B 523 -22.02 12.99 -22.01
C ILE B 523 -21.21 11.70 -22.07
N MET B 524 -20.70 11.41 -23.26
CA MET B 524 -19.85 10.26 -23.52
C MET B 524 -18.42 10.74 -23.73
N ILE B 525 -17.48 10.12 -23.01
CA ILE B 525 -16.07 10.43 -23.16
C ILE B 525 -15.30 9.13 -23.27
N LYS B 526 -14.07 9.24 -23.78
CA LYS B 526 -13.17 8.09 -23.78
C LYS B 526 -12.65 7.85 -22.37
N LYS B 527 -12.54 6.59 -22.00
CA LYS B 527 -12.15 6.26 -20.64
C LYS B 527 -10.76 6.82 -20.36
N PRO B 528 -10.56 7.54 -19.26
CA PRO B 528 -9.21 8.00 -18.93
C PRO B 528 -8.27 6.81 -18.79
N GLN B 529 -7.11 6.93 -19.41
CA GLN B 529 -6.10 5.87 -19.41
C GLN B 529 -4.96 6.25 -18.50
N LYS B 530 -4.08 5.28 -18.25
CA LYS B 530 -2.85 5.59 -17.54
C LYS B 530 -2.07 6.59 -18.37
N SER B 531 -2.00 7.84 -17.90
CA SER B 531 -1.37 8.88 -18.68
C SER B 531 0.11 8.57 -18.85
N LYS B 532 0.63 8.84 -20.04
CA LYS B 532 2.05 8.68 -20.27
C LYS B 532 2.80 9.56 -19.28
N PRO B 533 3.74 9.01 -18.51
CA PRO B 533 4.39 9.81 -17.48
C PRO B 533 5.07 11.03 -18.08
N GLY B 534 4.93 12.15 -17.38
CA GLY B 534 5.48 13.40 -17.85
C GLY B 534 6.87 13.66 -17.30
N VAL B 535 7.67 14.35 -18.11
CA VAL B 535 8.95 14.83 -17.61
C VAL B 535 8.69 15.73 -16.42
N PHE B 536 9.44 15.51 -15.35
CA PHE B 536 9.23 16.18 -14.08
C PHE B 536 7.99 15.65 -13.35
N SER B 537 7.66 14.39 -13.58
CA SER B 537 6.68 13.69 -12.77
C SER B 537 7.24 13.27 -11.43
N PHE B 538 8.54 13.41 -11.21
CA PHE B 538 9.15 13.11 -9.93
C PHE B 538 8.88 14.18 -8.89
N LEU B 539 8.28 15.31 -9.27
CA LEU B 539 7.86 16.34 -8.33
C LEU B 539 6.41 16.18 -7.88
N ASP B 540 5.68 15.24 -8.46
CA ASP B 540 4.25 15.12 -8.24
C ASP B 540 3.90 14.78 -6.80
N PRO B 541 4.72 14.00 -6.09
CA PRO B 541 4.38 13.66 -4.70
C PRO B 541 4.21 14.86 -3.80
N LEU B 542 4.81 16.00 -4.13
CA LEU B 542 4.66 17.22 -3.35
C LEU B 542 4.15 18.33 -4.26
N ALA B 543 3.29 19.18 -3.71
CA ALA B 543 2.76 20.30 -4.46
C ALA B 543 3.84 21.33 -4.74
N TYR B 544 3.63 22.08 -5.83
CA TYR B 544 4.62 23.08 -6.24
C TYR B 544 4.91 24.06 -5.11
N GLU B 545 3.89 24.44 -4.35
CA GLU B 545 4.09 25.39 -3.27
C GLU B 545 5.07 24.84 -2.24
N ILE B 546 5.01 23.54 -1.97
CA ILE B 546 5.96 22.94 -1.04
C ILE B 546 7.38 23.07 -1.59
N TRP B 547 7.55 22.83 -2.89
CA TRP B 547 8.88 22.93 -3.48
C TRP B 547 9.43 24.35 -3.38
N MET B 548 8.59 25.34 -3.66
CA MET B 548 9.05 26.73 -3.58
C MET B 548 9.35 27.13 -2.14
N CYS B 549 8.52 26.70 -1.19
CA CYS B 549 8.82 26.95 0.21
C CYS B 549 10.12 26.27 0.61
N ILE B 550 10.40 25.10 0.05
CA ILE B 550 11.66 24.41 0.32
C ILE B 550 12.83 25.25 -0.18
N VAL B 551 12.72 25.75 -1.41
CA VAL B 551 13.79 26.56 -1.98
C VAL B 551 14.06 27.76 -1.09
N PHE B 552 13.01 28.49 -0.74
CA PHE B 552 13.22 29.73 0.00
C PHE B 552 13.56 29.48 1.47
N ALA B 553 13.18 28.35 2.03
CA ALA B 553 13.67 27.97 3.35
C ALA B 553 15.15 27.63 3.31
N TYR B 554 15.59 26.99 2.23
CA TYR B 554 17.02 26.78 2.03
C TYR B 554 17.76 28.11 2.01
N ILE B 555 17.25 29.06 1.21
CA ILE B 555 17.88 30.38 1.16
C ILE B 555 17.92 31.01 2.55
N GLY B 556 16.79 31.00 3.25
CA GLY B 556 16.72 31.66 4.54
C GLY B 556 17.61 31.02 5.58
N VAL B 557 17.65 29.69 5.62
CA VAL B 557 18.51 29.00 6.57
C VAL B 557 19.97 29.33 6.29
N SER B 558 20.36 29.30 5.01
CA SER B 558 21.73 29.66 4.67
C SER B 558 22.05 31.08 5.12
N VAL B 559 21.13 32.01 4.88
CA VAL B 559 21.37 33.41 5.22
C VAL B 559 21.50 33.56 6.74
N VAL B 560 20.61 32.94 7.49
CA VAL B 560 20.63 33.08 8.95
C VAL B 560 21.91 32.47 9.51
N LEU B 561 22.33 31.32 8.96
CA LEU B 561 23.58 30.72 9.40
C LEU B 561 24.76 31.66 9.11
N PHE B 562 24.76 32.27 7.92
CA PHE B 562 25.80 33.21 7.57
C PHE B 562 25.86 34.37 8.54
N LEU B 563 24.71 34.98 8.84
CA LEU B 563 24.68 36.11 9.75
C LEU B 563 25.14 35.71 11.14
N VAL B 564 24.54 34.66 11.69
CA VAL B 564 24.85 34.19 13.03
C VAL B 564 26.32 33.83 13.16
N SER B 565 26.95 33.34 12.10
CA SER B 565 28.35 32.96 12.16
C SER B 565 29.28 34.12 11.90
N ARG B 566 28.81 35.15 11.21
CA ARG B 566 29.64 36.32 10.95
C ARG B 566 29.68 37.26 12.15
N PHE B 567 28.52 37.68 12.62
CA PHE B 567 28.46 38.70 13.66
C PHE B 567 28.38 38.13 15.07
N SER B 568 28.22 36.81 15.23
CA SER B 568 28.32 36.16 16.53
C SER B 568 29.17 34.90 16.40
N PRO B 569 30.43 35.05 16.03
CA PRO B 569 31.26 33.88 15.76
C PRO B 569 31.70 33.16 17.04
N TYR B 570 32.15 31.92 16.85
CA TYR B 570 32.70 31.15 17.95
C TYR B 570 33.95 31.80 18.52
N GLU B 571 34.81 32.33 17.66
CA GLU B 571 36.04 32.99 18.08
C GLU B 571 36.97 31.99 18.77
N GLU B 587 38.54 32.91 10.72
CA GLU B 587 38.38 32.11 11.92
C GLU B 587 37.08 31.31 11.88
N SER B 588 35.99 31.96 12.28
CA SER B 588 34.67 31.35 12.28
C SER B 588 33.76 31.88 11.18
N THR B 589 34.24 32.84 10.38
CA THR B 589 33.49 33.36 9.25
C THR B 589 34.11 33.01 7.91
N ASN B 590 35.43 32.81 7.85
CA ASN B 590 36.00 32.16 6.69
C ASN B 590 35.38 30.80 6.49
N GLU B 591 34.93 30.18 7.58
CA GLU B 591 34.02 29.05 7.55
C GLU B 591 32.62 29.56 7.83
N PHE B 592 31.67 29.11 7.02
CA PHE B 592 30.27 29.55 7.10
C PHE B 592 30.10 30.99 6.62
N GLY B 593 30.76 31.32 5.52
CA GLY B 593 30.29 32.40 4.69
C GLY B 593 28.98 32.01 4.04
N ILE B 594 28.58 32.80 3.06
CA ILE B 594 27.32 32.51 2.37
C ILE B 594 27.47 31.27 1.50
N PHE B 595 28.59 31.16 0.78
CA PHE B 595 28.79 30.04 -0.12
C PHE B 595 28.82 28.72 0.65
N ASN B 596 29.67 28.65 1.68
CA ASN B 596 29.77 27.43 2.46
C ASN B 596 28.50 27.17 3.27
N SER B 597 27.77 28.21 3.63
CA SER B 597 26.48 28.03 4.29
C SER B 597 25.47 27.36 3.36
N LEU B 598 25.38 27.85 2.13
CA LEU B 598 24.54 27.19 1.13
C LEU B 598 24.94 25.75 0.92
N TRP B 599 26.25 25.50 0.85
CA TRP B 599 26.73 24.14 0.66
C TRP B 599 26.35 23.24 1.82
N PHE B 600 26.51 23.72 3.05
CA PHE B 600 26.15 22.94 4.23
C PHE B 600 24.67 22.61 4.22
N SER B 601 23.84 23.62 3.93
CA SER B 601 22.40 23.39 3.91
C SER B 601 22.02 22.38 2.85
N LEU B 602 22.60 22.50 1.66
CA LEU B 602 22.30 21.56 0.58
C LEU B 602 22.71 20.14 0.94
N GLY B 603 23.91 19.98 1.49
CA GLY B 603 24.34 18.67 1.92
C GLY B 603 23.47 18.10 3.01
N ALA B 604 22.90 18.95 3.86
CA ALA B 604 21.95 18.49 4.85
C ALA B 604 20.67 18.00 4.20
N PHE B 605 20.13 18.78 3.27
CA PHE B 605 18.86 18.42 2.65
C PHE B 605 18.93 17.09 1.92
N MET B 606 20.09 16.75 1.36
CA MET B 606 20.25 15.55 0.56
C MET B 606 20.78 14.39 1.37
N ARG B 607 20.74 14.47 2.70
CA ARG B 607 21.12 13.38 3.59
C ARG B 607 22.59 13.01 3.47
N GLN B 608 23.38 13.84 2.81
CA GLN B 608 24.82 13.65 2.77
C GLN B 608 25.41 14.17 4.07
N GLY B 609 26.72 14.30 4.12
CA GLY B 609 27.42 14.73 5.31
C GLY B 609 27.78 16.20 5.26
N CYS B 610 28.93 16.53 5.85
CA CYS B 610 29.36 17.91 5.93
C CYS B 610 30.86 17.94 6.20
N ASP B 611 31.57 18.78 5.45
CA ASP B 611 32.96 19.07 5.77
C ASP B 611 33.10 20.07 6.89
N ILE B 612 32.00 20.63 7.38
CA ILE B 612 32.00 21.56 8.50
C ILE B 612 30.64 21.48 9.19
N SER B 613 30.66 21.53 10.51
CA SER B 613 29.43 21.65 11.27
C SER B 613 29.57 22.80 12.26
N PRO B 614 28.48 23.52 12.54
CA PRO B 614 28.59 24.68 13.42
C PRO B 614 29.00 24.30 14.84
N ARG B 615 29.70 25.22 15.50
CA ARG B 615 30.14 25.03 16.86
C ARG B 615 29.42 25.91 17.85
N SER B 616 28.75 26.96 17.39
CA SER B 616 28.00 27.86 18.26
C SER B 616 26.57 27.40 18.42
N LEU B 617 25.97 27.78 19.55
CA LEU B 617 24.62 27.33 19.87
C LEU B 617 23.61 27.81 18.84
N SER B 618 23.79 29.02 18.32
CA SER B 618 22.83 29.56 17.36
C SER B 618 22.91 28.84 16.03
N GLY B 619 24.13 28.67 15.50
CA GLY B 619 24.29 27.91 14.28
C GLY B 619 23.83 26.48 14.45
N ARG B 620 24.05 25.90 15.62
CA ARG B 620 23.61 24.55 15.88
C ARG B 620 22.09 24.45 15.95
N ILE B 621 21.43 25.46 16.50
CA ILE B 621 19.97 25.51 16.49
C ILE B 621 19.46 25.52 15.05
N VAL B 622 20.05 26.39 14.23
CA VAL B 622 19.66 26.47 12.83
C VAL B 622 19.84 25.11 12.15
N GLY B 623 21.00 24.50 12.36
CA GLY B 623 21.26 23.21 11.75
C GLY B 623 20.29 22.13 12.21
N GLY B 624 19.97 22.12 13.50
CA GLY B 624 19.05 21.12 14.02
C GLY B 624 17.67 21.23 13.41
N VAL B 625 17.14 22.45 13.33
CA VAL B 625 15.82 22.61 12.75
C VAL B 625 15.84 22.29 11.27
N TRP B 626 16.91 22.65 10.57
CA TRP B 626 17.04 22.28 9.16
C TRP B 626 17.08 20.77 9.00
N TRP B 627 17.74 20.08 9.93
CA TRP B 627 17.83 18.63 9.87
C TRP B 627 16.47 17.99 10.07
N PHE B 628 15.72 18.48 11.05
CA PHE B 628 14.35 17.98 11.26
C PHE B 628 13.50 18.19 10.01
N PHE B 629 13.57 19.40 9.45
CA PHE B 629 12.81 19.71 8.24
C PHE B 629 13.17 18.74 7.12
N THR B 630 14.46 18.53 6.89
CA THR B 630 14.91 17.63 5.84
C THR B 630 14.38 16.22 6.05
N LEU B 631 14.50 15.72 7.28
CA LEU B 631 14.05 14.37 7.58
C LEU B 631 12.58 14.21 7.25
N ILE B 632 11.75 15.13 7.76
CA ILE B 632 10.32 15.04 7.53
C ILE B 632 10.01 15.09 6.04
N ILE B 633 10.64 16.01 5.32
CA ILE B 633 10.28 16.22 3.92
C ILE B 633 10.68 15.02 3.07
N ILE B 634 11.87 14.46 3.29
CA ILE B 634 12.28 13.30 2.51
C ILE B 634 11.39 12.12 2.83
N SER B 635 11.07 11.90 4.11
CA SER B 635 10.18 10.80 4.45
C SER B 635 8.83 10.97 3.77
N SER B 636 8.29 12.19 3.79
CA SER B 636 6.99 12.44 3.16
C SER B 636 7.04 12.18 1.66
N TYR B 637 8.09 12.63 1.00
CA TYR B 637 8.22 12.40 -0.44
C TYR B 637 8.21 10.90 -0.74
N THR B 638 9.05 10.14 -0.03
CA THR B 638 9.13 8.71 -0.30
C THR B 638 7.80 8.03 -0.02
N ALA B 639 7.14 8.39 1.08
CA ALA B 639 5.88 7.75 1.45
C ALA B 639 4.79 8.05 0.43
N ASN B 640 4.65 9.30 0.03
CA ASN B 640 3.60 9.64 -0.92
C ASN B 640 3.88 9.06 -2.29
N LEU B 641 5.15 8.94 -2.67
CA LEU B 641 5.48 8.26 -3.92
C LEU B 641 5.12 6.79 -3.85
N ALA B 642 5.35 6.15 -2.71
CA ALA B 642 4.92 4.76 -2.55
C ALA B 642 3.42 4.65 -2.70
N ALA B 643 2.69 5.57 -2.08
CA ALA B 643 1.24 5.61 -2.26
C ALA B 643 0.86 5.70 -3.73
N PHE B 644 1.45 6.67 -4.44
CA PHE B 644 1.14 6.85 -5.85
C PHE B 644 1.38 5.57 -6.65
N LEU B 645 2.53 4.94 -6.43
CA LEU B 645 2.88 3.76 -7.21
C LEU B 645 2.09 2.53 -6.79
N THR B 646 1.51 2.53 -5.60
CA THR B 646 0.75 1.38 -5.13
C THR B 646 -0.71 1.42 -5.59
N VAL B 647 -1.31 2.61 -5.63
CA VAL B 647 -2.71 2.77 -5.95
C VAL B 647 -2.82 3.63 -7.20
N GLU B 648 -3.35 3.05 -8.28
CA GLU B 648 -3.62 3.80 -9.48
C GLU B 648 -4.99 4.47 -9.37
N ARG B 649 -5.04 5.76 -9.65
CA ARG B 649 -6.29 6.53 -9.63
C ARG B 649 -6.33 7.40 -10.87
N MET B 650 -7.23 7.08 -11.79
CA MET B 650 -7.44 7.85 -13.00
C MET B 650 -8.65 8.74 -12.80
N VAL B 651 -8.42 10.05 -12.81
CA VAL B 651 -9.47 11.04 -12.60
C VAL B 651 -10.00 11.48 -13.96
N SER B 652 -11.31 11.42 -14.13
CA SER B 652 -11.93 11.96 -15.32
C SER B 652 -11.86 13.49 -15.27
N PRO B 653 -11.44 14.16 -16.34
CA PRO B 653 -11.40 15.63 -16.28
C PRO B 653 -12.76 16.25 -16.06
N ILE B 654 -13.84 15.53 -16.35
CA ILE B 654 -15.19 16.07 -16.33
C ILE B 654 -16.05 15.23 -15.41
N GLU B 655 -16.82 15.89 -14.55
CA GLU B 655 -17.83 15.25 -13.73
C GLU B 655 -19.18 15.93 -13.84
N SER B 656 -19.36 16.82 -14.82
CA SER B 656 -20.58 17.59 -14.97
C SER B 656 -20.54 18.23 -16.35
N ALA B 657 -21.47 19.16 -16.60
CA ALA B 657 -21.54 19.87 -17.86
C ALA B 657 -20.94 21.26 -17.80
N GLU B 658 -21.04 21.94 -16.65
CA GLU B 658 -20.38 23.24 -16.51
C GLU B 658 -18.87 23.10 -16.68
N ASP B 659 -18.30 22.05 -16.08
CA ASP B 659 -16.90 21.74 -16.32
C ASP B 659 -16.60 21.63 -17.81
N LEU B 660 -17.56 21.12 -18.57
CA LEU B 660 -17.36 20.95 -20.00
C LEU B 660 -17.45 22.27 -20.74
N SER B 661 -18.27 23.19 -20.26
CA SER B 661 -18.38 24.50 -20.91
C SER B 661 -17.15 25.35 -20.63
N LYS B 662 -16.68 25.33 -19.38
CA LYS B 662 -15.49 26.10 -19.03
C LYS B 662 -14.27 25.62 -19.80
N GLN B 663 -14.11 24.30 -19.93
CA GLN B 663 -12.97 23.76 -20.64
C GLN B 663 -13.04 24.12 -22.12
N THR B 664 -11.88 24.46 -22.69
CA THR B 664 -11.74 24.68 -24.12
C THR B 664 -10.84 23.65 -24.79
N GLU B 665 -10.02 22.92 -24.02
CA GLU B 665 -9.19 21.88 -24.61
C GLU B 665 -10.04 20.76 -25.20
N ILE B 666 -11.12 20.39 -24.50
CA ILE B 666 -12.01 19.33 -24.96
C ILE B 666 -13.06 19.94 -25.87
N ALA B 667 -13.31 19.28 -27.00
CA ALA B 667 -14.33 19.69 -27.93
C ALA B 667 -15.55 18.78 -27.81
N TYR B 668 -16.73 19.34 -28.04
CA TYR B 668 -17.96 18.58 -27.93
C TYR B 668 -18.96 19.04 -28.97
N GLY B 669 -19.69 18.09 -29.54
CA GLY B 669 -20.73 18.41 -30.50
C GLY B 669 -21.75 17.30 -30.58
N THR B 670 -22.93 17.67 -31.09
CA THR B 670 -24.06 16.77 -31.19
C THR B 670 -24.14 16.19 -32.60
N LEU B 671 -25.25 15.53 -32.89
CA LEU B 671 -25.55 15.07 -34.24
C LEU B 671 -26.26 16.19 -34.99
N ASP B 672 -25.79 16.50 -36.19
CA ASP B 672 -26.36 17.59 -36.95
C ASP B 672 -27.74 17.24 -37.47
N SER B 673 -28.64 18.21 -37.43
CA SER B 673 -30.04 18.01 -37.84
C SER B 673 -30.69 16.94 -36.96
N GLY B 674 -30.82 17.26 -35.68
CA GLY B 674 -31.41 16.35 -34.72
C GLY B 674 -32.14 17.11 -33.63
N SER B 675 -32.74 16.35 -32.72
CA SER B 675 -33.49 16.96 -31.63
C SER B 675 -32.59 17.53 -30.55
N THR B 676 -31.39 16.95 -30.37
CA THR B 676 -30.46 17.46 -29.37
C THR B 676 -29.97 18.85 -29.73
N LYS B 677 -29.62 19.05 -31.00
CA LYS B 677 -29.22 20.38 -31.45
C LYS B 677 -30.37 21.37 -31.33
N GLU B 678 -31.59 20.92 -31.68
CA GLU B 678 -32.76 21.79 -31.51
C GLU B 678 -32.96 22.15 -30.05
N PHE B 679 -32.63 21.24 -29.13
CA PHE B 679 -32.72 21.56 -27.71
C PHE B 679 -31.70 22.61 -27.31
N PHE B 680 -30.45 22.43 -27.72
CA PHE B 680 -29.43 23.39 -27.34
C PHE B 680 -29.69 24.75 -27.96
N ARG B 681 -30.27 24.78 -29.16
CA ARG B 681 -30.52 26.02 -29.87
C ARG B 681 -31.52 26.90 -29.11
N ARG B 682 -32.66 26.32 -28.74
CA ARG B 682 -33.75 27.06 -28.13
C ARG B 682 -33.64 27.12 -26.60
N SER B 683 -32.45 26.92 -26.06
CA SER B 683 -32.30 26.80 -24.62
C SER B 683 -32.39 28.18 -23.95
N LYS B 684 -32.69 28.15 -22.66
CA LYS B 684 -32.70 29.33 -21.83
C LYS B 684 -31.75 29.25 -20.64
N ILE B 685 -31.24 28.05 -20.32
CA ILE B 685 -30.27 27.92 -19.25
C ILE B 685 -28.93 28.49 -19.72
N ALA B 686 -28.21 29.11 -18.80
CA ALA B 686 -26.97 29.81 -19.15
C ALA B 686 -25.93 28.86 -19.72
N VAL B 687 -25.75 27.71 -19.06
CA VAL B 687 -24.69 26.79 -19.46
C VAL B 687 -24.92 26.30 -20.88
N PHE B 688 -26.15 25.93 -21.21
CA PHE B 688 -26.43 25.42 -22.54
C PHE B 688 -26.41 26.53 -23.57
N ASP B 689 -26.71 27.77 -23.17
CA ASP B 689 -26.51 28.88 -24.08
C ASP B 689 -25.04 29.04 -24.43
N LYS B 690 -24.15 28.91 -23.44
CA LYS B 690 -22.72 28.97 -23.72
C LYS B 690 -22.29 27.82 -24.63
N MET B 691 -22.79 26.62 -24.37
CA MET B 691 -22.46 25.50 -25.24
C MET B 691 -22.93 25.74 -26.66
N TRP B 692 -24.13 26.32 -26.82
CA TRP B 692 -24.63 26.59 -28.16
C TRP B 692 -23.77 27.63 -28.86
N THR B 693 -23.35 28.67 -28.13
CA THR B 693 -22.43 29.65 -28.70
C THR B 693 -21.17 28.96 -29.20
N TYR B 694 -20.57 28.12 -28.36
CA TYR B 694 -19.36 27.40 -28.76
C TYR B 694 -19.61 26.57 -30.02
N MET B 695 -20.68 25.77 -30.01
CA MET B 695 -20.92 24.86 -31.13
C MET B 695 -21.23 25.62 -32.41
N ARG B 696 -21.81 26.82 -32.30
CA ARG B 696 -22.05 27.64 -33.48
C ARG B 696 -20.80 28.36 -33.95
N SER B 697 -19.83 28.56 -33.07
CA SER B 697 -18.58 29.24 -33.40
C SER B 697 -17.39 28.29 -33.26
N ALA B 698 -17.52 27.07 -33.79
CA ALA B 698 -16.52 26.04 -33.63
C ALA B 698 -15.95 25.64 -34.99
N GLU B 699 -14.62 25.55 -35.06
CA GLU B 699 -13.94 25.09 -36.26
C GLU B 699 -12.94 24.01 -35.87
N PRO B 700 -12.97 22.83 -36.51
CA PRO B 700 -13.89 22.42 -37.58
C PRO B 700 -15.29 22.13 -37.05
N SER B 701 -16.09 21.41 -37.82
CA SER B 701 -17.47 21.11 -37.43
C SER B 701 -17.47 20.08 -36.31
N VAL B 702 -17.80 20.52 -35.09
CA VAL B 702 -18.01 19.58 -34.00
C VAL B 702 -19.16 18.64 -34.31
N PHE B 703 -20.17 19.15 -35.04
CA PHE B 703 -21.35 18.35 -35.36
C PHE B 703 -20.97 17.12 -36.16
N VAL B 704 -21.95 16.24 -36.35
CA VAL B 704 -21.76 14.94 -36.95
C VAL B 704 -23.02 14.56 -37.70
N ARG B 705 -22.88 13.61 -38.64
CA ARG B 705 -23.99 13.19 -39.48
C ARG B 705 -24.64 11.89 -39.02
N THR B 706 -23.98 11.12 -38.16
CA THR B 706 -24.52 9.86 -37.68
C THR B 706 -23.98 9.56 -36.30
N THR B 707 -24.72 8.74 -35.56
CA THR B 707 -24.30 8.37 -34.20
C THR B 707 -22.97 7.63 -34.23
N ALA B 708 -22.84 6.63 -35.10
CA ALA B 708 -21.60 5.89 -35.21
C ALA B 708 -20.43 6.81 -35.54
N GLU B 709 -20.68 7.86 -36.33
CA GLU B 709 -19.63 8.81 -36.63
C GLU B 709 -19.15 9.49 -35.35
N GLY B 710 -20.07 9.89 -34.48
CA GLY B 710 -19.67 10.50 -33.22
C GLY B 710 -18.92 9.53 -32.32
N VAL B 711 -19.39 8.28 -32.26
CA VAL B 711 -18.71 7.29 -31.43
C VAL B 711 -17.29 7.08 -31.92
N ALA B 712 -17.12 6.94 -33.25
CA ALA B 712 -15.80 6.74 -33.81
C ALA B 712 -14.91 7.95 -33.58
N ARG B 713 -15.47 9.15 -33.72
CA ARG B 713 -14.68 10.36 -33.47
C ARG B 713 -14.21 10.41 -32.03
N VAL B 714 -15.07 10.03 -31.09
CA VAL B 714 -14.66 10.00 -29.69
C VAL B 714 -13.56 8.97 -29.47
N ARG B 715 -13.73 7.77 -30.05
CA ARG B 715 -12.80 6.68 -29.77
C ARG B 715 -11.43 6.95 -30.39
N LYS B 716 -11.40 7.42 -31.63
CA LYS B 716 -10.13 7.66 -32.31
C LYS B 716 -9.30 8.68 -31.57
N SER B 717 -9.90 9.81 -31.19
CA SER B 717 -9.21 10.81 -30.40
C SER B 717 -8.89 10.25 -29.02
N LYS B 718 -8.19 11.06 -28.21
CA LYS B 718 -7.77 10.68 -26.87
C LYS B 718 -8.14 11.81 -25.92
N GLY B 719 -9.34 11.74 -25.36
CA GLY B 719 -9.80 12.74 -24.41
C GLY B 719 -10.01 14.12 -25.00
N LYS B 720 -10.09 14.25 -26.32
CA LYS B 720 -10.28 15.54 -26.95
C LYS B 720 -11.72 15.82 -27.35
N TYR B 721 -12.49 14.78 -27.68
CA TYR B 721 -13.87 14.94 -28.10
C TYR B 721 -14.82 14.29 -27.10
N ALA B 722 -15.88 15.01 -26.76
CA ALA B 722 -16.95 14.52 -25.89
C ALA B 722 -18.26 14.62 -26.64
N TYR B 723 -19.00 13.51 -26.69
CA TYR B 723 -20.22 13.43 -27.49
C TYR B 723 -21.46 13.49 -26.61
N LEU B 724 -22.40 14.33 -27.00
CA LEU B 724 -23.64 14.56 -26.27
C LEU B 724 -24.75 13.78 -26.94
N LEU B 725 -25.35 12.85 -26.21
CA LEU B 725 -26.31 11.94 -26.81
C LEU B 725 -27.33 11.53 -25.78
N GLU B 726 -28.06 10.46 -26.06
CA GLU B 726 -29.07 9.93 -25.15
C GLU B 726 -28.43 9.00 -24.13
N SER B 727 -29.03 8.97 -22.93
CA SER B 727 -28.46 8.19 -21.85
C SER B 727 -28.45 6.70 -22.16
N THR B 728 -29.48 6.22 -22.87
CA THR B 728 -29.63 4.78 -23.05
C THR B 728 -28.56 4.22 -23.98
N MET B 729 -28.37 4.86 -25.13
CA MET B 729 -27.34 4.39 -26.06
C MET B 729 -25.96 4.55 -25.45
N ASN B 730 -25.75 5.60 -24.66
CA ASN B 730 -24.48 5.79 -24.00
C ASN B 730 -24.20 4.66 -23.02
N GLU B 731 -25.21 4.30 -22.22
CA GLU B 731 -25.05 3.20 -21.29
C GLU B 731 -24.78 1.89 -22.02
N TYR B 732 -25.47 1.69 -23.15
CA TYR B 732 -25.24 0.48 -23.94
C TYR B 732 -23.81 0.42 -24.46
N ILE B 733 -23.34 1.53 -25.04
CA ILE B 733 -22.01 1.57 -25.63
C ILE B 733 -20.94 1.43 -24.56
N GLU B 734 -21.16 1.97 -23.37
CA GLU B 734 -20.22 1.83 -22.27
C GLU B 734 -20.03 0.37 -21.89
N GLN B 735 -20.85 -0.52 -22.47
CA GLN B 735 -20.77 -1.94 -22.21
C GLN B 735 -20.40 -2.74 -23.45
N ARG B 736 -19.98 -2.08 -24.52
CA ARG B 736 -19.62 -2.74 -25.77
C ARG B 736 -18.12 -2.89 -25.90
N LYS B 737 -17.71 -3.93 -26.64
CA LYS B 737 -16.31 -4.12 -26.99
C LYS B 737 -16.02 -3.38 -28.28
N PRO B 738 -15.04 -2.45 -28.31
CA PRO B 738 -14.13 -2.11 -27.22
C PRO B 738 -14.80 -1.30 -26.12
N CYS B 739 -14.51 -1.66 -24.87
CA CYS B 739 -15.04 -0.91 -23.72
C CYS B 739 -14.11 0.25 -23.42
N ASP B 740 -14.12 1.22 -24.32
CA ASP B 740 -13.23 2.38 -24.27
C ASP B 740 -14.00 3.68 -24.11
N THR B 741 -15.20 3.64 -23.55
CA THR B 741 -16.01 4.83 -23.34
C THR B 741 -16.72 4.73 -22.00
N MET B 742 -17.06 5.90 -21.45
CA MET B 742 -17.94 5.94 -20.29
C MET B 742 -18.80 7.20 -20.33
N LYS B 743 -19.91 7.12 -19.60
CA LYS B 743 -20.84 8.21 -19.43
C LYS B 743 -20.47 8.98 -18.18
N VAL B 744 -20.57 10.31 -18.26
CA VAL B 744 -20.19 11.17 -17.14
C VAL B 744 -21.33 12.11 -16.81
N GLY B 745 -21.39 12.49 -15.54
CA GLY B 745 -22.34 13.49 -15.09
C GLY B 745 -23.76 12.98 -15.13
N GLY B 746 -24.68 13.90 -14.84
CA GLY B 746 -26.09 13.61 -14.85
C GLY B 746 -26.68 13.80 -16.23
N ASN B 747 -27.98 14.06 -16.25
CA ASN B 747 -28.72 14.23 -17.50
C ASN B 747 -29.18 15.68 -17.62
N LEU B 748 -29.07 16.20 -18.83
CA LEU B 748 -29.35 17.61 -19.10
C LEU B 748 -30.78 17.86 -19.56
N ASP B 749 -31.57 16.81 -19.70
CA ASP B 749 -32.94 16.92 -20.18
C ASP B 749 -33.71 15.72 -19.66
N SER B 750 -35.04 15.84 -19.68
CA SER B 750 -35.92 14.74 -19.32
C SER B 750 -36.74 14.35 -20.53
N LYS B 751 -36.77 13.06 -20.83
CA LYS B 751 -37.56 12.54 -21.92
C LYS B 751 -38.00 11.12 -21.56
N GLY B 752 -38.93 10.60 -22.34
CA GLY B 752 -39.40 9.24 -22.13
C GLY B 752 -39.72 8.59 -23.46
N TYR B 753 -39.57 7.28 -23.48
CA TYR B 753 -39.96 6.47 -24.63
C TYR B 753 -41.31 5.84 -24.33
N GLY B 754 -42.25 6.03 -25.24
CA GLY B 754 -43.63 5.66 -24.99
C GLY B 754 -44.21 4.80 -26.09
N ILE B 755 -45.08 3.89 -25.67
CA ILE B 755 -45.85 3.08 -26.59
C ILE B 755 -46.91 3.95 -27.25
N ALA B 756 -47.04 3.84 -28.56
CA ALA B 756 -47.96 4.67 -29.32
C ALA B 756 -49.20 3.87 -29.74
N THR B 757 -50.20 4.60 -30.19
CA THR B 757 -51.47 4.02 -30.60
C THR B 757 -52.24 5.02 -31.46
N PRO B 758 -53.01 4.57 -32.45
CA PRO B 758 -53.82 5.53 -33.22
C PRO B 758 -54.92 6.14 -32.37
N LYS B 759 -55.32 7.35 -32.76
CA LYS B 759 -56.38 8.06 -32.05
C LYS B 759 -57.69 7.28 -32.16
N GLY B 760 -58.21 6.83 -31.02
CA GLY B 760 -59.47 6.12 -30.98
C GLY B 760 -59.35 4.62 -30.85
N SER B 761 -58.13 4.07 -30.82
CA SER B 761 -57.96 2.65 -30.62
C SER B 761 -58.38 2.26 -29.21
N SER B 762 -58.94 1.06 -29.09
CA SER B 762 -59.36 0.52 -27.80
C SER B 762 -58.19 -0.01 -26.99
N LEU B 763 -56.96 0.20 -27.44
CA LEU B 763 -55.78 -0.33 -26.79
C LEU B 763 -55.06 0.67 -25.90
N GLY B 764 -55.52 1.91 -25.83
CA GLY B 764 -54.85 2.92 -25.04
C GLY B 764 -54.79 2.62 -23.56
N THR B 765 -55.96 2.60 -22.93
CA THR B 765 -56.01 2.36 -21.48
C THR B 765 -55.35 1.05 -21.08
N PRO B 766 -55.59 -0.07 -21.76
CA PRO B 766 -54.90 -1.31 -21.37
C PRO B 766 -53.39 -1.22 -21.41
N VAL B 767 -52.82 -0.61 -22.45
CA VAL B 767 -51.36 -0.55 -22.52
C VAL B 767 -50.81 0.41 -21.47
N ASN B 768 -51.50 1.53 -21.24
CA ASN B 768 -51.09 2.42 -20.16
C ASN B 768 -51.02 1.65 -18.84
N LEU B 769 -52.10 0.93 -18.53
CA LEU B 769 -52.13 0.20 -17.26
C LEU B 769 -51.11 -0.93 -17.25
N ALA B 770 -50.82 -1.52 -18.40
CA ALA B 770 -49.84 -2.60 -18.45
C ALA B 770 -48.44 -2.08 -18.16
N VAL B 771 -48.05 -0.96 -18.79
CA VAL B 771 -46.73 -0.41 -18.53
C VAL B 771 -46.63 0.05 -17.07
N LEU B 772 -47.70 0.64 -16.54
CA LEU B 772 -47.67 1.07 -15.15
C LEU B 772 -47.50 -0.12 -14.21
N LYS B 773 -48.23 -1.22 -14.47
CA LYS B 773 -48.11 -2.40 -13.63
C LYS B 773 -46.70 -2.99 -13.72
N LEU B 774 -46.17 -3.09 -14.94
CA LEU B 774 -44.82 -3.63 -15.12
C LEU B 774 -43.80 -2.79 -14.36
N SER B 775 -43.91 -1.46 -14.47
CA SER B 775 -42.98 -0.59 -13.77
C SER B 775 -43.10 -0.77 -12.27
N GLU B 776 -44.34 -0.84 -11.76
CA GLU B 776 -44.52 -0.97 -10.31
C GLU B 776 -43.93 -2.28 -9.80
N GLN B 777 -44.14 -3.38 -10.52
CA GLN B 777 -43.64 -4.66 -10.02
C GLN B 777 -42.14 -4.80 -10.27
N GLY B 778 -41.64 -4.29 -11.39
CA GLY B 778 -40.21 -4.23 -11.62
C GLY B 778 -39.72 -5.00 -12.83
N VAL B 779 -40.60 -5.23 -13.80
CA VAL B 779 -40.22 -6.00 -14.97
C VAL B 779 -39.26 -5.20 -15.84
N LEU B 780 -39.59 -3.93 -16.10
CA LEU B 780 -38.81 -3.13 -17.04
C LEU B 780 -37.37 -2.98 -16.57
N ASP B 781 -37.17 -2.77 -15.28
CA ASP B 781 -35.81 -2.68 -14.75
C ASP B 781 -35.06 -3.97 -15.00
N LYS B 782 -35.72 -5.11 -14.80
CA LYS B 782 -35.06 -6.39 -15.04
C LYS B 782 -34.69 -6.55 -16.50
N LEU B 783 -35.57 -6.13 -17.41
CA LEU B 783 -35.26 -6.24 -18.83
C LEU B 783 -34.09 -5.33 -19.19
N LYS B 784 -34.05 -4.13 -18.62
CA LYS B 784 -32.92 -3.24 -18.88
C LYS B 784 -31.62 -3.86 -18.38
N ASN B 785 -31.64 -4.43 -17.18
CA ASN B 785 -30.46 -5.13 -16.68
C ASN B 785 -30.09 -6.27 -17.61
N LYS B 786 -31.08 -6.91 -18.21
CA LYS B 786 -30.82 -8.08 -19.04
C LYS B 786 -30.18 -7.70 -20.37
N TRP B 787 -30.58 -6.57 -20.93
CA TRP B 787 -30.14 -6.19 -22.27
C TRP B 787 -29.07 -5.10 -22.28
N TRP B 788 -28.73 -4.52 -21.14
CA TRP B 788 -27.70 -3.50 -21.06
C TRP B 788 -26.49 -3.97 -20.25
N TYR B 789 -26.71 -4.40 -19.01
CA TYR B 789 -25.62 -4.80 -18.13
C TYR B 789 -25.36 -6.29 -18.24
N ASP B 790 -26.36 -7.11 -17.94
CA ASP B 790 -26.32 -8.50 -18.36
C ASP B 790 -26.47 -8.55 -19.88
N LYS B 791 -25.97 -9.63 -20.47
CA LYS B 791 -25.73 -9.67 -21.91
C LYS B 791 -24.74 -8.59 -22.32
N GLY B 792 -23.99 -8.07 -21.35
CA GLY B 792 -23.00 -7.03 -21.59
C GLY B 792 -21.60 -7.61 -21.44
N GLU B 793 -20.72 -7.23 -22.36
CA GLU B 793 -19.42 -7.87 -22.47
C GLU B 793 -18.56 -7.58 -21.25
N CYS B 794 -18.25 -6.32 -21.00
CA CYS B 794 -17.38 -5.93 -19.90
C CYS B 794 -18.22 -5.56 -18.68
N GLY B 795 -17.92 -6.21 -17.56
CA GLY B 795 -18.62 -5.93 -16.32
C GLY B 795 -18.13 -4.65 -15.67
N ALA B 796 -18.07 -4.65 -14.34
CA ALA B 796 -17.62 -3.48 -13.61
C ALA B 796 -16.83 -3.88 -12.36
N LYS B 802 -5.65 -3.99 -9.31
CA LYS B 802 -5.41 -5.41 -9.16
C LYS B 802 -4.18 -5.83 -9.97
N GLU B 803 -3.95 -5.14 -11.07
CA GLU B 803 -2.81 -5.47 -11.94
C GLU B 803 -1.51 -5.38 -11.15
N LYS B 804 -0.63 -6.35 -11.38
CA LYS B 804 0.66 -6.36 -10.70
C LYS B 804 1.44 -5.09 -11.01
N THR B 805 2.17 -4.62 -10.01
CA THR B 805 2.89 -3.37 -10.14
C THR B 805 4.03 -3.51 -11.13
N SER B 806 4.28 -2.44 -11.87
CA SER B 806 5.30 -2.42 -12.92
C SER B 806 6.55 -1.72 -12.44
N ALA B 807 7.69 -2.21 -12.93
CA ALA B 807 8.96 -1.54 -12.66
C ALA B 807 8.97 -0.15 -13.26
N LEU B 808 9.66 0.76 -12.59
CA LEU B 808 9.77 2.12 -13.09
C LEU B 808 10.56 2.14 -14.38
N SER B 809 10.12 2.97 -15.32
CA SER B 809 10.75 3.13 -16.61
C SER B 809 11.54 4.43 -16.66
N LEU B 810 12.43 4.52 -17.64
CA LEU B 810 13.25 5.71 -17.79
C LEU B 810 12.39 6.95 -17.98
N SER B 811 11.25 6.80 -18.64
CA SER B 811 10.37 7.94 -18.87
C SER B 811 9.87 8.56 -17.58
N ASN B 812 9.84 7.78 -16.49
CA ASN B 812 9.40 8.31 -15.22
C ASN B 812 10.41 9.29 -14.64
N VAL B 813 11.70 9.01 -14.82
CA VAL B 813 12.76 9.76 -14.17
C VAL B 813 13.72 10.37 -15.18
N ALA B 814 13.27 10.59 -16.42
CA ALA B 814 14.11 11.24 -17.40
C ALA B 814 14.45 12.67 -16.99
N GLY B 815 13.59 13.28 -16.18
CA GLY B 815 13.83 14.66 -15.79
C GLY B 815 15.09 14.84 -14.98
N VAL B 816 15.36 13.91 -14.06
CA VAL B 816 16.58 14.03 -13.27
C VAL B 816 17.80 13.86 -14.15
N PHE B 817 17.73 12.99 -15.16
CA PHE B 817 18.86 12.85 -16.07
C PHE B 817 19.09 14.13 -16.86
N TYR B 818 18.02 14.73 -17.38
CA TYR B 818 18.17 15.98 -18.11
C TYR B 818 18.73 17.07 -17.22
N ILE B 819 18.22 17.18 -15.99
CA ILE B 819 18.69 18.17 -15.04
C ILE B 819 20.16 17.95 -14.72
N LEU B 820 20.54 16.70 -14.53
CA LEU B 820 21.93 16.37 -14.20
C LEU B 820 22.86 16.77 -15.33
N VAL B 821 22.50 16.41 -16.56
CA VAL B 821 23.37 16.73 -17.69
C VAL B 821 23.44 18.24 -17.91
N GLY B 822 22.32 18.94 -17.69
CA GLY B 822 22.36 20.39 -17.75
C GLY B 822 23.28 20.98 -16.70
N GLY B 823 23.24 20.43 -15.49
CA GLY B 823 24.13 20.89 -14.44
C GLY B 823 25.59 20.63 -14.78
N LEU B 824 25.88 19.49 -15.41
CA LEU B 824 27.24 19.19 -15.82
C LEU B 824 27.73 20.18 -16.87
N GLY B 825 26.91 20.43 -17.89
CA GLY B 825 27.29 21.42 -18.89
C GLY B 825 27.47 22.81 -18.31
N LEU B 826 26.56 23.20 -17.42
CA LEU B 826 26.68 24.48 -16.74
C LEU B 826 27.96 24.56 -15.91
N ALA B 827 28.30 23.49 -15.21
CA ALA B 827 29.51 23.49 -14.40
C ALA B 827 30.74 23.64 -15.27
N MET B 828 30.77 22.92 -16.39
CA MET B 828 31.92 23.03 -17.30
C MET B 828 32.02 24.45 -17.86
N LEU B 829 30.89 25.05 -18.20
CA LEU B 829 30.91 26.41 -18.74
C LEU B 829 31.40 27.41 -17.69
N VAL B 830 30.86 27.32 -16.47
CA VAL B 830 31.34 28.17 -15.38
C VAL B 830 32.83 27.99 -15.17
N ALA B 831 33.31 26.74 -15.22
CA ALA B 831 34.72 26.48 -15.00
C ALA B 831 35.57 27.16 -16.07
N LEU B 832 35.17 27.04 -17.33
CA LEU B 832 35.94 27.66 -18.41
C LEU B 832 35.90 29.17 -18.30
N ILE B 833 34.75 29.73 -17.91
CA ILE B 833 34.64 31.16 -17.73
C ILE B 833 35.61 31.64 -16.65
N GLU B 834 35.60 30.96 -15.51
CA GLU B 834 36.51 31.34 -14.44
C GLU B 834 37.97 31.21 -14.87
N PHE B 835 38.27 30.16 -15.64
CA PHE B 835 39.65 29.97 -16.10
C PHE B 835 40.09 31.09 -17.02
N CYS B 836 39.26 31.45 -17.99
CA CYS B 836 39.61 32.55 -18.89
C CYS B 836 39.77 33.84 -18.13
N TYR B 837 38.81 34.14 -17.24
CA TYR B 837 38.86 35.39 -16.49
C TYR B 837 40.11 35.47 -15.62
N LYS B 838 40.42 34.38 -14.89
CA LYS B 838 41.58 34.37 -14.02
C LYS B 838 42.87 34.47 -14.82
N SER B 839 42.95 33.77 -15.96
CA SER B 839 44.16 33.84 -16.76
C SER B 839 44.37 35.24 -17.30
N ARG B 840 43.31 35.89 -17.75
CA ARG B 840 43.42 37.27 -18.22
C ARG B 840 43.85 38.19 -17.09
N ALA B 841 43.29 37.99 -15.89
CA ALA B 841 43.63 38.86 -14.77
C ALA B 841 45.09 38.69 -14.35
N GLU B 842 45.52 37.45 -14.17
CA GLU B 842 46.91 37.18 -13.80
C GLU B 842 47.87 37.54 -14.92
N ALA B 843 47.38 37.64 -16.15
CA ALA B 843 48.23 38.06 -17.26
C ALA B 843 48.50 39.56 -17.25
N LYS B 844 47.85 40.31 -16.37
CA LYS B 844 48.03 41.75 -16.30
C LYS B 844 48.42 42.18 -14.89
N ALA C 2 -5.52 30.35 5.20
CA ALA C 2 -4.75 29.24 5.72
C ALA C 2 -3.28 29.37 5.32
N PHE C 3 -2.44 28.49 5.86
CA PHE C 3 -1.02 28.52 5.52
C PHE C 3 -0.83 28.34 4.03
N THR C 4 0.09 29.12 3.46
CA THR C 4 0.36 29.09 2.03
C THR C 4 1.75 29.63 1.79
N PHE C 5 2.13 29.68 0.51
CA PHE C 5 3.47 30.12 0.14
C PHE C 5 3.72 31.56 0.56
N ALA C 6 2.75 32.43 0.32
CA ALA C 6 2.92 33.85 0.64
C ALA C 6 3.09 34.06 2.14
N ALA C 7 2.33 33.33 2.95
CA ALA C 7 2.47 33.47 4.39
C ALA C 7 3.85 33.05 4.87
N PHE C 8 4.39 31.97 4.31
CA PHE C 8 5.74 31.56 4.68
C PHE C 8 6.75 32.61 4.24
N CYS C 9 6.58 33.19 3.05
CA CYS C 9 7.46 34.27 2.63
C CYS C 9 7.41 35.42 3.63
N TYR C 10 6.20 35.78 4.08
CA TYR C 10 6.07 36.87 5.03
C TYR C 10 6.76 36.54 6.35
N MET C 11 6.61 35.29 6.82
CA MET C 11 7.28 34.89 8.06
C MET C 11 8.79 35.02 7.91
N LEU C 12 9.33 34.52 6.81
CA LEU C 12 10.78 34.54 6.63
C LEU C 12 11.30 35.96 6.50
N THR C 13 10.57 36.81 5.78
CA THR C 13 10.97 38.22 5.69
C THR C 13 10.87 38.91 7.04
N LEU C 14 9.87 38.54 7.85
CA LEU C 14 9.76 39.10 9.19
C LEU C 14 10.97 38.72 10.03
N VAL C 15 11.43 37.48 9.91
CA VAL C 15 12.60 37.05 10.66
C VAL C 15 13.85 37.75 10.15
N LEU C 16 13.95 37.97 8.84
CA LEU C 16 15.15 38.56 8.28
C LEU C 16 15.19 40.08 8.37
N CYS C 17 14.06 40.73 8.64
CA CYS C 17 14.06 42.19 8.75
C CYS C 17 14.64 42.65 10.07
N ALA C 18 14.59 41.80 11.10
CA ALA C 18 15.29 42.10 12.34
C ALA C 18 16.78 42.30 12.07
N SER C 19 17.34 41.52 11.15
CA SER C 19 18.75 41.69 10.80
C SER C 19 19.00 43.06 10.18
N LEU C 20 18.10 43.51 9.31
CA LEU C 20 18.25 44.83 8.71
C LEU C 20 18.12 45.93 9.77
N ILE C 21 17.20 45.76 10.72
CA ILE C 21 17.09 46.70 11.81
C ILE C 21 18.39 46.77 12.61
N PHE C 22 18.96 45.60 12.89
CA PHE C 22 20.24 45.53 13.60
C PHE C 22 21.33 46.25 12.82
N PHE C 23 21.36 46.04 11.50
CA PHE C 23 22.39 46.67 10.67
C PHE C 23 22.27 48.18 10.68
N VAL C 24 21.04 48.70 10.54
CA VAL C 24 20.86 50.15 10.52
C VAL C 24 21.15 50.75 11.88
N ILE C 25 20.79 50.05 12.95
CA ILE C 25 21.12 50.53 14.28
C ILE C 25 22.62 50.60 14.47
N TRP C 26 23.33 49.58 14.00
CA TRP C 26 24.80 49.62 14.03
C TRP C 26 25.33 50.79 13.21
N HIS C 27 24.73 51.04 12.04
CA HIS C 27 25.13 52.17 11.22
C HIS C 27 25.02 53.47 12.00
N ILE C 28 23.86 53.70 12.63
CA ILE C 28 23.65 54.98 13.30
C ILE C 28 24.55 55.10 14.52
N ILE C 29 24.81 53.99 15.22
CA ILE C 29 25.72 54.06 16.36
C ILE C 29 27.13 54.41 15.89
N ALA C 30 27.59 53.78 14.81
CA ALA C 30 28.91 54.08 14.29
C ALA C 30 29.00 55.54 13.84
N PHE C 31 27.93 56.05 13.22
CA PHE C 31 27.96 57.43 12.76
C PHE C 31 27.84 58.41 13.92
N ASP C 32 27.17 58.04 15.00
CA ASP C 32 27.18 58.85 16.21
C ASP C 32 28.58 58.91 16.80
N GLU C 33 29.30 57.78 16.79
CA GLU C 33 30.69 57.81 17.23
C GLU C 33 31.54 58.68 16.32
N LEU C 34 31.31 58.59 15.02
CA LEU C 34 32.04 59.43 14.07
C LEU C 34 31.76 60.90 14.33
N ARG C 35 30.51 61.25 14.61
CA ARG C 35 30.18 62.63 14.94
C ARG C 35 30.85 63.06 16.24
N THR C 36 30.85 62.19 17.24
CA THR C 36 31.55 62.51 18.48
C THR C 36 33.02 62.78 18.24
N ASP C 37 33.62 62.07 17.27
CA ASP C 37 35.02 62.33 16.92
C ASP C 37 35.18 63.60 16.10
N PHE C 38 34.19 63.93 15.26
CA PHE C 38 34.33 65.05 14.32
C PHE C 38 34.01 66.38 15.00
N LYS C 39 32.78 66.53 15.50
CA LYS C 39 32.39 67.76 16.18
C LYS C 39 33.32 68.05 17.35
N ASN C 40 33.82 67.01 18.01
CA ASN C 40 34.83 67.22 19.04
C ASN C 40 36.12 67.72 18.38
N PRO C 41 36.95 68.44 19.12
CA PRO C 41 38.14 69.04 18.51
C PRO C 41 38.98 68.00 17.78
N ILE C 42 39.38 68.34 16.56
CA ILE C 42 40.13 67.42 15.70
C ILE C 42 41.63 67.72 15.75
N ASP C 43 42.10 68.42 16.78
CA ASP C 43 43.52 68.70 16.91
C ASP C 43 44.30 67.39 16.97
N GLN C 44 45.36 67.31 16.16
CA GLN C 44 46.20 66.12 16.06
C GLN C 44 47.64 66.45 16.44
N GLY C 45 47.82 67.27 17.47
CA GLY C 45 49.16 67.61 17.91
C GLY C 45 49.95 66.40 18.38
N ASN C 46 49.30 65.52 19.13
CA ASN C 46 49.97 64.31 19.61
C ASN C 46 50.00 63.27 18.49
N PRO C 47 51.19 62.83 18.05
CA PRO C 47 51.21 61.79 17.00
C PRO C 47 50.45 60.54 17.39
N ALA C 48 50.53 60.13 18.65
CA ALA C 48 49.78 58.97 19.11
C ALA C 48 48.29 59.21 19.01
N ARG C 49 47.83 60.40 19.42
CA ARG C 49 46.40 60.70 19.33
C ARG C 49 45.93 60.71 17.88
N ALA C 50 46.71 61.32 16.99
CA ALA C 50 46.35 61.34 15.58
C ALA C 50 46.28 59.92 15.01
N ARG C 51 47.26 59.08 15.34
CA ARG C 51 47.25 57.71 14.85
C ARG C 51 46.04 56.95 15.38
N GLU C 52 45.72 57.11 16.66
CA GLU C 52 44.57 56.43 17.23
C GLU C 52 43.28 56.86 16.56
N ARG C 53 43.11 58.17 16.35
CA ARG C 53 41.90 58.66 15.71
C ARG C 53 41.79 58.15 14.28
N LEU C 54 42.90 58.17 13.54
CA LEU C 54 42.89 57.69 12.16
C LEU C 54 42.54 56.22 12.10
N LYS C 55 43.12 55.41 12.99
CA LYS C 55 42.83 53.99 12.97
C LYS C 55 41.40 53.70 13.40
N ASN C 56 40.86 54.47 14.33
CA ASN C 56 39.46 54.31 14.68
C ASN C 56 38.56 54.62 13.48
N ILE C 57 38.86 55.70 12.77
CA ILE C 57 38.07 56.06 11.59
C ILE C 57 38.15 54.96 10.55
N GLU C 58 39.36 54.46 10.29
CA GLU C 58 39.54 53.39 9.31
C GLU C 58 38.80 52.13 9.72
N ARG C 59 38.87 51.77 11.00
CA ARG C 59 38.19 50.58 11.47
C ARG C 59 36.69 50.70 11.28
N ILE C 60 36.12 51.86 11.64
CA ILE C 60 34.68 52.04 11.50
C ILE C 60 34.28 51.99 10.03
N CYS C 61 35.07 52.62 9.16
CA CYS C 61 34.79 52.57 7.73
C CYS C 61 34.83 51.15 7.20
N CYS C 62 35.83 50.37 7.62
CA CYS C 62 35.92 48.99 7.18
C CYS C 62 34.73 48.18 7.67
N LEU C 63 34.32 48.40 8.92
CA LEU C 63 33.14 47.71 9.44
C LEU C 63 31.91 48.04 8.62
N LEU C 64 31.70 49.32 8.31
CA LEU C 64 30.53 49.70 7.53
C LEU C 64 30.57 49.09 6.14
N ARG C 65 31.74 49.09 5.51
CA ARG C 65 31.84 48.51 4.17
C ARG C 65 31.56 47.01 4.19
N LYS C 66 32.10 46.31 5.18
CA LYS C 66 31.87 44.87 5.28
C LYS C 66 30.42 44.53 5.55
N LEU C 67 29.64 45.50 6.03
CA LEU C 67 28.30 45.26 6.54
C LEU C 67 27.20 45.74 5.60
N VAL C 68 27.55 46.29 4.44
CA VAL C 68 26.55 46.89 3.55
C VAL C 68 25.97 45.86 2.60
N VAL C 69 26.81 45.02 1.99
CA VAL C 69 26.33 44.06 0.99
C VAL C 69 25.25 43.16 1.58
N PRO C 70 25.38 42.63 2.80
CA PRO C 70 24.30 41.79 3.34
C PRO C 70 22.94 42.48 3.34
N GLU C 71 22.89 43.75 3.73
CA GLU C 71 21.63 44.47 3.76
C GLU C 71 20.99 44.51 2.39
N TYR C 72 21.75 44.97 1.39
CA TYR C 72 21.20 45.16 0.05
C TYR C 72 20.78 43.82 -0.54
N SER C 73 21.62 42.80 -0.38
CA SER C 73 21.32 41.51 -0.98
C SER C 73 20.14 40.83 -0.29
N ILE C 74 20.00 41.01 1.01
CA ILE C 74 18.87 40.43 1.72
C ILE C 74 17.57 41.14 1.31
N HIS C 75 17.62 42.46 1.11
CA HIS C 75 16.44 43.15 0.59
C HIS C 75 16.11 42.68 -0.81
N GLY C 76 17.12 42.44 -1.64
CA GLY C 76 16.88 41.86 -2.94
C GLY C 76 16.25 40.49 -2.85
N LEU C 77 16.65 39.70 -1.85
CA LEU C 77 16.01 38.42 -1.60
C LEU C 77 14.53 38.61 -1.28
N PHE C 78 14.22 39.60 -0.44
CA PHE C 78 12.82 39.90 -0.15
C PHE C 78 12.06 40.19 -1.43
N CYS C 79 12.63 41.02 -2.30
CA CYS C 79 11.96 41.38 -3.55
C CYS C 79 11.74 40.16 -4.41
N LEU C 80 12.76 39.30 -4.53
CA LEU C 80 12.63 38.09 -5.34
C LEU C 80 11.54 37.17 -4.78
N MET C 81 11.52 37.00 -3.46
CA MET C 81 10.51 36.15 -2.85
C MET C 81 9.11 36.67 -3.13
N PHE C 82 8.90 37.98 -2.97
CA PHE C 82 7.58 38.54 -3.21
C PHE C 82 7.22 38.49 -4.69
N LEU C 83 8.21 38.51 -5.59
CA LEU C 83 7.92 38.30 -7.00
C LEU C 83 7.43 36.88 -7.24
N CYS C 84 8.16 35.89 -6.74
CA CYS C 84 7.80 34.50 -7.01
C CYS C 84 6.46 34.15 -6.40
N ALA C 85 6.19 34.64 -5.19
CA ALA C 85 4.91 34.39 -4.54
C ALA C 85 3.76 35.15 -5.18
N ALA C 86 4.04 36.07 -6.10
CA ALA C 86 3.00 36.87 -6.75
C ALA C 86 2.27 37.74 -5.73
N GLU C 87 3.04 38.43 -4.89
CA GLU C 87 2.52 39.45 -3.99
C GLU C 87 2.95 40.79 -4.57
N TRP C 88 2.07 41.36 -5.39
CA TRP C 88 2.44 42.51 -6.22
C TRP C 88 2.57 43.79 -5.41
N VAL C 89 1.69 43.99 -4.42
CA VAL C 89 1.70 45.24 -3.67
C VAL C 89 3.02 45.42 -2.93
N THR C 90 3.42 44.39 -2.17
CA THR C 90 4.65 44.49 -1.40
C THR C 90 5.86 44.66 -2.30
N LEU C 91 5.87 43.95 -3.43
CA LEU C 91 6.96 44.10 -4.38
C LEU C 91 7.03 45.53 -4.90
N GLY C 92 5.87 46.14 -5.17
CA GLY C 92 5.87 47.53 -5.59
C GLY C 92 6.41 48.45 -4.51
N LEU C 93 6.00 48.24 -3.26
CA LEU C 93 6.52 49.05 -2.16
C LEU C 93 8.03 48.89 -2.01
N ASN C 94 8.57 47.72 -2.36
CA ASN C 94 9.98 47.45 -2.08
C ASN C 94 10.90 47.75 -3.25
N ILE C 95 10.39 47.81 -4.48
CA ILE C 95 11.24 48.09 -5.64
C ILE C 95 11.97 49.42 -5.49
N PRO C 96 11.34 50.51 -5.05
CA PRO C 96 12.10 51.78 -4.98
C PRO C 96 13.35 51.70 -4.12
N LEU C 97 13.26 51.07 -2.95
CA LEU C 97 14.44 50.93 -2.12
C LEU C 97 15.48 50.04 -2.77
N LEU C 98 15.03 48.99 -3.48
CA LEU C 98 15.95 48.16 -4.24
C LEU C 98 16.75 49.00 -5.23
N PHE C 99 16.07 49.83 -6.01
CA PHE C 99 16.77 50.64 -7.00
C PHE C 99 17.65 51.70 -6.32
N TYR C 100 17.20 52.25 -5.21
CA TYR C 100 18.04 53.22 -4.50
C TYR C 100 19.33 52.57 -4.02
N HIS C 101 19.23 51.36 -3.46
CA HIS C 101 20.44 50.65 -3.03
C HIS C 101 21.33 50.32 -4.22
N LEU C 102 20.73 49.90 -5.32
CA LEU C 102 21.51 49.61 -6.52
C LEU C 102 22.29 50.85 -6.96
N TRP C 103 21.61 51.99 -7.04
CA TRP C 103 22.23 53.22 -7.46
C TRP C 103 23.35 53.61 -6.49
N ARG C 104 23.06 53.52 -5.19
CA ARG C 104 24.02 53.90 -4.16
C ARG C 104 25.28 53.04 -4.25
N TYR C 105 25.12 51.74 -4.47
CA TYR C 105 26.27 50.85 -4.51
C TYR C 105 27.07 51.01 -5.80
N PHE C 106 26.40 51.26 -6.92
CA PHE C 106 27.04 51.24 -8.23
C PHE C 106 27.37 52.62 -8.80
N HIS C 107 27.17 53.69 -8.04
CA HIS C 107 27.56 55.03 -8.47
C HIS C 107 28.89 55.47 -7.89
N ARG C 108 29.08 55.32 -6.59
CA ARG C 108 30.29 55.81 -5.96
C ARG C 108 30.42 57.29 -6.30
N PRO C 109 29.52 58.13 -5.79
CA PRO C 109 29.62 59.56 -6.08
C PRO C 109 30.95 60.15 -5.68
N ALA C 110 31.60 59.56 -4.68
CA ALA C 110 32.95 59.98 -4.33
C ALA C 110 33.87 59.82 -5.54
N ASP C 111 34.70 60.83 -5.77
CA ASP C 111 35.58 60.82 -6.94
C ASP C 111 36.53 59.64 -6.91
N GLY C 112 36.86 59.14 -5.73
CA GLY C 112 37.77 57.99 -5.65
C GLY C 112 37.21 56.77 -6.35
N SER C 113 35.95 56.44 -6.07
CA SER C 113 35.26 55.34 -6.73
C SER C 113 35.98 54.02 -6.53
N GLU C 114 36.33 53.72 -5.28
CA GLU C 114 36.94 52.44 -4.93
C GLU C 114 36.21 51.82 -3.75
N VAL C 115 35.59 52.65 -2.90
CA VAL C 115 34.82 52.18 -1.76
C VAL C 115 33.61 53.08 -1.58
N MET C 116 32.51 52.49 -1.11
CA MET C 116 31.34 53.29 -0.78
C MET C 116 31.68 54.33 0.27
N TYR C 117 32.28 53.89 1.37
CA TYR C 117 32.78 54.77 2.42
C TYR C 117 34.29 54.75 2.37
N ASP C 118 34.90 55.92 2.27
CA ASP C 118 36.34 56.06 2.21
C ASP C 118 36.81 56.92 3.37
N ALA C 119 37.78 56.40 4.14
CA ALA C 119 38.23 57.11 5.32
C ALA C 119 38.60 58.56 5.00
N VAL C 120 39.25 58.78 3.86
CA VAL C 120 39.65 60.13 3.48
C VAL C 120 38.43 60.99 3.19
N SER C 121 37.48 60.46 2.42
CA SER C 121 36.26 61.21 2.13
C SER C 121 35.37 61.30 3.36
N ILE C 122 35.35 60.25 4.18
CA ILE C 122 34.63 60.31 5.44
C ILE C 122 35.25 61.41 6.31
N MET C 123 34.50 61.80 7.34
CA MET C 123 34.78 62.91 8.25
C MET C 123 34.31 64.22 7.64
N ASN C 124 33.80 64.20 6.40
CA ASN C 124 33.21 65.38 5.79
C ASN C 124 31.80 65.59 6.35
N ALA C 125 31.49 66.82 6.72
CA ALA C 125 30.21 67.09 7.39
C ALA C 125 29.04 66.77 6.48
N ASP C 126 29.12 67.15 5.20
CA ASP C 126 28.03 66.86 4.27
C ASP C 126 27.78 65.36 4.17
N ILE C 127 28.84 64.61 3.89
CA ILE C 127 28.71 63.16 3.73
C ILE C 127 28.25 62.52 5.04
N LEU C 128 28.81 62.96 6.17
CA LEU C 128 28.42 62.42 7.45
C LEU C 128 26.93 62.62 7.72
N ASN C 129 26.45 63.84 7.50
CA ASN C 129 25.05 64.16 7.77
C ASN C 129 24.13 63.41 6.82
N TYR C 130 24.53 63.30 5.54
CA TYR C 130 23.71 62.56 4.59
C TYR C 130 23.60 61.10 5.01
N CYS C 131 24.71 60.49 5.42
CA CYS C 131 24.67 59.11 5.86
C CYS C 131 23.80 58.95 7.10
N GLN C 132 23.89 59.89 8.04
CA GLN C 132 23.08 59.82 9.25
C GLN C 132 21.59 59.87 8.91
N LYS C 133 21.21 60.82 8.06
CA LYS C 133 19.80 60.95 7.69
C LYS C 133 19.32 59.73 6.92
N GLU C 134 20.15 59.23 5.99
CA GLU C 134 19.78 58.04 5.24
C GLU C 134 19.56 56.86 6.18
N SER C 135 20.46 56.66 7.13
CA SER C 135 20.34 55.56 8.08
C SER C 135 19.06 55.69 8.89
N TRP C 136 18.75 56.90 9.36
CA TRP C 136 17.54 57.08 10.17
C TRP C 136 16.28 56.78 9.36
N CYS C 137 16.21 57.31 8.14
CA CYS C 137 15.06 57.04 7.29
C CYS C 137 14.94 55.56 6.98
N LYS C 138 16.08 54.90 6.74
CA LYS C 138 16.07 53.47 6.46
C LYS C 138 15.58 52.68 7.66
N LEU C 139 15.98 53.09 8.86
CA LEU C 139 15.50 52.43 10.08
C LEU C 139 13.98 52.57 10.20
N ALA C 140 13.46 53.77 9.95
CA ALA C 140 12.02 53.96 10.00
C ALA C 140 11.32 53.07 8.97
N PHE C 141 11.87 53.03 7.75
CA PHE C 141 11.27 52.21 6.70
C PHE C 141 11.28 50.74 7.09
N TYR C 142 12.38 50.25 7.66
CA TYR C 142 12.48 48.85 8.01
C TYR C 142 11.52 48.50 9.14
N LEU C 143 11.36 49.40 10.11
CA LEU C 143 10.38 49.17 11.16
C LEU C 143 8.97 49.07 10.58
N LEU C 144 8.62 50.02 9.71
CA LEU C 144 7.28 50.01 9.13
C LEU C 144 7.06 48.75 8.29
N SER C 145 8.07 48.36 7.51
CA SER C 145 7.94 47.16 6.68
C SER C 145 7.83 45.91 7.54
N PHE C 146 8.55 45.86 8.66
CA PHE C 146 8.44 44.73 9.56
C PHE C 146 7.01 44.60 10.09
N PHE C 147 6.43 45.71 10.53
CA PHE C 147 5.07 45.64 11.06
C PHE C 147 4.07 45.30 9.95
N TYR C 148 4.28 45.84 8.76
CA TYR C 148 3.42 45.50 7.62
C TYR C 148 3.50 44.01 7.30
N TYR C 149 4.71 43.45 7.33
CA TYR C 149 4.87 42.03 7.06
C TYR C 149 4.16 41.20 8.11
N LEU C 150 4.28 41.59 9.38
CA LEU C 150 3.58 40.87 10.44
C LEU C 150 2.07 40.89 10.21
N TYR C 151 1.54 42.08 9.90
CA TYR C 151 0.10 42.19 9.67
C TYR C 151 -0.33 41.34 8.50
N SER C 152 0.42 41.38 7.40
CA SER C 152 0.05 40.59 6.22
C SER C 152 0.12 39.11 6.52
N MET C 153 1.13 38.68 7.28
CA MET C 153 1.23 37.28 7.66
C MET C 153 0.01 36.83 8.45
N VAL C 154 -0.37 37.61 9.46
CA VAL C 154 -1.54 37.24 10.26
C VAL C 154 -2.79 37.22 9.40
N TYR C 155 -2.95 38.23 8.55
CA TYR C 155 -4.11 38.30 7.67
C TYR C 155 -4.21 37.06 6.79
N THR C 156 -3.09 36.68 6.16
CA THR C 156 -3.10 35.54 5.26
C THR C 156 -3.34 34.24 6.03
N LEU C 157 -2.82 34.13 7.25
CA LEU C 157 -3.03 32.92 8.03
C LEU C 157 -4.50 32.75 8.41
N VAL C 158 -5.10 33.79 8.98
CA VAL C 158 -6.45 33.64 9.53
C VAL C 158 -7.44 33.31 8.42
N SER C 159 -7.28 33.92 7.25
CA SER C 159 -8.19 33.66 6.13
C SER C 159 -7.87 32.33 5.47
N GLU D 15 54.50 7.41 -20.91
CA GLU D 15 54.96 8.80 -21.07
C GLU D 15 53.96 9.62 -21.86
N LYS D 16 54.33 10.85 -22.20
CA LYS D 16 53.42 11.74 -22.92
C LYS D 16 53.10 11.19 -24.30
N GLY D 17 54.10 10.67 -25.00
CA GLY D 17 53.88 10.19 -26.36
C GLY D 17 52.86 9.07 -26.41
N VAL D 18 53.00 8.08 -25.51
CA VAL D 18 52.08 6.95 -25.51
C VAL D 18 50.68 7.40 -25.14
N GLN D 19 50.57 8.34 -24.19
CA GLN D 19 49.25 8.84 -23.81
C GLN D 19 48.58 9.55 -24.98
N VAL D 20 49.34 10.36 -25.72
CA VAL D 20 48.78 11.04 -26.89
C VAL D 20 48.37 10.02 -27.94
N LEU D 21 49.17 8.97 -28.10
CA LEU D 21 48.85 7.93 -29.07
C LEU D 21 47.54 7.25 -28.71
N LEU D 22 47.39 6.88 -27.43
CA LEU D 22 46.14 6.30 -26.96
C LEU D 22 44.97 7.25 -27.17
N THR D 23 45.18 8.54 -26.91
CA THR D 23 44.11 9.51 -27.09
C THR D 23 43.65 9.56 -28.54
N THR D 24 44.60 9.63 -29.48
CA THR D 24 44.23 9.69 -30.89
C THR D 24 43.57 8.40 -31.34
N ILE D 25 44.09 7.26 -30.90
CA ILE D 25 43.49 5.98 -31.26
C ILE D 25 42.06 5.91 -30.73
N GLY D 26 41.85 6.32 -29.48
CA GLY D 26 40.53 6.31 -28.91
C GLY D 26 39.57 7.25 -29.64
N ALA D 27 40.07 8.42 -30.05
CA ALA D 27 39.24 9.33 -30.80
C ALA D 27 38.79 8.71 -32.12
N PHE D 28 39.74 8.13 -32.85
CA PHE D 28 39.39 7.49 -34.12
C PHE D 28 38.41 6.35 -33.90
N ALA D 29 38.67 5.51 -32.89
CA ALA D 29 37.81 4.36 -32.64
C ALA D 29 36.41 4.78 -32.23
N ALA D 30 36.30 5.77 -31.35
CA ALA D 30 35.00 6.23 -30.90
C ALA D 30 34.21 6.86 -32.05
N PHE D 31 34.88 7.68 -32.86
CA PHE D 31 34.23 8.26 -34.03
C PHE D 31 33.71 7.17 -34.95
N GLY D 32 34.54 6.16 -35.22
CA GLY D 32 34.12 5.08 -36.10
C GLY D 32 32.95 4.30 -35.54
N LEU D 33 33.02 3.96 -34.25
CA LEU D 33 31.94 3.22 -33.62
C LEU D 33 30.64 4.00 -33.66
N MET D 34 30.69 5.30 -33.37
CA MET D 34 29.46 6.08 -33.34
C MET D 34 28.89 6.27 -34.74
N THR D 35 29.74 6.50 -35.74
CA THR D 35 29.26 6.57 -37.11
C THR D 35 28.63 5.25 -37.54
N ILE D 36 29.26 4.14 -37.16
CA ILE D 36 28.71 2.82 -37.48
C ILE D 36 27.34 2.66 -36.84
N ALA D 37 27.23 3.03 -35.56
CA ALA D 37 25.97 2.85 -34.85
C ALA D 37 24.87 3.71 -35.47
N ILE D 38 25.21 4.95 -35.82
CA ILE D 38 24.21 5.84 -36.43
C ILE D 38 23.76 5.29 -37.78
N SER D 39 24.72 4.96 -38.64
CA SER D 39 24.38 4.44 -39.97
C SER D 39 23.74 3.07 -39.87
N THR D 40 24.21 2.23 -38.97
CA THR D 40 23.67 0.88 -38.82
C THR D 40 22.23 0.92 -38.35
N ASP D 41 21.51 -0.15 -38.63
CA ASP D 41 20.10 -0.26 -38.29
C ASP D 41 19.83 -1.53 -37.48
N TYR D 42 20.65 -1.77 -36.46
CA TYR D 42 20.51 -2.92 -35.58
C TYR D 42 20.47 -2.50 -34.12
N TRP D 43 19.71 -1.44 -33.82
CA TRP D 43 19.62 -0.97 -32.45
C TRP D 43 18.66 -1.82 -31.62
N LEU D 44 17.46 -2.04 -32.14
CA LEU D 44 16.36 -2.62 -31.38
C LEU D 44 15.79 -3.81 -32.13
N TYR D 45 15.64 -4.93 -31.43
CA TYR D 45 14.97 -6.12 -31.94
C TYR D 45 13.60 -6.19 -31.28
N THR D 46 12.54 -6.15 -32.06
CA THR D 46 11.20 -6.10 -31.49
C THR D 46 10.22 -6.77 -32.44
N ARG D 47 8.93 -6.59 -32.15
CA ARG D 47 7.84 -7.08 -32.98
C ARG D 47 6.96 -5.90 -33.35
N ALA D 48 6.65 -5.76 -34.64
CA ALA D 48 5.91 -4.62 -35.13
C ALA D 48 4.72 -5.07 -35.96
N LEU D 49 3.67 -4.24 -35.92
CA LEU D 49 2.47 -4.54 -36.70
C LEU D 49 2.75 -4.49 -38.19
N ILE D 50 3.56 -3.54 -38.64
CA ILE D 50 3.83 -3.38 -40.07
C ILE D 50 5.02 -4.28 -40.38
N CYS D 51 4.73 -5.57 -40.53
CA CYS D 51 5.72 -6.52 -40.99
C CYS D 51 5.14 -7.60 -41.90
N ASN D 52 3.86 -7.52 -42.27
CA ASN D 52 3.23 -8.52 -43.12
C ASN D 52 3.13 -9.88 -42.42
N THR D 53 3.06 -9.86 -41.10
CA THR D 53 2.95 -11.09 -40.33
C THR D 53 4.18 -11.97 -40.51
N PRO D 77 1.08 -10.44 -32.40
CA PRO D 77 0.91 -8.97 -32.44
C PRO D 77 1.67 -8.32 -33.60
N GLY D 78 2.53 -9.07 -34.25
CA GLY D 78 3.29 -8.54 -35.36
C GLY D 78 4.45 -9.46 -35.71
N GLY D 79 5.27 -8.97 -36.64
CA GLY D 79 6.44 -9.71 -37.09
C GLY D 79 7.72 -9.15 -36.52
N LEU D 80 8.73 -10.01 -36.48
CA LEU D 80 10.04 -9.59 -35.97
C LEU D 80 10.63 -8.50 -36.84
N THR D 81 11.26 -7.52 -36.20
CA THR D 81 11.89 -6.41 -36.87
C THR D 81 13.19 -6.06 -36.15
N HIS D 82 14.17 -5.60 -36.93
CA HIS D 82 15.37 -5.00 -36.35
C HIS D 82 15.42 -3.58 -36.91
N SER D 83 15.54 -2.61 -36.00
CA SER D 83 15.42 -1.21 -36.32
C SER D 83 16.71 -0.47 -36.00
N GLY D 84 16.65 0.84 -36.14
CA GLY D 84 17.78 1.70 -35.87
C GLY D 84 17.31 3.09 -35.51
N LEU D 85 18.02 4.10 -36.01
CA LEU D 85 17.61 5.48 -35.79
C LEU D 85 16.71 6.00 -36.89
N TRP D 86 16.89 5.50 -38.11
CA TRP D 86 16.19 6.02 -39.28
C TRP D 86 15.21 5.03 -39.88
N ARG D 87 15.64 3.80 -40.14
CA ARG D 87 14.86 2.84 -40.90
C ARG D 87 14.71 1.55 -40.12
N ILE D 88 13.71 0.76 -40.51
CA ILE D 88 13.39 -0.51 -39.87
C ILE D 88 13.32 -1.59 -40.94
N CYS D 89 13.83 -2.77 -40.60
CA CYS D 89 13.95 -3.89 -41.52
C CYS D 89 13.24 -5.08 -40.91
N CYS D 90 12.39 -5.75 -41.69
CA CYS D 90 11.77 -6.97 -41.20
C CYS D 90 12.68 -8.18 -41.43
N LEU D 91 12.65 -9.09 -40.47
CA LEU D 91 13.33 -10.37 -40.57
C LEU D 91 12.34 -11.47 -40.18
N GLU D 92 12.56 -12.66 -40.73
CA GLU D 92 11.67 -13.79 -40.49
C GLU D 92 10.23 -13.42 -40.84
N GLY D 93 10.03 -13.09 -42.12
CA GLY D 93 8.72 -12.72 -42.60
C GLY D 93 8.70 -12.74 -44.12
N LEU D 94 7.48 -12.67 -44.67
CA LEU D 94 7.33 -12.65 -46.12
C LEU D 94 8.05 -11.47 -46.74
N LYS D 95 7.88 -10.28 -46.15
CA LYS D 95 8.62 -9.11 -46.57
C LYS D 95 9.99 -9.11 -45.88
N ARG D 96 10.75 -10.17 -46.07
CA ARG D 96 12.06 -10.28 -45.43
C ARG D 96 13.11 -9.51 -46.22
N GLY D 97 13.85 -8.67 -45.51
CA GLY D 97 14.94 -7.91 -46.07
C GLY D 97 14.58 -6.51 -46.50
N VAL D 98 13.29 -6.21 -46.66
CA VAL D 98 12.89 -4.87 -47.09
C VAL D 98 12.97 -3.93 -45.91
N CYS D 99 13.68 -2.82 -46.10
CA CYS D 99 13.83 -1.79 -45.08
C CYS D 99 13.15 -0.51 -45.50
N VAL D 100 12.39 0.08 -44.58
CA VAL D 100 11.55 1.23 -44.84
C VAL D 100 11.83 2.29 -43.80
N LYS D 101 11.77 3.56 -44.22
CA LYS D 101 12.01 4.66 -43.30
C LYS D 101 10.99 4.64 -42.17
N ILE D 102 11.45 4.96 -40.98
CA ILE D 102 10.60 4.94 -39.79
C ILE D 102 9.63 6.10 -39.85
N ASN D 103 8.37 5.83 -39.52
CA ASN D 103 7.30 6.82 -39.58
C ASN D 103 7.06 7.34 -38.16
N HIS D 104 7.81 8.37 -37.79
CA HIS D 104 7.56 9.03 -36.52
C HIS D 104 6.18 9.70 -36.57
N PHE D 105 5.80 10.27 -35.43
CA PHE D 105 4.52 10.96 -35.32
C PHE D 105 3.36 10.00 -35.60
N ASP D 114 0.48 18.22 -26.00
CA ASP D 114 1.54 17.25 -26.24
C ASP D 114 2.79 17.93 -26.76
N SER D 115 3.08 19.12 -26.24
CA SER D 115 4.25 19.87 -26.70
C SER D 115 5.53 19.12 -26.39
N ALA D 116 5.65 18.57 -25.19
CA ALA D 116 6.85 17.82 -24.82
C ALA D 116 7.00 16.57 -25.68
N GLU D 117 5.90 15.87 -25.95
CA GLU D 117 5.96 14.71 -26.83
C GLU D 117 6.40 15.12 -28.23
N TYR D 118 5.91 16.27 -28.70
CA TYR D 118 6.33 16.76 -30.02
C TYR D 118 7.81 17.05 -30.05
N LEU D 119 8.33 17.73 -29.03
CA LEU D 119 9.75 18.04 -28.98
C LEU D 119 10.58 16.75 -28.93
N LEU D 120 10.13 15.77 -28.13
CA LEU D 120 10.86 14.52 -28.05
C LEU D 120 10.87 13.80 -29.39
N ARG D 121 9.75 13.79 -30.09
CA ARG D 121 9.69 13.16 -31.39
C ARG D 121 10.63 13.86 -32.36
N VAL D 122 10.67 15.19 -32.32
CA VAL D 122 11.55 15.95 -33.21
C VAL D 122 13.01 15.59 -32.93
N VAL D 123 13.39 15.62 -31.65
CA VAL D 123 14.78 15.35 -31.29
C VAL D 123 15.16 13.92 -31.66
N ARG D 124 14.26 12.97 -31.45
CA ARG D 124 14.53 11.58 -31.79
C ARG D 124 14.66 11.41 -33.29
N ALA D 125 13.84 12.10 -34.08
CA ALA D 125 13.93 12.00 -35.53
C ALA D 125 15.24 12.58 -36.04
N SER D 126 15.57 13.80 -35.59
CA SER D 126 16.80 14.43 -36.06
C SER D 126 18.03 13.65 -35.63
N SER D 127 17.97 13.00 -34.48
CA SER D 127 19.13 12.30 -33.92
C SER D 127 20.32 13.25 -33.82
N ILE D 128 20.03 14.50 -33.46
CA ILE D 128 21.07 15.52 -33.45
C ILE D 128 22.10 15.27 -32.37
N PHE D 129 21.75 14.52 -31.32
CA PHE D 129 22.65 14.36 -30.20
C PHE D 129 23.75 13.34 -30.50
N PRO D 130 23.42 12.14 -31.00
CA PRO D 130 24.51 11.25 -31.44
C PRO D 130 25.38 11.84 -32.54
N ILE D 131 24.75 12.54 -33.49
CA ILE D 131 25.51 13.17 -34.55
C ILE D 131 26.45 14.23 -33.99
N LEU D 132 25.95 15.02 -33.03
CA LEU D 132 26.79 16.00 -32.36
C LEU D 132 27.93 15.32 -31.61
N SER D 133 27.66 14.18 -30.99
CA SER D 133 28.71 13.45 -30.31
C SER D 133 29.81 13.06 -31.29
N ALA D 134 29.43 12.53 -32.45
CA ALA D 134 30.42 12.13 -33.44
C ALA D 134 31.19 13.36 -33.95
N ILE D 135 30.49 14.46 -34.20
CA ILE D 135 31.14 15.67 -34.70
C ILE D 135 32.16 16.18 -33.68
N LEU D 136 31.76 16.22 -32.41
CA LEU D 136 32.66 16.70 -31.37
C LEU D 136 33.86 15.78 -31.21
N LEU D 137 33.66 14.48 -31.34
CA LEU D 137 34.79 13.55 -31.31
C LEU D 137 35.75 13.83 -32.45
N LEU D 138 35.21 14.08 -33.65
CA LEU D 138 36.06 14.41 -34.80
C LEU D 138 36.86 15.67 -34.54
N LEU D 139 36.19 16.72 -34.06
CA LEU D 139 36.89 17.98 -33.80
C LEU D 139 37.93 17.81 -32.72
N GLY D 140 37.65 17.00 -31.70
CA GLY D 140 38.63 16.76 -30.66
C GLY D 140 39.85 16.02 -31.18
N GLY D 141 39.65 15.02 -32.03
CA GLY D 141 40.77 14.35 -32.65
C GLY D 141 41.60 15.30 -33.50
N VAL D 142 40.93 16.20 -34.22
CA VAL D 142 41.63 17.20 -35.01
C VAL D 142 42.46 18.10 -34.11
N CYS D 143 41.88 18.54 -32.99
CA CYS D 143 42.61 19.39 -32.06
C CYS D 143 43.82 18.66 -31.49
N VAL D 144 43.68 17.36 -31.22
CA VAL D 144 44.81 16.58 -30.72
C VAL D 144 45.91 16.53 -31.78
N ALA D 145 45.53 16.29 -33.03
CA ALA D 145 46.52 16.27 -34.10
C ALA D 145 47.24 17.60 -34.20
N ALA D 146 46.50 18.70 -34.05
CA ALA D 146 47.15 20.01 -34.02
C ALA D 146 48.11 20.11 -32.84
N SER D 147 47.70 19.62 -31.68
CA SER D 147 48.58 19.60 -30.52
C SER D 147 49.86 18.83 -30.81
N ARG D 148 49.78 17.87 -31.74
CA ARG D 148 50.98 17.18 -32.21
C ARG D 148 51.84 18.06 -33.11
N VAL D 149 51.42 19.28 -33.40
CA VAL D 149 52.16 20.19 -34.27
C VAL D 149 52.53 21.45 -33.51
N TYR D 150 51.53 22.21 -33.08
CA TYR D 150 51.75 23.40 -32.26
C TYR D 150 51.99 22.97 -30.80
N LYS D 151 53.15 22.37 -30.59
CA LYS D 151 53.50 21.90 -29.25
C LYS D 151 53.56 23.03 -28.24
N SER D 152 53.68 24.28 -28.71
CA SER D 152 53.74 25.42 -27.80
C SER D 152 52.36 25.71 -27.21
N LYS D 153 51.38 25.92 -28.07
CA LYS D 153 50.02 26.22 -27.61
C LYS D 153 49.48 25.06 -26.80
N ARG D 154 49.33 25.24 -25.49
CA ARG D 154 48.87 24.18 -24.60
C ARG D 154 47.37 24.16 -24.40
N ASN D 155 46.65 25.17 -24.90
CA ASN D 155 45.21 25.25 -24.73
C ASN D 155 44.45 24.57 -25.87
N ILE D 156 45.08 23.58 -26.50
CA ILE D 156 44.46 22.82 -27.58
C ILE D 156 44.05 21.43 -27.10
N ILE D 157 44.97 20.74 -26.44
CA ILE D 157 44.72 19.43 -25.86
C ILE D 157 43.73 19.57 -24.71
N LEU D 158 43.40 20.81 -24.36
CA LEU D 158 42.31 21.09 -23.42
C LEU D 158 40.97 21.13 -24.14
N GLY D 159 40.90 21.83 -25.26
CA GLY D 159 39.70 21.82 -26.06
C GLY D 159 39.33 20.41 -26.49
N ALA D 160 40.34 19.60 -26.80
CA ALA D 160 40.09 18.21 -27.15
C ALA D 160 39.36 17.48 -26.03
N GLY D 161 39.84 17.64 -24.80
CA GLY D 161 39.21 16.97 -23.68
C GLY D 161 37.81 17.48 -23.41
N ILE D 162 37.61 18.79 -23.49
CA ILE D 162 36.29 19.35 -23.29
C ILE D 162 35.33 18.78 -24.33
N LEU D 163 35.77 18.72 -25.58
CA LEU D 163 34.91 18.21 -26.64
C LEU D 163 34.60 16.73 -26.43
N PHE D 164 35.58 15.94 -26.01
CA PHE D 164 35.32 14.53 -25.76
C PHE D 164 34.30 14.34 -24.65
N VAL D 165 34.45 15.09 -23.55
CA VAL D 165 33.51 14.97 -22.45
C VAL D 165 32.11 15.40 -22.88
N ALA D 166 32.01 16.50 -23.62
CA ALA D 166 30.72 16.95 -24.11
C ALA D 166 30.09 15.93 -25.06
N ALA D 167 30.91 15.27 -25.87
CA ALA D 167 30.42 14.22 -26.75
C ALA D 167 29.83 13.08 -25.94
N GLY D 168 30.51 12.68 -24.86
CA GLY D 168 29.95 11.66 -23.99
C GLY D 168 28.61 12.07 -23.42
N LEU D 169 28.50 13.32 -22.98
CA LEU D 169 27.23 13.79 -22.45
C LEU D 169 26.14 13.75 -23.51
N SER D 170 26.46 14.18 -24.72
CA SER D 170 25.47 14.17 -25.80
C SER D 170 25.03 12.75 -26.13
N ASN D 171 25.96 11.80 -26.09
CA ASN D 171 25.59 10.41 -26.30
C ASN D 171 24.65 9.93 -25.21
N ILE D 172 24.92 10.29 -23.96
CA ILE D 172 23.99 9.94 -22.88
C ILE D 172 22.60 10.46 -23.20
N ILE D 173 22.52 11.73 -23.61
CA ILE D 173 21.24 12.36 -23.88
C ILE D 173 20.53 11.65 -25.02
N GLY D 174 21.27 11.31 -26.07
CA GLY D 174 20.66 10.61 -27.19
C GLY D 174 20.13 9.25 -26.81
N VAL D 175 20.88 8.53 -25.96
CA VAL D 175 20.41 7.23 -25.48
C VAL D 175 19.11 7.39 -24.69
N ILE D 176 19.08 8.39 -23.81
CA ILE D 176 17.88 8.63 -23.01
C ILE D 176 16.70 8.95 -23.91
N VAL D 177 16.91 9.82 -24.90
CA VAL D 177 15.84 10.20 -25.80
C VAL D 177 15.33 8.99 -26.58
N TYR D 178 16.25 8.19 -27.10
CA TYR D 178 15.86 7.00 -27.85
C TYR D 178 15.01 6.07 -27.01
N ILE D 179 15.49 5.76 -25.80
CA ILE D 179 14.76 4.84 -24.94
C ILE D 179 13.40 5.40 -24.57
N SER D 180 13.34 6.70 -24.25
CA SER D 180 12.08 7.30 -23.88
C SER D 180 11.09 7.29 -25.03
N ALA D 181 11.55 7.60 -26.24
CA ALA D 181 10.67 7.68 -27.39
C ALA D 181 10.13 6.32 -27.79
N ASN D 182 10.97 5.29 -27.72
CA ASN D 182 10.50 3.95 -28.07
C ASN D 182 9.26 3.57 -27.27
N ALA D 183 9.26 3.89 -25.97
CA ALA D 183 8.14 3.53 -25.12
C ALA D 183 6.88 4.28 -25.54
N GLY D 184 5.74 3.61 -25.36
CA GLY D 184 4.45 4.20 -25.69
C GLY D 184 3.34 3.52 -24.93
N GLU D 185 2.16 4.12 -25.01
CA GLU D 185 0.98 3.60 -24.34
C GLU D 185 -0.21 4.52 -24.58
N LYS D 195 5.25 -6.61 -29.14
CA LYS D 195 5.02 -5.51 -28.21
C LYS D 195 5.54 -5.86 -26.82
N ASN D 196 6.55 -6.71 -26.77
CA ASN D 196 7.15 -7.14 -25.51
C ASN D 196 8.38 -7.97 -25.85
N HIS D 197 9.10 -8.38 -24.80
CA HIS D 197 10.28 -9.22 -24.95
C HIS D 197 11.30 -8.60 -25.90
N TYR D 198 11.27 -7.28 -26.04
CA TYR D 198 12.19 -6.60 -26.92
C TYR D 198 13.61 -6.70 -26.38
N SER D 199 14.57 -6.23 -27.19
CA SER D 199 15.97 -6.34 -26.84
C SER D 199 16.76 -5.30 -27.63
N TYR D 200 17.98 -5.06 -27.18
CA TYR D 200 18.86 -4.07 -27.78
C TYR D 200 19.98 -4.77 -28.52
N GLY D 201 20.38 -4.20 -29.66
CA GLY D 201 21.37 -4.79 -30.53
C GLY D 201 22.76 -4.24 -30.31
N TRP D 202 23.68 -4.73 -31.13
CA TRP D 202 25.10 -4.38 -30.98
C TRP D 202 25.38 -2.93 -31.35
N SER D 203 24.50 -2.27 -32.10
CA SER D 203 24.69 -0.86 -32.40
C SER D 203 24.52 0.01 -31.15
N PHE D 204 23.54 -0.33 -30.32
CA PHE D 204 23.34 0.38 -29.07
C PHE D 204 24.57 0.28 -28.18
N TYR D 205 25.14 -0.91 -28.09
CA TYR D 205 26.33 -1.10 -27.28
C TYR D 205 27.57 -0.50 -27.95
N PHE D 206 27.57 -0.36 -29.27
CA PHE D 206 28.61 0.43 -29.92
C PHE D 206 28.53 1.88 -29.46
N GLY D 207 27.33 2.43 -29.38
CA GLY D 207 27.18 3.78 -28.86
C GLY D 207 27.67 3.89 -27.43
N GLY D 208 27.33 2.93 -26.60
CA GLY D 208 27.81 2.94 -25.23
C GLY D 208 29.33 2.87 -25.13
N LEU D 209 29.94 2.00 -25.95
CA LEU D 209 31.39 1.91 -25.99
C LEU D 209 32.01 3.23 -26.44
N SER D 210 31.39 3.88 -27.42
CA SER D 210 31.87 5.19 -27.86
C SER D 210 31.85 6.17 -26.70
N PHE D 211 30.77 6.18 -25.92
CA PHE D 211 30.69 7.07 -24.78
C PHE D 211 31.82 6.81 -23.80
N ILE D 212 32.03 5.53 -23.46
CA ILE D 212 33.07 5.19 -22.48
C ILE D 212 34.44 5.61 -22.99
N LEU D 213 34.72 5.33 -24.26
CA LEU D 213 36.01 5.70 -24.83
C LEU D 213 36.20 7.20 -24.83
N ALA D 214 35.15 7.95 -25.18
CA ALA D 214 35.26 9.40 -25.19
C ALA D 214 35.60 9.94 -23.81
N GLU D 215 34.93 9.43 -22.78
CA GLU D 215 35.24 9.89 -21.43
C GLU D 215 36.68 9.54 -21.05
N VAL D 216 37.13 8.34 -21.39
CA VAL D 216 38.49 7.94 -21.06
C VAL D 216 39.50 8.86 -21.72
N ILE D 217 39.31 9.14 -23.01
CA ILE D 217 40.30 9.94 -23.73
C ILE D 217 40.22 11.40 -23.30
N GLY D 218 39.06 11.87 -22.87
CA GLY D 218 39.00 13.18 -22.24
C GLY D 218 39.83 13.23 -20.98
N VAL D 219 39.75 12.18 -20.16
CA VAL D 219 40.59 12.10 -18.97
C VAL D 219 42.06 12.16 -19.34
N LEU D 220 42.46 11.36 -20.33
CA LEU D 220 43.86 11.33 -20.73
C LEU D 220 44.33 12.68 -21.25
N ALA D 221 43.50 13.34 -22.06
CA ALA D 221 43.87 14.65 -22.58
C ALA D 221 44.02 15.67 -21.47
N VAL D 222 43.12 15.64 -20.49
CA VAL D 222 43.24 16.57 -19.37
C VAL D 222 44.53 16.29 -18.59
N ASN D 223 44.86 15.02 -18.41
CA ASN D 223 46.11 14.68 -17.72
C ASN D 223 47.32 15.19 -18.51
N ILE D 224 47.26 15.09 -19.84
CA ILE D 224 48.34 15.59 -20.67
C ILE D 224 48.48 17.10 -20.50
N TYR D 225 47.36 17.81 -20.51
CA TYR D 225 47.39 19.25 -20.29
C TYR D 225 48.00 19.56 -18.93
N ILE D 226 47.62 18.79 -17.91
CA ILE D 226 48.16 19.01 -16.57
C ILE D 226 49.67 18.88 -16.59
N GLU D 227 50.18 17.78 -17.15
CA GLU D 227 51.61 17.53 -17.15
C GLU D 227 52.35 18.62 -17.92
N ARG D 228 51.82 19.01 -19.08
CA ARG D 228 52.48 20.00 -19.92
C ARG D 228 52.52 21.36 -19.25
N SER D 229 51.38 21.79 -18.70
CA SER D 229 51.34 23.08 -18.01
C SER D 229 52.25 23.07 -16.78
N ARG D 230 52.27 21.97 -16.05
CA ARG D 230 53.15 21.87 -14.89
C ARG D 230 54.61 21.98 -15.31
N GLU D 231 55.00 21.25 -16.35
CA GLU D 231 56.38 21.34 -16.84
C GLU D 231 56.73 22.78 -17.21
N ALA D 232 55.88 23.42 -18.00
CA ALA D 232 56.19 24.77 -18.45
C ALA D 232 56.26 25.75 -17.28
N HIS D 233 55.30 25.67 -16.35
CA HIS D 233 55.27 26.59 -15.22
C HIS D 233 56.47 26.39 -14.32
N CYS D 234 56.83 25.14 -14.03
CA CYS D 234 57.99 24.89 -13.19
C CYS D 234 59.27 25.37 -13.86
N GLN D 235 59.41 25.12 -15.17
CA GLN D 235 60.57 25.60 -15.89
C GLN D 235 60.67 27.12 -15.83
N SER D 236 59.53 27.80 -16.04
CA SER D 236 59.54 29.26 -16.04
C SER D 236 59.89 29.81 -14.65
N ARG D 237 59.21 29.30 -13.62
CA ARG D 237 59.45 29.81 -12.27
C ARG D 237 60.88 29.54 -11.83
N SER D 238 61.38 28.34 -12.07
CA SER D 238 62.77 28.02 -11.74
C SER D 238 63.75 28.84 -12.56
N ASP D 239 63.30 29.43 -13.67
CA ASP D 239 64.15 30.26 -14.51
C ASP D 239 63.97 31.74 -14.17
N VAL E 417 -49.65 -35.78 11.72
CA VAL E 417 -49.04 -35.62 13.03
C VAL E 417 -47.53 -35.64 12.92
N VAL E 418 -46.97 -34.60 12.31
CA VAL E 418 -45.52 -34.50 12.13
C VAL E 418 -44.88 -34.23 13.48
N THR E 419 -43.55 -34.31 13.54
CA THR E 419 -42.81 -34.09 14.76
C THR E 419 -41.65 -33.15 14.45
N THR E 420 -41.09 -32.56 15.51
CA THR E 420 -40.01 -31.58 15.36
C THR E 420 -39.35 -31.39 16.72
N ILE E 421 -38.25 -30.63 16.73
CA ILE E 421 -37.50 -30.36 17.94
C ILE E 421 -36.93 -28.96 17.86
N LEU E 422 -36.87 -28.29 19.02
CA LEU E 422 -36.59 -26.85 19.07
C LEU E 422 -35.16 -26.51 18.68
N GLU E 423 -34.28 -27.48 18.51
CA GLU E 423 -32.91 -27.21 18.10
C GLU E 423 -32.89 -26.27 16.91
N SER E 424 -32.29 -25.10 17.10
CA SER E 424 -32.27 -24.07 16.08
C SER E 424 -31.11 -24.27 15.12
N PRO E 425 -31.20 -23.71 13.90
CA PRO E 425 -32.32 -22.96 13.34
C PRO E 425 -33.32 -23.84 12.59
N TYR E 426 -33.66 -24.98 13.17
CA TYR E 426 -34.60 -25.90 12.55
C TYR E 426 -36.03 -25.63 13.02
N VAL E 427 -36.24 -25.55 14.33
CA VAL E 427 -37.53 -25.20 14.90
C VAL E 427 -37.29 -24.13 15.95
N MET E 428 -38.04 -23.03 15.86
CA MET E 428 -38.02 -22.00 16.88
C MET E 428 -39.38 -21.36 16.94
N MET E 429 -39.68 -20.74 18.08
CA MET E 429 -40.96 -20.07 18.29
C MET E 429 -40.84 -18.63 17.82
N LYS E 430 -41.74 -18.23 16.92
CA LYS E 430 -41.67 -16.90 16.34
C LYS E 430 -41.85 -15.84 17.40
N LYS E 431 -41.29 -14.66 17.16
CA LYS E 431 -41.43 -13.56 18.09
C LYS E 431 -42.91 -13.26 18.33
N ASN E 432 -43.29 -13.14 19.59
CA ASN E 432 -44.69 -12.92 19.96
C ASN E 432 -45.53 -14.13 19.56
N HIS E 433 -45.08 -15.32 19.98
CA HIS E 433 -45.79 -16.55 19.66
C HIS E 433 -47.06 -16.71 20.49
N GLU E 434 -47.25 -15.91 21.54
CA GLU E 434 -48.53 -15.92 22.23
C GLU E 434 -49.66 -15.50 21.29
N MET E 435 -49.40 -14.50 20.43
CA MET E 435 -50.38 -14.09 19.45
C MET E 435 -50.71 -15.23 18.49
N LEU E 436 -49.69 -15.94 18.01
CA LEU E 436 -49.93 -17.07 17.12
C LEU E 436 -50.55 -18.23 17.90
N GLU E 437 -51.44 -18.97 17.23
CA GLU E 437 -52.19 -20.03 17.89
C GLU E 437 -51.51 -21.39 17.74
N GLY E 438 -51.32 -21.84 16.50
CA GLY E 438 -50.73 -23.14 16.27
C GLY E 438 -50.34 -23.36 14.83
N ASN E 439 -49.17 -23.96 14.61
CA ASN E 439 -48.60 -24.25 13.30
C ASN E 439 -48.13 -23.00 12.58
N GLU E 440 -48.35 -21.81 13.16
CA GLU E 440 -47.85 -20.56 12.61
C GLU E 440 -46.91 -19.83 13.56
N ARG E 441 -46.90 -20.20 14.84
CA ARG E 441 -45.92 -19.65 15.77
C ARG E 441 -44.52 -20.16 15.47
N TYR E 442 -44.40 -21.41 15.05
CA TYR E 442 -43.10 -22.00 14.78
C TYR E 442 -42.46 -21.39 13.54
N GLU E 443 -41.14 -21.33 13.55
CA GLU E 443 -40.38 -20.90 12.38
C GLU E 443 -39.06 -21.66 12.36
N GLY E 444 -38.46 -21.72 11.18
CA GLY E 444 -37.16 -22.33 11.04
C GLY E 444 -37.04 -23.03 9.70
N TYR E 445 -36.08 -23.95 9.63
CA TYR E 445 -35.77 -24.72 8.44
C TYR E 445 -36.67 -25.94 8.30
N CYS E 446 -36.76 -26.74 9.37
CA CYS E 446 -37.58 -27.94 9.32
C CYS E 446 -39.04 -27.61 9.03
N VAL E 447 -39.53 -26.46 9.50
CA VAL E 447 -40.93 -26.13 9.31
C VAL E 447 -41.23 -25.82 7.84
N ASP E 448 -40.38 -25.01 7.21
CA ASP E 448 -40.53 -24.77 5.78
C ASP E 448 -40.38 -26.06 4.99
N LEU E 449 -39.47 -26.93 5.43
CA LEU E 449 -39.31 -28.21 4.75
C LEU E 449 -40.58 -29.03 4.84
N ALA E 450 -41.18 -29.10 6.02
CA ALA E 450 -42.42 -29.85 6.17
C ALA E 450 -43.53 -29.23 5.33
N ALA E 451 -43.56 -27.91 5.24
CA ALA E 451 -44.54 -27.25 4.39
C ALA E 451 -44.40 -27.72 2.94
N GLU E 452 -43.17 -27.68 2.42
CA GLU E 452 -42.96 -28.10 1.03
C GLU E 452 -43.23 -29.59 0.84
N ILE E 453 -42.89 -30.41 1.84
CA ILE E 453 -43.15 -31.85 1.74
C ILE E 453 -44.65 -32.12 1.68
N ALA E 454 -45.42 -31.46 2.56
CA ALA E 454 -46.86 -31.61 2.52
C ALA E 454 -47.44 -31.12 1.20
N LYS E 455 -46.89 -30.01 0.68
CA LYS E 455 -47.36 -29.50 -0.60
C LYS E 455 -47.13 -30.50 -1.72
N HIS E 456 -45.95 -31.13 -1.76
CA HIS E 456 -45.67 -32.10 -2.80
C HIS E 456 -46.35 -33.45 -2.56
N CYS E 457 -46.83 -33.70 -1.34
CA CYS E 457 -47.56 -34.92 -1.04
C CYS E 457 -49.05 -34.70 -0.83
N GLY E 458 -49.45 -33.49 -0.40
CA GLY E 458 -50.83 -33.12 -0.27
C GLY E 458 -51.36 -33.13 1.14
N PHE E 459 -50.93 -34.08 1.96
CA PHE E 459 -51.50 -34.25 3.29
C PHE E 459 -51.40 -32.95 4.09
N LYS E 460 -52.22 -32.88 5.15
CA LYS E 460 -52.21 -31.76 6.07
C LYS E 460 -51.53 -32.19 7.37
N TYR E 461 -50.84 -31.25 8.00
CA TYR E 461 -49.99 -31.54 9.13
C TYR E 461 -50.20 -30.51 10.24
N LYS E 462 -49.93 -30.94 11.47
CA LYS E 462 -49.90 -30.05 12.63
C LYS E 462 -48.57 -30.27 13.34
N LEU E 463 -47.71 -29.25 13.31
CA LEU E 463 -46.41 -29.38 13.94
C LEU E 463 -46.56 -29.60 15.43
N THR E 464 -45.72 -30.47 15.99
CA THR E 464 -45.78 -30.82 17.40
C THR E 464 -44.37 -30.89 17.97
N ILE E 465 -44.29 -31.22 19.25
CA ILE E 465 -43.03 -31.42 19.96
C ILE E 465 -43.20 -32.64 20.86
N VAL E 466 -42.07 -33.21 21.27
CA VAL E 466 -42.05 -34.44 22.06
C VAL E 466 -41.29 -34.26 23.37
N GLY E 467 -40.11 -33.65 23.31
CA GLY E 467 -39.26 -33.67 24.49
C GLY E 467 -38.84 -35.09 24.82
N ASP E 468 -38.65 -35.33 26.12
CA ASP E 468 -38.35 -36.67 26.63
C ASP E 468 -37.11 -37.26 25.95
N GLY E 469 -36.11 -36.42 25.73
CA GLY E 469 -34.86 -36.87 25.12
C GLY E 469 -34.44 -35.99 23.97
N LYS E 470 -35.43 -35.48 23.24
CA LYS E 470 -35.30 -34.57 22.10
C LYS E 470 -34.80 -35.30 20.86
N TYR E 471 -34.42 -36.56 20.93
CA TYR E 471 -33.97 -37.32 19.77
C TYR E 471 -34.14 -38.79 20.05
N GLY E 472 -33.86 -39.60 19.03
CA GLY E 472 -34.01 -41.03 19.17
C GLY E 472 -32.84 -41.69 19.86
N ALA E 473 -33.14 -42.77 20.57
CA ALA E 473 -32.15 -43.58 21.25
C ALA E 473 -32.89 -44.76 21.89
N ARG E 474 -32.13 -45.68 22.46
CA ARG E 474 -32.71 -46.84 23.10
C ARG E 474 -32.02 -47.12 24.43
N ASP E 475 -32.80 -47.56 25.40
CA ASP E 475 -32.28 -48.01 26.68
C ASP E 475 -32.07 -49.51 26.62
N ALA E 476 -30.82 -49.95 26.79
CA ALA E 476 -30.51 -51.36 26.64
C ALA E 476 -31.34 -52.23 27.58
N ASP E 477 -31.64 -51.74 28.78
CA ASP E 477 -32.45 -52.50 29.72
C ASP E 477 -33.93 -52.40 29.37
N THR E 478 -34.48 -51.18 29.37
CA THR E 478 -35.89 -51.00 29.07
C THR E 478 -36.23 -51.46 27.65
N LYS E 479 -35.28 -51.35 26.72
CA LYS E 479 -35.50 -51.75 25.34
C LYS E 479 -36.69 -51.00 24.74
N ILE E 480 -36.86 -49.75 25.15
CA ILE E 480 -37.94 -48.89 24.68
C ILE E 480 -37.32 -47.65 24.04
N TRP E 481 -37.73 -47.36 22.82
CA TRP E 481 -37.22 -46.20 22.11
C TRP E 481 -37.80 -44.91 22.67
N ASN E 482 -36.99 -43.86 22.66
CA ASN E 482 -37.36 -42.57 23.23
C ASN E 482 -37.27 -41.49 22.16
N GLY E 483 -38.07 -40.44 22.34
CA GLY E 483 -37.99 -39.29 21.44
C GLY E 483 -38.81 -39.48 20.17
N MET E 484 -38.36 -38.81 19.11
CA MET E 484 -39.04 -38.92 17.83
C MET E 484 -39.08 -40.35 17.34
N VAL E 485 -37.97 -41.07 17.47
CA VAL E 485 -37.94 -42.48 17.07
C VAL E 485 -38.94 -43.27 17.90
N GLY E 486 -38.94 -43.03 19.22
CA GLY E 486 -39.85 -43.75 20.08
C GLY E 486 -41.30 -43.54 19.70
N GLU E 487 -41.66 -42.30 19.38
CA GLU E 487 -43.06 -42.02 19.06
C GLU E 487 -43.44 -42.55 17.69
N LEU E 488 -42.53 -42.47 16.71
CA LEU E 488 -42.82 -43.00 15.39
C LEU E 488 -43.00 -44.51 15.45
N VAL E 489 -42.18 -45.20 16.24
CA VAL E 489 -42.30 -46.64 16.34
C VAL E 489 -43.65 -47.02 16.93
N TYR E 490 -44.16 -46.22 17.86
CA TYR E 490 -45.35 -46.55 18.63
C TYR E 490 -46.59 -45.82 18.15
N GLY E 491 -46.54 -45.18 16.99
CA GLY E 491 -47.73 -44.60 16.38
C GLY E 491 -48.13 -43.24 16.91
N LYS E 492 -47.37 -42.66 17.85
CA LYS E 492 -47.73 -41.36 18.38
C LYS E 492 -47.57 -40.24 17.37
N ALA E 493 -46.98 -40.51 16.21
CA ALA E 493 -46.81 -39.50 15.18
C ALA E 493 -46.77 -40.17 13.82
N ASP E 494 -47.01 -39.37 12.78
CA ASP E 494 -47.00 -39.90 11.43
C ASP E 494 -45.57 -39.95 10.87
N ILE E 495 -44.89 -38.81 10.85
CA ILE E 495 -43.51 -38.71 10.39
C ILE E 495 -42.75 -37.75 11.28
N ALA E 496 -41.43 -37.83 11.20
CA ALA E 496 -40.54 -36.93 11.92
C ALA E 496 -39.75 -36.11 10.92
N ILE E 497 -39.86 -34.79 11.00
CA ILE E 497 -39.14 -33.87 10.13
C ILE E 497 -38.27 -33.03 11.04
N ALA E 498 -36.97 -33.30 11.02
CA ALA E 498 -36.06 -32.68 11.97
C ALA E 498 -34.63 -33.07 11.64
N PRO E 499 -33.65 -32.43 12.25
CA PRO E 499 -32.27 -32.89 12.07
C PRO E 499 -32.05 -34.22 12.75
N LEU E 500 -32.66 -35.27 12.20
CA LEU E 500 -32.53 -36.61 12.74
C LEU E 500 -31.47 -37.36 11.95
N THR E 501 -30.48 -37.88 12.65
CA THR E 501 -29.29 -38.41 12.00
C THR E 501 -29.56 -39.82 11.52
N ILE E 502 -29.08 -40.13 10.31
CA ILE E 502 -29.24 -41.46 9.77
C ILE E 502 -28.24 -42.40 10.42
N THR E 503 -28.74 -43.53 10.91
CA THR E 503 -27.91 -44.48 11.64
C THR E 503 -28.47 -45.87 11.47
N LEU E 504 -27.62 -46.86 11.70
CA LEU E 504 -28.01 -48.25 11.46
C LEU E 504 -29.14 -48.67 12.40
N VAL E 505 -29.00 -48.39 13.69
CA VAL E 505 -29.97 -48.89 14.66
C VAL E 505 -31.36 -48.35 14.35
N ARG E 506 -31.44 -47.11 13.91
CA ARG E 506 -32.74 -46.50 13.63
C ARG E 506 -33.36 -47.04 12.35
N GLU E 507 -32.55 -47.26 11.31
CA GLU E 507 -33.07 -47.77 10.06
C GLU E 507 -33.65 -49.17 10.21
N GLU E 508 -33.21 -49.91 11.24
CA GLU E 508 -33.75 -51.24 11.49
C GLU E 508 -35.17 -51.22 12.02
N VAL E 509 -35.66 -50.07 12.48
CA VAL E 509 -36.95 -49.99 13.16
C VAL E 509 -37.82 -48.92 12.53
N ILE E 510 -37.23 -48.07 11.70
CA ILE E 510 -37.95 -47.07 10.93
C ILE E 510 -37.33 -46.99 9.54
N ASP E 511 -37.89 -46.12 8.70
CA ASP E 511 -37.43 -45.95 7.33
C ASP E 511 -37.10 -44.48 7.11
N PHE E 512 -35.92 -44.22 6.57
CA PHE E 512 -35.46 -42.86 6.32
C PHE E 512 -35.68 -42.49 4.86
N SER E 513 -35.54 -41.21 4.58
CA SER E 513 -35.49 -40.71 3.22
C SER E 513 -34.03 -40.51 2.82
N LYS E 514 -33.82 -40.14 1.57
CA LYS E 514 -32.49 -39.73 1.17
C LYS E 514 -32.15 -38.42 1.88
N PRO E 515 -30.91 -38.24 2.31
CA PRO E 515 -30.58 -37.06 3.12
C PRO E 515 -30.96 -35.77 2.41
N PHE E 516 -31.66 -34.91 3.15
CA PHE E 516 -31.94 -33.56 2.67
C PHE E 516 -30.84 -32.58 3.02
N MET E 517 -29.87 -33.00 3.81
CA MET E 517 -28.74 -32.15 4.16
C MET E 517 -27.61 -33.05 4.63
N SER E 518 -26.50 -33.02 3.91
CA SER E 518 -25.31 -33.78 4.24
C SER E 518 -24.32 -32.90 4.98
N LEU E 519 -23.61 -33.50 5.91
CA LEU E 519 -22.74 -32.76 6.81
C LEU E 519 -21.65 -33.70 7.31
N GLY E 520 -20.91 -33.24 8.31
CA GLY E 520 -19.85 -34.05 8.90
C GLY E 520 -19.20 -33.28 10.02
N ILE E 521 -18.22 -33.93 10.64
CA ILE E 521 -17.52 -33.32 11.76
C ILE E 521 -16.56 -32.25 11.22
N SER E 522 -16.39 -31.19 12.01
CA SER E 522 -15.58 -30.04 11.63
C SER E 522 -15.02 -29.39 12.88
N ILE E 523 -14.19 -28.37 12.67
CA ILE E 523 -13.37 -27.77 13.69
C ILE E 523 -13.76 -26.31 13.86
N MET E 524 -14.10 -25.94 15.10
CA MET E 524 -14.44 -24.58 15.48
C MET E 524 -13.30 -23.99 16.28
N ILE E 525 -12.86 -22.79 15.89
CA ILE E 525 -11.82 -22.08 16.61
C ILE E 525 -12.26 -20.63 16.80
N LYS E 526 -11.62 -19.96 17.74
CA LYS E 526 -11.83 -18.53 17.91
C LYS E 526 -11.12 -17.78 16.78
N LYS E 527 -11.76 -16.74 16.29
CA LYS E 527 -11.23 -16.02 15.15
C LYS E 527 -9.87 -15.43 15.51
N PRO E 528 -8.83 -15.64 14.70
CA PRO E 528 -7.55 -15.00 14.99
C PRO E 528 -7.72 -13.49 15.02
N GLN E 529 -7.16 -12.88 16.05
CA GLN E 529 -7.24 -11.45 16.27
C GLN E 529 -5.92 -10.79 15.94
N LYS E 530 -5.93 -9.46 15.88
CA LYS E 530 -4.68 -8.72 15.76
C LYS E 530 -3.83 -9.05 16.97
N SER E 531 -2.76 -9.82 16.77
CA SER E 531 -1.95 -10.26 17.89
C SER E 531 -1.30 -9.06 18.56
N LYS E 532 -1.24 -9.10 19.88
CA LYS E 532 -0.55 -8.05 20.62
C LYS E 532 0.90 -8.01 20.13
N PRO E 533 1.40 -6.86 19.71
CA PRO E 533 2.75 -6.82 19.15
C PRO E 533 3.78 -7.34 20.14
N GLY E 534 4.72 -8.12 19.64
CA GLY E 534 5.72 -8.71 20.47
C GLY E 534 6.99 -7.87 20.54
N VAL E 535 7.65 -7.95 21.69
CA VAL E 535 8.96 -7.34 21.81
C VAL E 535 9.87 -7.97 20.77
N PHE E 536 10.60 -7.14 20.04
CA PHE E 536 11.41 -7.56 18.91
C PHE E 536 10.55 -7.90 17.70
N SER E 537 9.39 -7.26 17.58
CA SER E 537 8.62 -7.30 16.34
C SER E 537 9.19 -6.40 15.28
N PHE E 538 10.20 -5.58 15.60
CA PHE E 538 10.85 -4.75 14.62
C PHE E 538 11.81 -5.54 13.73
N LEU E 539 12.05 -6.81 14.04
CA LEU E 539 12.85 -7.69 13.19
C LEU E 539 12.00 -8.48 12.20
N ASP E 540 10.68 -8.40 12.29
CA ASP E 540 9.79 -9.25 11.53
C ASP E 540 9.89 -9.01 10.03
N PRO E 541 10.15 -7.79 9.57
CA PRO E 541 10.23 -7.55 8.12
C PRO E 541 11.29 -8.39 7.43
N LEU E 542 12.31 -8.84 8.14
CA LEU E 542 13.34 -9.70 7.57
C LEU E 542 13.43 -10.98 8.38
N ALA E 543 13.68 -12.08 7.68
CA ALA E 543 13.82 -13.37 8.34
C ALA E 543 15.08 -13.42 9.17
N TYR E 544 15.06 -14.27 10.20
CA TYR E 544 16.20 -14.37 11.11
C TYR E 544 17.47 -14.70 10.36
N GLU E 545 17.38 -15.55 9.34
CA GLU E 545 18.56 -15.92 8.58
C GLU E 545 19.20 -14.70 7.92
N ILE E 546 18.38 -13.76 7.45
CA ILE E 546 18.93 -12.54 6.87
C ILE E 546 19.69 -11.75 7.94
N TRP E 547 19.14 -11.68 9.15
CA TRP E 547 19.81 -10.93 10.21
C TRP E 547 21.16 -11.57 10.55
N MET E 548 21.21 -12.89 10.64
CA MET E 548 22.47 -13.56 10.96
C MET E 548 23.49 -13.41 9.83
N CYS E 549 23.03 -13.52 8.58
CA CYS E 549 23.93 -13.27 7.46
C CYS E 549 24.42 -11.83 7.48
N ILE E 550 23.59 -10.90 7.92
CA ILE E 550 24.02 -9.50 8.04
C ILE E 550 25.13 -9.39 9.07
N VAL E 551 24.93 -10.02 10.23
CA VAL E 551 25.93 -9.97 11.28
C VAL E 551 27.26 -10.50 10.77
N PHE E 552 27.24 -11.67 10.16
CA PHE E 552 28.48 -12.30 9.76
C PHE E 552 29.10 -11.65 8.53
N ALA E 553 28.29 -11.02 7.67
CA ALA E 553 28.85 -10.20 6.60
C ALA E 553 29.53 -8.96 7.16
N TYR E 554 28.96 -8.37 8.20
CA TYR E 554 29.63 -7.28 8.90
C TYR E 554 30.99 -7.73 9.42
N ILE E 555 31.02 -8.87 10.10
CA ILE E 555 32.29 -9.40 10.61
C ILE E 555 33.27 -9.61 9.46
N GLY E 556 32.83 -10.25 8.39
CA GLY E 556 33.74 -10.56 7.29
C GLY E 556 34.25 -9.33 6.58
N VAL E 557 33.38 -8.35 6.34
CA VAL E 557 33.81 -7.11 5.70
C VAL E 557 34.83 -6.41 6.57
N SER E 558 34.58 -6.33 7.87
CA SER E 558 35.55 -5.73 8.76
C SER E 558 36.89 -6.45 8.69
N VAL E 559 36.85 -7.77 8.71
CA VAL E 559 38.08 -8.56 8.71
C VAL E 559 38.86 -8.34 7.41
N VAL E 560 38.16 -8.38 6.27
CA VAL E 560 38.82 -8.23 4.99
C VAL E 560 39.41 -6.84 4.87
N LEU E 561 38.70 -5.82 5.34
CA LEU E 561 39.25 -4.47 5.32
C LEU E 561 40.50 -4.39 6.18
N PHE E 562 40.46 -5.01 7.36
CA PHE E 562 41.62 -5.04 8.24
C PHE E 562 42.82 -5.67 7.56
N LEU E 563 42.63 -6.84 6.95
CA LEU E 563 43.73 -7.53 6.29
C LEU E 563 44.28 -6.71 5.13
N VAL E 564 43.39 -6.28 4.24
CA VAL E 564 43.78 -5.51 3.06
C VAL E 564 44.51 -4.24 3.44
N SER E 565 44.16 -3.64 4.57
CA SER E 565 44.80 -2.40 5.00
C SER E 565 46.08 -2.64 5.77
N ARG E 566 46.23 -3.80 6.38
CA ARG E 566 47.44 -4.12 7.12
C ARG E 566 48.55 -4.58 6.19
N PHE E 567 48.29 -5.60 5.38
CA PHE E 567 49.34 -6.20 4.57
C PHE E 567 49.45 -5.62 3.17
N SER E 568 48.51 -4.76 2.76
CA SER E 568 48.63 -4.02 1.51
C SER E 568 48.25 -2.56 1.76
N PRO E 569 49.00 -1.86 2.60
CA PRO E 569 48.63 -0.50 2.97
C PRO E 569 48.90 0.51 1.86
N TYR E 570 48.26 1.67 2.01
CA TYR E 570 48.51 2.77 1.09
C TYR E 570 49.95 3.25 1.15
N GLU E 571 50.52 3.31 2.35
CA GLU E 571 51.90 3.75 2.54
C GLU E 571 52.06 5.20 2.11
N GLU E 587 50.60 4.33 10.18
CA GLU E 587 50.43 4.98 8.90
C GLU E 587 49.05 4.67 8.32
N SER E 588 48.95 3.53 7.64
CA SER E 588 47.71 3.07 7.04
C SER E 588 47.09 1.90 7.78
N THR E 589 47.73 1.41 8.84
CA THR E 589 47.18 0.34 9.67
C THR E 589 46.82 0.80 11.06
N ASN E 590 47.49 1.83 11.59
CA ASN E 590 46.97 2.50 12.77
C ASN E 590 45.57 3.03 12.50
N GLU E 591 45.29 3.33 11.23
CA GLU E 591 43.94 3.52 10.73
C GLU E 591 43.51 2.25 10.02
N PHE E 592 42.30 1.79 10.33
CA PHE E 592 41.76 0.54 9.79
C PHE E 592 42.45 -0.68 10.39
N GLY E 593 42.67 -0.64 11.70
CA GLY E 593 42.79 -1.86 12.44
C GLY E 593 41.45 -2.58 12.48
N ILE E 594 41.37 -3.58 13.34
CA ILE E 594 40.12 -4.33 13.44
C ILE E 594 39.03 -3.48 14.09
N PHE E 595 39.39 -2.76 15.16
CA PHE E 595 38.40 -1.97 15.87
C PHE E 595 37.82 -0.87 14.98
N ASN E 596 38.69 -0.10 14.34
CA ASN E 596 38.23 0.98 13.48
C ASN E 596 37.57 0.44 12.23
N SER E 597 37.95 -0.76 11.78
CA SER E 597 37.27 -1.40 10.66
C SER E 597 35.83 -1.74 11.01
N LEU E 598 35.63 -2.36 12.18
CA LEU E 598 34.27 -2.62 12.66
C LEU E 598 33.48 -1.33 12.77
N TRP E 599 34.10 -0.28 13.30
CA TRP E 599 33.40 1.00 13.44
C TRP E 599 33.00 1.56 12.08
N PHE E 600 33.90 1.53 11.11
CA PHE E 600 33.58 2.03 9.78
C PHE E 600 32.43 1.26 9.16
N SER E 601 32.48 -0.06 9.28
CA SER E 601 31.43 -0.89 8.71
C SER E 601 30.09 -0.61 9.37
N LEU E 602 30.08 -0.47 10.69
CA LEU E 602 28.84 -0.19 11.41
C LEU E 602 28.28 1.16 11.01
N GLY E 603 29.13 2.18 10.93
CA GLY E 603 28.67 3.48 10.48
C GLY E 603 28.13 3.45 9.07
N ALA E 604 28.72 2.62 8.21
CA ALA E 604 28.18 2.45 6.87
C ALA E 604 26.79 1.83 6.90
N PHE E 605 26.62 0.75 7.69
CA PHE E 605 25.35 0.05 7.71
C PHE E 605 24.21 0.93 8.19
N MET E 606 24.49 1.86 9.09
CA MET E 606 23.46 2.71 9.69
C MET E 606 23.30 4.03 8.96
N ARG E 607 23.84 4.16 7.76
CA ARG E 607 23.69 5.33 6.92
C ARG E 607 24.31 6.57 7.54
N GLN E 608 25.11 6.41 8.58
CA GLN E 608 25.88 7.50 9.13
C GLN E 608 27.11 7.72 8.24
N GLY E 609 28.05 8.52 8.71
CA GLY E 609 29.22 8.85 7.95
C GLY E 609 30.43 8.05 8.38
N CYS E 610 31.59 8.70 8.33
CA CYS E 610 32.84 8.04 8.66
C CYS E 610 33.89 9.09 8.99
N ASP E 611 34.63 8.87 10.08
CA ASP E 611 35.81 9.66 10.36
C ASP E 611 37.01 9.22 9.54
N ILE E 612 36.89 8.15 8.77
CA ILE E 612 37.95 7.67 7.90
C ILE E 612 37.30 6.91 6.75
N SER E 613 37.85 7.09 5.55
CA SER E 613 37.46 6.29 4.40
C SER E 613 38.70 5.72 3.74
N PRO E 614 38.62 4.51 3.19
CA PRO E 614 39.80 3.89 2.62
C PRO E 614 40.33 4.67 1.42
N ARG E 615 41.65 4.60 1.24
CA ARG E 615 42.33 5.25 0.13
C ARG E 615 42.86 4.28 -0.91
N SER E 616 42.97 3.00 -0.57
CA SER E 616 43.44 1.99 -1.50
C SER E 616 42.29 1.38 -2.28
N LEU E 617 42.61 0.87 -3.47
CA LEU E 617 41.57 0.33 -4.34
C LEU E 617 40.88 -0.87 -3.72
N SER E 618 41.61 -1.69 -2.99
CA SER E 618 41.02 -2.89 -2.39
C SER E 618 40.08 -2.52 -1.25
N GLY E 619 40.52 -1.66 -0.34
CA GLY E 619 39.64 -1.20 0.71
C GLY E 619 38.43 -0.46 0.16
N ARG E 620 38.63 0.29 -0.91
CA ARG E 620 37.53 1.00 -1.53
C ARG E 620 36.54 0.05 -2.20
N ILE E 621 37.03 -1.04 -2.78
CA ILE E 621 36.14 -2.07 -3.32
C ILE E 621 35.29 -2.65 -2.21
N VAL E 622 35.94 -3.02 -1.10
CA VAL E 622 35.21 -3.56 0.04
C VAL E 622 34.14 -2.58 0.51
N GLY E 623 34.52 -1.32 0.67
CA GLY E 623 33.57 -0.32 1.11
C GLY E 623 32.41 -0.14 0.14
N GLY E 624 32.70 -0.13 -1.15
CA GLY E 624 31.64 0.04 -2.14
C GLY E 624 30.62 -1.07 -2.10
N VAL E 625 31.09 -2.32 -2.04
CA VAL E 625 30.13 -3.43 -2.01
C VAL E 625 29.36 -3.43 -0.68
N TRP E 626 30.02 -3.09 0.42
CA TRP E 626 29.32 -2.96 1.68
C TRP E 626 28.26 -1.87 1.62
N TRP E 627 28.56 -0.78 0.92
CA TRP E 627 27.63 0.33 0.78
C TRP E 627 26.40 -0.10 -0.02
N PHE E 628 26.62 -0.79 -1.13
CA PHE E 628 25.52 -1.31 -1.92
C PHE E 628 24.65 -2.25 -1.08
N PHE E 629 25.28 -3.17 -0.36
CA PHE E 629 24.57 -4.09 0.51
C PHE E 629 23.71 -3.34 1.51
N THR E 630 24.29 -2.35 2.19
CA THR E 630 23.56 -1.57 3.17
C THR E 630 22.36 -0.89 2.56
N LEU E 631 22.56 -0.24 1.41
CA LEU E 631 21.47 0.47 0.75
C LEU E 631 20.31 -0.46 0.46
N ILE E 632 20.61 -1.61 -0.17
CA ILE E 632 19.56 -2.55 -0.53
C ILE E 632 18.83 -3.04 0.72
N ILE E 633 19.58 -3.39 1.76
CA ILE E 633 18.96 -4.00 2.93
C ILE E 633 18.07 -3.01 3.67
N ILE E 634 18.52 -1.77 3.83
CA ILE E 634 17.70 -0.78 4.51
C ILE E 634 16.45 -0.49 3.70
N SER E 635 16.59 -0.33 2.38
CA SER E 635 15.41 -0.10 1.55
C SER E 635 14.42 -1.25 1.68
N SER E 636 14.92 -2.49 1.65
CA SER E 636 14.04 -3.65 1.77
C SER E 636 13.33 -3.67 3.10
N TYR E 637 14.04 -3.38 4.19
CA TYR E 637 13.41 -3.36 5.50
C TYR E 637 12.28 -2.34 5.53
N THR E 638 12.55 -1.11 5.10
CA THR E 638 11.53 -0.08 5.14
C THR E 638 10.33 -0.45 4.27
N ALA E 639 10.59 -0.98 3.08
CA ALA E 639 9.50 -1.32 2.16
C ALA E 639 8.63 -2.43 2.71
N ASN E 640 9.24 -3.49 3.22
CA ASN E 640 8.45 -4.60 3.73
C ASN E 640 7.71 -4.20 5.00
N LEU E 641 8.29 -3.33 5.81
CA LEU E 641 7.56 -2.82 6.97
C LEU E 641 6.35 -1.99 6.54
N ALA E 642 6.50 -1.19 5.48
CA ALA E 642 5.34 -0.46 4.96
C ALA E 642 4.27 -1.43 4.49
N ALA E 643 4.67 -2.49 3.81
CA ALA E 643 3.71 -3.53 3.42
C ALA E 643 2.99 -4.09 4.63
N PHE E 644 3.74 -4.49 5.66
CA PHE E 644 3.14 -5.07 6.85
C PHE E 644 2.12 -4.11 7.47
N LEU E 645 2.49 -2.84 7.61
CA LEU E 645 1.61 -1.89 8.27
C LEU E 645 0.44 -1.48 7.40
N THR E 646 0.52 -1.68 6.09
CA THR E 646 -0.55 -1.30 5.19
C THR E 646 -1.62 -2.39 5.04
N VAL E 647 -1.20 -3.65 5.04
CA VAL E 647 -2.08 -4.77 4.81
C VAL E 647 -2.05 -5.66 6.05
N GLU E 648 -3.18 -5.77 6.74
CA GLU E 648 -3.30 -6.69 7.85
C GLU E 648 -3.67 -8.08 7.33
N ARG E 649 -2.93 -9.09 7.78
CA ARG E 649 -3.18 -10.48 7.40
C ARG E 649 -3.08 -11.33 8.65
N MET E 650 -4.22 -11.86 9.09
CA MET E 650 -4.29 -12.74 10.24
C MET E 650 -4.37 -14.18 9.74
N VAL E 651 -3.34 -14.96 10.04
CA VAL E 651 -3.24 -16.35 9.62
C VAL E 651 -3.78 -17.24 10.71
N SER E 652 -4.71 -18.11 10.36
CA SER E 652 -5.18 -19.10 11.30
C SER E 652 -4.09 -20.14 11.52
N PRO E 653 -3.77 -20.51 12.76
CA PRO E 653 -2.74 -21.53 12.96
C PRO E 653 -3.08 -22.87 12.34
N ILE E 654 -4.36 -23.12 12.06
CA ILE E 654 -4.83 -24.43 11.63
C ILE E 654 -5.59 -24.26 10.32
N GLU E 655 -5.29 -25.12 9.36
CA GLU E 655 -6.06 -25.21 8.12
C GLU E 655 -6.48 -26.64 7.82
N SER E 656 -6.36 -27.56 8.77
CA SER E 656 -6.66 -28.97 8.58
C SER E 656 -6.72 -29.62 9.94
N ALA E 657 -6.77 -30.95 9.97
CA ALA E 657 -6.81 -31.71 11.20
C ALA E 657 -5.46 -32.28 11.59
N GLU E 658 -4.63 -32.66 10.63
CA GLU E 658 -3.28 -33.12 10.95
C GLU E 658 -2.50 -32.02 11.66
N ASP E 659 -2.62 -30.78 11.17
CA ASP E 659 -2.03 -29.64 11.87
C ASP E 659 -2.50 -29.61 13.31
N LEU E 660 -3.74 -30.02 13.56
CA LEU E 660 -4.27 -29.98 14.92
C LEU E 660 -3.71 -31.11 15.77
N SER E 661 -3.42 -32.26 15.17
CA SER E 661 -2.85 -33.36 15.93
C SER E 661 -1.39 -33.09 16.27
N LYS E 662 -0.64 -32.56 15.31
CA LYS E 662 0.77 -32.25 15.58
C LYS E 662 0.91 -31.19 16.66
N GLN E 663 0.07 -30.16 16.63
CA GLN E 663 0.14 -29.11 17.63
C GLN E 663 -0.22 -29.65 19.01
N THR E 664 0.52 -29.20 20.02
CA THR E 664 0.21 -29.49 21.41
C THR E 664 -0.18 -28.25 22.20
N GLU E 665 0.13 -27.05 21.70
CA GLU E 665 -0.28 -25.83 22.38
C GLU E 665 -1.81 -25.70 22.41
N ILE E 666 -2.46 -26.06 21.32
CA ILE E 666 -3.92 -25.97 21.22
C ILE E 666 -4.51 -27.27 21.75
N ALA E 667 -5.54 -27.15 22.57
CA ALA E 667 -6.26 -28.29 23.10
C ALA E 667 -7.60 -28.44 22.38
N TYR E 668 -8.04 -29.68 22.23
CA TYR E 668 -9.29 -29.96 21.53
C TYR E 668 -10.00 -31.13 22.17
N GLY E 669 -11.32 -31.03 22.27
CA GLY E 669 -12.12 -32.12 22.79
C GLY E 669 -13.55 -32.04 22.30
N THR E 670 -14.21 -33.18 22.36
CA THR E 670 -15.58 -33.32 21.88
C THR E 670 -16.56 -33.19 23.04
N LEU E 671 -17.82 -33.52 22.78
CA LEU E 671 -18.84 -33.61 23.82
C LEU E 671 -18.81 -35.01 24.41
N ASP E 672 -18.76 -35.10 25.74
CA ASP E 672 -18.66 -36.40 26.39
C ASP E 672 -19.97 -37.16 26.28
N SER E 673 -19.86 -38.46 26.05
CA SER E 673 -21.02 -39.33 25.85
C SER E 673 -21.83 -38.87 24.64
N GLY E 674 -21.19 -38.98 23.48
CA GLY E 674 -21.82 -38.58 22.22
C GLY E 674 -21.34 -39.45 21.08
N SER E 675 -21.89 -39.18 19.90
CA SER E 675 -21.53 -39.94 18.71
C SER E 675 -20.17 -39.56 18.17
N THR E 676 -19.74 -38.31 18.37
CA THR E 676 -18.43 -37.88 17.89
C THR E 676 -17.32 -38.60 18.63
N LYS E 677 -17.44 -38.70 19.96
CA LYS E 677 -16.46 -39.45 20.73
C LYS E 677 -16.47 -40.93 20.34
N GLU E 678 -17.67 -41.49 20.11
CA GLU E 678 -17.75 -42.88 19.66
C GLU E 678 -17.07 -43.05 18.30
N PHE E 679 -17.13 -42.02 17.45
CA PHE E 679 -16.43 -42.09 16.17
C PHE E 679 -14.92 -42.08 16.37
N PHE E 680 -14.42 -41.17 17.18
CA PHE E 680 -12.98 -41.10 17.39
C PHE E 680 -12.46 -42.35 18.07
N ARG E 681 -13.26 -42.95 18.95
CA ARG E 681 -12.83 -44.13 19.69
C ARG E 681 -12.59 -45.30 18.76
N ARG E 682 -13.55 -45.61 17.90
CA ARG E 682 -13.49 -46.79 17.03
C ARG E 682 -12.81 -46.52 15.71
N SER E 683 -11.98 -45.47 15.63
CA SER E 683 -11.42 -45.07 14.36
C SER E 683 -10.29 -46.00 13.94
N LYS E 684 -9.99 -45.98 12.64
CA LYS E 684 -8.88 -46.71 12.06
C LYS E 684 -7.90 -45.80 11.34
N ILE E 685 -8.27 -44.55 11.04
CA ILE E 685 -7.34 -43.62 10.43
C ILE E 685 -6.30 -43.19 11.45
N ALA E 686 -5.07 -43.00 10.98
CA ALA E 686 -3.96 -42.73 11.89
C ALA E 686 -4.17 -41.42 12.65
N VAL E 687 -4.58 -40.37 11.95
CA VAL E 687 -4.69 -39.06 12.56
C VAL E 687 -5.71 -39.09 13.69
N PHE E 688 -6.86 -39.72 13.45
CA PHE E 688 -7.89 -39.75 14.48
C PHE E 688 -7.52 -40.69 15.61
N ASP E 689 -6.71 -41.72 15.33
CA ASP E 689 -6.17 -42.53 16.41
C ASP E 689 -5.28 -41.70 17.31
N LYS E 690 -4.43 -40.85 16.72
CA LYS E 690 -3.61 -39.96 17.53
C LYS E 690 -4.46 -38.99 18.34
N MET E 691 -5.49 -38.43 17.73
CA MET E 691 -6.38 -37.54 18.47
C MET E 691 -7.05 -38.26 19.62
N TRP E 692 -7.47 -39.51 19.41
CA TRP E 692 -8.11 -40.27 20.47
C TRP E 692 -7.13 -40.53 21.61
N THR E 693 -5.89 -40.87 21.27
CA THR E 693 -4.86 -41.04 22.29
C THR E 693 -4.73 -39.78 23.12
N TYR E 694 -4.61 -38.63 22.45
CA TYR E 694 -4.49 -37.36 23.16
C TYR E 694 -5.68 -37.13 24.08
N MET E 695 -6.90 -37.29 23.54
CA MET E 695 -8.10 -36.98 24.32
C MET E 695 -8.26 -37.93 25.49
N ARG E 696 -7.77 -39.17 25.36
CA ARG E 696 -7.81 -40.11 26.47
C ARG E 696 -6.72 -39.85 27.49
N SER E 697 -5.64 -39.19 27.09
CA SER E 697 -4.52 -38.88 27.97
C SER E 697 -4.36 -37.38 28.16
N ALA E 698 -5.47 -36.67 28.39
CA ALA E 698 -5.49 -35.22 28.46
C ALA E 698 -5.93 -34.77 29.85
N GLU E 699 -5.18 -33.82 30.41
CA GLU E 699 -5.51 -33.21 31.69
C GLU E 699 -5.48 -31.70 31.55
N PRO E 700 -6.55 -30.98 31.93
CA PRO E 700 -7.81 -31.47 32.49
C PRO E 700 -8.68 -32.13 31.41
N SER E 701 -9.97 -32.29 31.70
CA SER E 701 -10.89 -32.94 30.77
C SER E 701 -11.16 -32.03 29.58
N VAL E 702 -10.59 -32.38 28.42
CA VAL E 702 -10.95 -31.67 27.20
C VAL E 702 -12.43 -31.85 26.89
N PHE E 703 -13.00 -33.00 27.25
CA PHE E 703 -14.39 -33.28 26.96
C PHE E 703 -15.31 -32.27 27.65
N VAL E 704 -16.58 -32.34 27.30
CA VAL E 704 -17.57 -31.36 27.72
C VAL E 704 -18.91 -32.07 27.87
N ARG E 705 -19.82 -31.45 28.62
CA ARG E 705 -21.13 -32.03 28.89
C ARG E 705 -22.24 -31.46 28.03
N THR E 706 -22.02 -30.31 27.40
CA THR E 706 -23.04 -29.70 26.55
C THR E 706 -22.36 -28.90 25.45
N THR E 707 -23.11 -28.71 24.36
CA THR E 707 -22.58 -27.95 23.22
C THR E 707 -22.27 -26.51 23.62
N ALA E 708 -23.21 -25.87 24.31
CA ALA E 708 -22.97 -24.50 24.76
C ALA E 708 -21.75 -24.41 25.65
N GLU E 709 -21.49 -25.46 26.45
CA GLU E 709 -20.29 -25.47 27.27
C GLU E 709 -19.05 -25.42 26.39
N GLY E 710 -19.02 -26.20 25.32
CA GLY E 710 -17.88 -26.17 24.41
C GLY E 710 -17.73 -24.83 23.73
N VAL E 711 -18.83 -24.24 23.29
CA VAL E 711 -18.77 -22.93 22.64
C VAL E 711 -18.21 -21.89 23.60
N ALA E 712 -18.70 -21.90 24.84
CA ALA E 712 -18.22 -20.94 25.83
C ALA E 712 -16.76 -21.17 26.14
N ARG E 713 -16.34 -22.44 26.24
CA ARG E 713 -14.94 -22.73 26.51
C ARG E 713 -14.04 -22.21 25.39
N VAL E 714 -14.48 -22.37 24.14
CA VAL E 714 -13.70 -21.84 23.03
C VAL E 714 -13.65 -20.31 23.09
N ARG E 715 -14.79 -19.68 23.36
CA ARG E 715 -14.84 -18.22 23.28
C ARG E 715 -14.05 -17.58 24.41
N LYS E 716 -14.18 -18.10 25.63
CA LYS E 716 -13.48 -17.51 26.77
C LYS E 716 -11.97 -17.57 26.57
N SER E 717 -11.45 -18.72 26.17
CA SER E 717 -10.03 -18.84 25.88
C SER E 717 -9.68 -18.01 24.65
N LYS E 718 -8.39 -17.99 24.31
CA LYS E 718 -7.87 -17.21 23.19
C LYS E 718 -6.97 -18.12 22.36
N GLY E 719 -7.55 -18.80 21.38
CA GLY E 719 -6.78 -19.67 20.51
C GLY E 719 -6.22 -20.89 21.17
N LYS E 720 -6.68 -21.25 22.37
CA LYS E 720 -6.16 -22.41 23.08
C LYS E 720 -7.04 -23.65 22.94
N TYR E 721 -8.35 -23.47 22.79
CA TYR E 721 -9.27 -24.60 22.67
C TYR E 721 -9.92 -24.62 21.29
N ALA E 722 -9.96 -25.80 20.69
CA ALA E 722 -10.63 -26.03 19.42
C ALA E 722 -11.68 -27.12 19.61
N TYR E 723 -12.91 -26.84 19.20
CA TYR E 723 -14.04 -27.73 19.45
C TYR E 723 -14.44 -28.47 18.19
N LEU E 724 -14.61 -29.78 18.31
CA LEU E 724 -14.93 -30.67 17.21
C LEU E 724 -16.43 -30.97 17.28
N LEU E 725 -17.16 -30.60 16.23
CA LEU E 725 -18.61 -30.69 16.27
C LEU E 725 -19.13 -30.94 14.88
N GLU E 726 -20.42 -30.70 14.68
CA GLU E 726 -21.07 -30.87 13.39
C GLU E 726 -20.90 -29.60 12.55
N SER E 727 -20.85 -29.80 11.23
CA SER E 727 -20.61 -28.68 10.33
C SER E 727 -21.74 -27.66 10.39
N THR E 728 -22.98 -28.12 10.55
CA THR E 728 -24.12 -27.22 10.44
C THR E 728 -24.18 -26.25 11.61
N MET E 729 -24.06 -26.76 12.83
CA MET E 729 -24.09 -25.87 13.99
C MET E 729 -22.89 -24.94 13.99
N ASN E 730 -21.74 -25.44 13.52
CA ASN E 730 -20.56 -24.60 13.43
C ASN E 730 -20.79 -23.44 12.46
N GLU E 731 -21.36 -23.74 11.30
CA GLU E 731 -21.65 -22.70 10.32
C GLU E 731 -22.65 -21.70 10.88
N TYR E 732 -23.65 -22.20 11.62
CA TYR E 732 -24.63 -21.31 12.24
C TYR E 732 -23.96 -20.38 13.24
N ILE E 733 -23.14 -20.93 14.13
CA ILE E 733 -22.50 -20.16 15.18
C ILE E 733 -21.51 -19.15 14.60
N GLU E 734 -20.84 -19.51 13.50
CA GLU E 734 -19.92 -18.59 12.85
C GLU E 734 -20.66 -17.36 12.34
N GLN E 735 -21.99 -17.37 12.42
CA GLN E 735 -22.81 -16.25 11.98
C GLN E 735 -23.60 -15.62 13.13
N ARG E 736 -23.29 -15.99 14.37
CA ARG E 736 -23.99 -15.48 15.54
C ARG E 736 -23.20 -14.36 16.21
N LYS E 737 -23.93 -13.46 16.87
CA LYS E 737 -23.31 -12.43 17.68
C LYS E 737 -23.12 -12.96 19.09
N PRO E 738 -21.89 -12.97 19.63
CA PRO E 738 -20.67 -12.41 19.05
C PRO E 738 -20.12 -13.28 17.92
N CYS E 739 -19.70 -12.63 16.83
CA CYS E 739 -19.10 -13.34 15.71
C CYS E 739 -17.60 -13.49 15.98
N ASP E 740 -17.30 -14.34 16.95
CA ASP E 740 -15.93 -14.56 17.42
C ASP E 740 -15.47 -15.99 17.19
N THR E 741 -16.04 -16.68 16.21
CA THR E 741 -15.65 -18.05 15.91
C THR E 741 -15.65 -18.24 14.40
N MET E 742 -14.87 -19.23 13.95
CA MET E 742 -14.95 -19.67 12.57
C MET E 742 -14.64 -21.15 12.48
N LYS E 743 -15.12 -21.74 11.38
CA LYS E 743 -14.89 -23.12 11.05
C LYS E 743 -13.66 -23.23 10.17
N VAL E 744 -12.84 -24.26 10.41
CA VAL E 744 -11.60 -24.44 9.68
C VAL E 744 -11.54 -25.84 9.09
N GLY E 745 -10.84 -25.95 7.97
CA GLY E 745 -10.60 -27.24 7.36
C GLY E 745 -11.85 -27.84 6.77
N GLY E 746 -11.68 -29.08 6.30
CA GLY E 746 -12.78 -29.84 5.73
C GLY E 746 -13.54 -30.59 6.79
N ASN E 747 -14.19 -31.67 6.36
CA ASN E 747 -15.01 -32.48 7.24
C ASN E 747 -14.36 -33.86 7.41
N LEU E 748 -14.39 -34.36 8.64
CA LEU E 748 -13.71 -35.59 8.99
C LEU E 748 -14.61 -36.81 8.91
N ASP E 749 -15.88 -36.62 8.56
CA ASP E 749 -16.84 -37.71 8.50
C ASP E 749 -17.95 -37.30 7.54
N SER E 750 -18.70 -38.28 7.07
CA SER E 750 -19.87 -38.04 6.23
C SER E 750 -21.11 -38.51 6.96
N LYS E 751 -22.12 -37.66 7.01
CA LYS E 751 -23.39 -37.99 7.62
C LYS E 751 -24.48 -37.22 6.90
N GLY E 752 -25.72 -37.60 7.18
CA GLY E 752 -26.86 -36.91 6.59
C GLY E 752 -28.01 -36.88 7.56
N TYR E 753 -28.82 -35.84 7.44
CA TYR E 753 -30.04 -35.70 8.20
C TYR E 753 -31.20 -36.12 7.32
N GLY E 754 -32.02 -37.05 7.82
CA GLY E 754 -33.03 -37.67 7.00
C GLY E 754 -34.39 -37.63 7.64
N ILE E 755 -35.41 -37.49 6.79
CA ILE E 755 -36.79 -37.59 7.20
C ILE E 755 -37.11 -39.04 7.53
N ALA E 756 -37.78 -39.26 8.66
CA ALA E 756 -38.08 -40.60 9.14
C ALA E 756 -39.55 -40.94 8.93
N THR E 757 -39.85 -42.22 9.07
CA THR E 757 -41.20 -42.73 8.86
C THR E 757 -41.33 -44.10 9.50
N PRO E 758 -42.49 -44.47 10.04
CA PRO E 758 -42.65 -45.82 10.59
C PRO E 758 -42.60 -46.88 9.50
N LYS E 759 -42.17 -48.07 9.88
CA LYS E 759 -42.08 -49.19 8.95
C LYS E 759 -43.47 -49.54 8.43
N GLY E 760 -43.67 -49.38 7.12
CA GLY E 760 -44.94 -49.71 6.50
C GLY E 760 -45.83 -48.54 6.17
N SER E 761 -45.42 -47.32 6.52
CA SER E 761 -46.21 -46.15 6.18
C SER E 761 -46.20 -45.94 4.67
N SER E 762 -47.32 -45.44 4.16
CA SER E 762 -47.46 -45.13 2.74
C SER E 762 -46.77 -43.83 2.35
N LEU E 763 -46.03 -43.22 3.27
CA LEU E 763 -45.40 -41.93 3.04
C LEU E 763 -43.93 -42.02 2.67
N GLY E 764 -43.35 -43.21 2.64
CA GLY E 764 -41.94 -43.35 2.33
C GLY E 764 -41.54 -42.86 0.95
N THR E 765 -42.05 -43.53 -0.08
CA THR E 765 -41.69 -43.18 -1.45
C THR E 765 -42.01 -41.71 -1.76
N PRO E 766 -43.18 -41.18 -1.41
CA PRO E 766 -43.45 -39.77 -1.72
C PRO E 766 -42.46 -38.81 -1.07
N VAL E 767 -42.08 -39.02 0.19
CA VAL E 767 -41.15 -38.09 0.82
C VAL E 767 -39.76 -38.23 0.23
N ASN E 768 -39.34 -39.47 -0.07
CA ASN E 768 -38.07 -39.65 -0.76
C ASN E 768 -38.04 -38.85 -2.06
N LEU E 769 -39.08 -39.02 -2.87
CA LEU E 769 -39.12 -38.31 -4.14
C LEU E 769 -39.24 -36.82 -3.95
N ALA E 770 -39.90 -36.38 -2.89
CA ALA E 770 -40.04 -34.95 -2.64
C ALA E 770 -38.70 -34.31 -2.29
N VAL E 771 -37.93 -34.95 -1.39
CA VAL E 771 -36.62 -34.40 -1.04
C VAL E 771 -35.71 -34.44 -2.24
N LEU E 772 -35.77 -35.50 -3.04
CA LEU E 772 -34.93 -35.56 -4.23
C LEU E 772 -35.27 -34.45 -5.21
N LYS E 773 -36.57 -34.20 -5.42
CA LYS E 773 -36.98 -33.13 -6.33
C LYS E 773 -36.54 -31.78 -5.80
N LEU E 774 -36.73 -31.53 -4.51
CA LEU E 774 -36.32 -30.26 -3.93
C LEU E 774 -34.82 -30.05 -4.08
N SER E 775 -34.03 -31.09 -3.81
CA SER E 775 -32.59 -30.98 -3.97
C SER E 775 -32.22 -30.69 -5.41
N GLU E 776 -32.84 -31.39 -6.36
CA GLU E 776 -32.50 -31.20 -7.76
C GLU E 776 -32.81 -29.78 -8.21
N GLN E 777 -33.97 -29.25 -7.82
CA GLN E 777 -34.34 -27.91 -8.28
C GLN E 777 -33.58 -26.83 -7.50
N GLY E 778 -33.36 -27.03 -6.21
CA GLY E 778 -32.50 -26.14 -5.44
C GLY E 778 -33.18 -25.45 -4.28
N VAL E 779 -34.26 -26.04 -3.78
CA VAL E 779 -34.99 -25.41 -2.68
C VAL E 779 -34.18 -25.48 -1.38
N LEU E 780 -33.62 -26.65 -1.08
CA LEU E 780 -32.96 -26.84 0.20
C LEU E 780 -31.76 -25.91 0.36
N ASP E 781 -31.00 -25.71 -0.72
CA ASP E 781 -29.89 -24.77 -0.67
C ASP E 781 -30.38 -23.36 -0.36
N LYS E 782 -31.50 -22.97 -0.97
CA LYS E 782 -32.05 -21.64 -0.72
C LYS E 782 -32.48 -21.50 0.74
N LEU E 783 -33.10 -22.54 1.29
CA LEU E 783 -33.52 -22.49 2.69
C LEU E 783 -32.31 -22.39 3.62
N LYS E 784 -31.25 -23.15 3.31
CA LYS E 784 -30.03 -23.05 4.10
C LYS E 784 -29.45 -21.65 4.05
N ASN E 785 -29.39 -21.06 2.85
CA ASN E 785 -28.93 -19.68 2.74
C ASN E 785 -29.83 -18.75 3.55
N LYS E 786 -31.12 -19.06 3.62
CA LYS E 786 -32.07 -18.18 4.27
C LYS E 786 -31.92 -18.23 5.79
N TRP E 787 -31.61 -19.41 6.34
CA TRP E 787 -31.59 -19.59 7.77
C TRP E 787 -30.19 -19.64 8.38
N TRP E 788 -29.14 -19.65 7.56
CA TRP E 788 -27.77 -19.67 8.05
C TRP E 788 -27.03 -18.38 7.70
N TYR E 789 -26.97 -18.03 6.41
CA TYR E 789 -26.23 -16.86 5.96
C TYR E 789 -27.13 -15.62 5.93
N ASP E 790 -28.20 -15.67 5.13
CA ASP E 790 -29.27 -14.72 5.32
C ASP E 790 -29.98 -15.03 6.63
N LYS E 791 -30.63 -14.01 7.18
CA LYS E 791 -31.05 -14.04 8.58
C LYS E 791 -29.85 -14.21 9.51
N GLY E 792 -28.66 -13.92 9.00
CA GLY E 792 -27.43 -14.03 9.75
C GLY E 792 -26.88 -12.64 10.05
N GLU E 793 -26.43 -12.46 11.30
CA GLU E 793 -26.09 -11.13 11.78
C GLU E 793 -24.89 -10.56 11.05
N CYS E 794 -23.74 -11.22 11.15
CA CYS E 794 -22.51 -10.74 10.53
C CYS E 794 -22.33 -11.37 9.17
N GLY E 795 -22.15 -10.53 8.15
CA GLY E 795 -21.93 -11.00 6.80
C GLY E 795 -20.50 -11.48 6.60
N ALA E 796 -19.95 -11.23 5.42
CA ALA E 796 -18.59 -11.64 5.11
C ALA E 796 -17.90 -10.62 4.21
N LYS E 802 -9.80 -2.46 5.67
CA LYS E 802 -10.56 -1.25 5.41
C LYS E 802 -10.38 -0.25 6.54
N GLU E 803 -10.18 -0.76 7.75
CA GLU E 803 -10.03 0.10 8.91
C GLU E 803 -8.86 1.05 8.72
N LYS E 804 -9.06 2.31 9.11
CA LYS E 804 -7.99 3.30 8.97
C LYS E 804 -6.76 2.87 9.75
N THR E 805 -5.60 3.20 9.20
CA THR E 805 -4.35 2.76 9.80
C THR E 805 -4.11 3.49 11.11
N SER E 806 -3.51 2.77 12.05
CA SER E 806 -3.26 3.28 13.39
C SER E 806 -1.81 3.72 13.54
N ALA E 807 -1.61 4.74 14.35
CA ALA E 807 -0.27 5.18 14.70
C ALA E 807 0.46 4.09 15.47
N LEU E 808 1.76 4.02 15.27
CA LEU E 808 2.57 3.04 15.97
C LEU E 808 2.59 3.35 17.46
N SER E 809 2.51 2.31 18.28
CA SER E 809 2.52 2.43 19.71
C SER E 809 3.88 2.02 20.27
N LEU E 810 4.12 2.42 21.52
CA LEU E 810 5.40 2.09 22.16
C LEU E 810 5.63 0.59 22.19
N SER E 811 4.55 -0.19 22.34
CA SER E 811 4.69 -1.65 22.40
C SER E 811 5.29 -2.21 21.13
N ASN E 812 5.16 -1.50 20.01
CA ASN E 812 5.74 -1.99 18.75
C ASN E 812 7.25 -1.91 18.78
N VAL E 813 7.80 -0.86 19.38
CA VAL E 813 9.22 -0.57 19.32
C VAL E 813 9.85 -0.52 20.71
N ALA E 814 9.24 -1.18 21.69
CA ALA E 814 9.85 -1.23 23.02
C ALA E 814 11.19 -1.95 22.99
N GLY E 815 11.37 -2.86 22.03
CA GLY E 815 12.60 -3.61 21.98
C GLY E 815 13.82 -2.75 21.75
N VAL E 816 13.71 -1.76 20.87
CA VAL E 816 14.86 -0.89 20.63
C VAL E 816 15.17 -0.08 21.88
N PHE E 817 14.16 0.33 22.63
CA PHE E 817 14.42 1.06 23.87
C PHE E 817 15.14 0.18 24.89
N TYR E 818 14.68 -1.07 25.04
CA TYR E 818 15.34 -1.98 25.97
C TYR E 818 16.78 -2.23 25.54
N ILE E 819 16.99 -2.46 24.25
CA ILE E 819 18.32 -2.71 23.72
C ILE E 819 19.21 -1.50 23.95
N LEU E 820 18.67 -0.31 23.73
CA LEU E 820 19.45 0.92 23.90
C LEU E 820 19.87 1.08 25.34
N VAL E 821 18.94 0.90 26.28
CA VAL E 821 19.28 1.09 27.68
C VAL E 821 20.26 0.02 28.14
N GLY E 822 20.12 -1.21 27.63
CA GLY E 822 21.09 -2.23 27.93
C GLY E 822 22.47 -1.87 27.42
N GLY E 823 22.54 -1.29 26.21
CA GLY E 823 23.81 -0.85 25.68
C GLY E 823 24.42 0.27 26.49
N LEU E 824 23.58 1.18 26.99
CA LEU E 824 24.09 2.25 27.85
C LEU E 824 24.66 1.71 29.15
N GLY E 825 23.92 0.80 29.80
CA GLY E 825 24.45 0.19 31.02
C GLY E 825 25.72 -0.58 30.76
N LEU E 826 25.77 -1.34 29.67
CA LEU E 826 26.97 -2.07 29.31
C LEU E 826 28.14 -1.13 29.07
N ALA E 827 27.89 -0.02 28.38
CA ALA E 827 28.95 0.95 28.10
C ALA E 827 29.50 1.53 29.40
N MET E 828 28.61 1.88 30.31
CA MET E 828 29.05 2.44 31.59
C MET E 828 29.86 1.42 32.37
N LEU E 829 29.43 0.15 32.35
CA LEU E 829 30.17 -0.90 33.05
C LEU E 829 31.55 -1.11 32.45
N VAL E 830 31.63 -1.21 31.12
CA VAL E 830 32.91 -1.32 30.44
C VAL E 830 33.80 -0.15 30.79
N ALA E 831 33.23 1.06 30.82
CA ALA E 831 34.03 2.24 31.12
C ALA E 831 34.62 2.16 32.53
N LEU E 832 33.80 1.78 33.51
CA LEU E 832 34.29 1.69 34.88
C LEU E 832 35.33 0.58 35.00
N ILE E 833 35.14 -0.53 34.30
CA ILE E 833 36.12 -1.60 34.32
C ILE E 833 37.46 -1.12 33.79
N GLU E 834 37.43 -0.45 32.63
CA GLU E 834 38.68 0.07 32.07
C GLU E 834 39.32 1.08 33.00
N PHE E 835 38.52 1.92 33.65
CA PHE E 835 39.07 2.92 34.55
C PHE E 835 39.76 2.27 35.74
N CYS E 836 39.11 1.29 36.37
CA CYS E 836 39.73 0.60 37.50
C CYS E 836 41.01 -0.10 37.06
N TYR E 837 40.95 -0.82 35.94
CA TYR E 837 42.11 -1.57 35.47
C TYR E 837 43.28 -0.63 35.17
N LYS E 838 43.01 0.47 34.46
CA LYS E 838 44.06 1.40 34.11
C LYS E 838 44.63 2.09 35.34
N SER E 839 43.77 2.46 36.29
CA SER E 839 44.27 3.11 37.50
C SER E 839 45.16 2.16 38.29
N ARG E 840 44.75 0.90 38.40
CA ARG E 840 45.58 -0.09 39.09
C ARG E 840 46.91 -0.27 38.37
N ALA E 841 46.88 -0.32 37.04
CA ALA E 841 48.11 -0.54 36.28
C ALA E 841 49.07 0.64 36.43
N GLU E 842 48.56 1.86 36.23
CA GLU E 842 49.39 3.05 36.38
C GLU E 842 49.81 3.28 37.82
N ALA E 843 49.10 2.67 38.77
CA ALA E 843 49.50 2.77 40.18
C ALA E 843 50.69 1.88 40.51
N LYS E 844 51.13 1.05 39.58
CA LYS E 844 52.25 0.14 39.81
C LYS E 844 53.33 0.32 38.75
N GLU F 15 31.17 28.51 41.05
CA GLU F 15 32.33 27.82 41.58
C GLU F 15 31.96 26.42 42.05
N LYS F 16 32.91 25.74 42.69
CA LYS F 16 32.67 24.36 43.14
C LYS F 16 31.57 24.31 44.20
N GLY F 17 31.58 25.25 45.14
CA GLY F 17 30.60 25.22 46.20
C GLY F 17 29.17 25.32 45.69
N VAL F 18 28.93 26.27 44.78
CA VAL F 18 27.59 26.44 44.25
C VAL F 18 27.16 25.23 43.44
N GLN F 19 28.09 24.64 42.68
CA GLN F 19 27.76 23.45 41.91
C GLN F 19 27.38 22.29 42.83
N VAL F 20 28.13 22.11 43.92
CA VAL F 20 27.79 21.06 44.88
C VAL F 20 26.44 21.33 45.51
N LEU F 21 26.16 22.60 45.81
CA LEU F 21 24.89 22.96 46.41
C LEU F 21 23.74 22.62 45.46
N LEU F 22 23.88 22.97 44.19
CA LEU F 22 22.88 22.62 43.20
C LEU F 22 22.72 21.11 43.09
N THR F 23 23.83 20.38 43.13
CA THR F 23 23.76 18.93 43.03
C THR F 23 22.96 18.34 44.19
N THR F 24 23.25 18.79 45.41
CA THR F 24 22.53 18.27 46.57
C THR F 24 21.05 18.66 46.54
N ILE F 25 20.77 19.90 46.15
CA ILE F 25 19.38 20.34 46.04
C ILE F 25 18.64 19.51 45.00
N GLY F 26 19.28 19.27 43.86
CA GLY F 26 18.64 18.47 42.83
C GLY F 26 18.42 17.03 43.28
N ALA F 27 19.37 16.48 44.02
CA ALA F 27 19.20 15.12 44.53
C ALA F 27 17.99 15.05 45.46
N PHE F 28 17.91 16.00 46.40
CA PHE F 28 16.77 16.01 47.32
C PHE F 28 15.46 16.19 46.56
N ALA F 29 15.43 17.13 45.62
CA ALA F 29 14.20 17.41 44.88
C ALA F 29 13.77 16.21 44.05
N ALA F 30 14.72 15.58 43.34
CA ALA F 30 14.38 14.43 42.52
C ALA F 30 13.89 13.27 43.36
N PHE F 31 14.56 13.01 44.49
CA PHE F 31 14.10 11.95 45.39
C PHE F 31 12.69 12.23 45.87
N GLY F 32 12.42 13.48 46.26
CA GLY F 32 11.09 13.82 46.74
C GLY F 32 10.03 13.66 45.66
N LEU F 33 10.33 14.17 44.46
CA LEU F 33 9.39 14.06 43.35
C LEU F 33 9.10 12.61 43.02
N MET F 34 10.13 11.77 42.98
CA MET F 34 9.90 10.38 42.60
C MET F 34 9.14 9.62 43.69
N THR F 35 9.46 9.87 44.96
CA THR F 35 8.68 9.27 46.04
C THR F 35 7.23 9.71 45.98
N ILE F 36 7.01 11.00 45.70
CA ILE F 36 5.65 11.51 45.58
C ILE F 36 4.92 10.80 44.45
N ALA F 37 5.58 10.67 43.29
CA ALA F 37 4.95 10.04 42.14
C ALA F 37 4.62 8.58 42.42
N ILE F 38 5.53 7.86 43.06
CA ILE F 38 5.29 6.46 43.38
C ILE F 38 4.13 6.34 44.35
N SER F 39 4.17 7.09 45.45
CA SER F 39 3.10 7.00 46.45
C SER F 39 1.79 7.55 45.90
N THR F 40 1.86 8.62 45.12
CA THR F 40 0.67 9.24 44.58
C THR F 40 -0.03 8.30 43.61
N ASP F 41 -1.33 8.53 43.41
CA ASP F 41 -2.15 7.71 42.55
C ASP F 41 -2.88 8.56 41.51
N TYR F 42 -2.14 9.45 40.85
CA TYR F 42 -2.69 10.33 39.82
C TYR F 42 -1.86 10.22 38.54
N TRP F 43 -1.50 9.01 38.14
CA TRP F 43 -0.72 8.84 36.92
C TRP F 43 -1.58 8.92 35.68
N LEU F 44 -2.68 8.17 35.65
CA LEU F 44 -3.47 7.97 34.45
C LEU F 44 -4.93 8.30 34.73
N TYR F 45 -5.52 9.12 33.86
CA TYR F 45 -6.94 9.41 33.88
C TYR F 45 -7.60 8.65 32.74
N THR F 46 -8.53 7.77 33.06
CA THR F 46 -9.12 6.91 32.04
C THR F 46 -10.55 6.57 32.42
N ARG F 47 -11.11 5.61 31.69
CA ARG F 47 -12.44 5.07 31.95
C ARG F 47 -12.32 3.57 32.14
N ALA F 48 -12.92 3.06 33.21
CA ALA F 48 -12.78 1.66 33.57
C ALA F 48 -14.14 1.03 33.79
N LEU F 49 -14.23 -0.27 33.49
CA LEU F 49 -15.47 -1.00 33.69
C LEU F 49 -15.83 -1.08 35.16
N ILE F 50 -14.84 -1.29 36.03
CA ILE F 50 -15.11 -1.45 37.46
C ILE F 50 -15.10 -0.05 38.06
N CYS F 51 -16.22 0.65 37.89
CA CYS F 51 -16.43 1.93 38.53
C CYS F 51 -17.87 2.16 38.97
N ASN F 52 -18.75 1.17 38.84
CA ASN F 52 -20.15 1.31 39.21
C ASN F 52 -20.87 2.32 38.33
N THR F 53 -20.40 2.48 37.09
CA THR F 53 -21.02 3.41 36.15
C THR F 53 -20.92 4.84 36.65
N PRO F 77 -18.73 2.95 28.33
CA PRO F 77 -17.85 1.79 28.53
C PRO F 77 -17.38 1.65 29.96
N GLY F 78 -17.60 2.68 30.78
CA GLY F 78 -17.19 2.63 32.17
C GLY F 78 -17.22 4.02 32.78
N GLY F 79 -16.72 4.09 34.01
CA GLY F 79 -16.67 5.33 34.75
C GLY F 79 -15.27 5.90 34.81
N LEU F 80 -15.21 7.21 35.03
CA LEU F 80 -13.93 7.88 35.12
C LEU F 80 -13.14 7.37 36.32
N THR F 81 -11.84 7.20 36.12
CA THR F 81 -10.94 6.73 37.15
C THR F 81 -9.62 7.48 37.05
N HIS F 82 -8.98 7.69 38.20
CA HIS F 82 -7.60 8.17 38.23
C HIS F 82 -6.81 7.10 38.97
N SER F 83 -5.73 6.65 38.35
CA SER F 83 -4.96 5.51 38.81
C SER F 83 -3.54 5.92 39.13
N GLY F 84 -2.73 4.92 39.44
CA GLY F 84 -1.33 5.11 39.76
C GLY F 84 -0.55 3.86 39.47
N LEU F 85 0.40 3.55 40.35
CA LEU F 85 1.17 2.32 40.22
C LEU F 85 0.54 1.16 40.96
N TRP F 86 -0.14 1.44 42.06
CA TRP F 86 -0.67 0.40 42.95
C TRP F 86 -2.19 0.34 42.96
N ARG F 87 -2.86 1.46 43.16
CA ARG F 87 -4.29 1.50 43.41
C ARG F 87 -4.98 2.45 42.44
N ILE F 88 -6.28 2.25 42.29
CA ILE F 88 -7.11 3.04 41.39
C ILE F 88 -8.28 3.61 42.16
N CYS F 89 -8.65 4.85 41.86
CA CYS F 89 -9.69 5.58 42.58
C CYS F 89 -10.71 6.03 41.55
N CYS F 90 -12.00 5.82 41.83
CA CYS F 90 -13.03 6.34 40.96
C CYS F 90 -13.36 7.78 41.33
N LEU F 91 -13.66 8.57 40.29
CA LEU F 91 -14.15 9.93 40.46
C LEU F 91 -15.36 10.10 39.55
N GLU F 92 -16.25 11.01 39.95
CA GLU F 92 -17.49 11.25 39.21
C GLU F 92 -18.27 9.95 39.03
N GLY F 93 -18.65 9.37 40.17
CA GLY F 93 -19.40 8.13 40.18
C GLY F 93 -20.00 7.88 41.54
N LEU F 94 -20.91 6.92 41.59
CA LEU F 94 -21.55 6.57 42.85
C LEU F 94 -20.53 6.11 43.88
N LYS F 95 -19.60 5.24 43.46
CA LYS F 95 -18.49 4.85 44.31
C LYS F 95 -17.38 5.88 44.21
N ARG F 96 -17.70 7.14 44.51
CA ARG F 96 -16.73 8.21 44.40
C ARG F 96 -15.84 8.25 45.64
N GLY F 97 -14.53 8.27 45.42
CA GLY F 97 -13.55 8.39 46.46
C GLY F 97 -12.97 7.07 46.94
N VAL F 98 -13.63 5.95 46.63
CA VAL F 98 -13.14 4.65 47.08
C VAL F 98 -11.99 4.22 46.19
N CYS F 99 -10.86 3.88 46.80
CA CYS F 99 -9.68 3.42 46.09
C CYS F 99 -9.39 1.96 46.43
N VAL F 100 -9.12 1.18 45.39
CA VAL F 100 -8.95 -0.26 45.48
C VAL F 100 -7.65 -0.65 44.81
N LYS F 101 -6.99 -1.66 45.36
CA LYS F 101 -5.73 -2.14 44.79
C LYS F 101 -5.96 -2.63 43.37
N ILE F 102 -4.99 -2.36 42.50
CA ILE F 102 -5.10 -2.72 41.10
C ILE F 102 -4.93 -4.22 40.96
N ASN F 103 -5.78 -4.83 40.15
CA ASN F 103 -5.78 -6.28 39.95
C ASN F 103 -5.05 -6.58 38.65
N HIS F 104 -3.73 -6.75 38.75
CA HIS F 104 -2.96 -7.19 37.61
C HIS F 104 -3.38 -8.60 37.22
N PHE F 105 -2.80 -9.09 36.13
CA PHE F 105 -3.08 -10.44 35.65
C PHE F 105 -4.57 -10.59 35.31
N ASP F 114 2.89 -16.85 26.77
CA ASP F 114 2.80 -15.46 27.23
C ASP F 114 3.84 -15.19 28.30
N SER F 115 5.04 -15.76 28.12
CA SER F 115 6.11 -15.57 29.09
C SER F 115 6.51 -14.11 29.19
N ALA F 116 6.66 -13.43 28.04
CA ALA F 116 7.03 -12.02 28.06
C ALA F 116 5.95 -11.18 28.70
N GLU F 117 4.68 -11.47 28.41
CA GLU F 117 3.60 -10.75 29.06
C GLU F 117 3.62 -10.97 30.57
N TYR F 118 3.92 -12.19 31.00
CA TYR F 118 4.02 -12.48 32.42
C TYR F 118 5.14 -11.67 33.07
N LEU F 119 6.31 -11.64 32.43
CA LEU F 119 7.42 -10.88 32.99
C LEU F 119 7.08 -9.39 33.05
N LEU F 120 6.45 -8.87 32.00
CA LEU F 120 6.07 -7.46 32.00
C LEU F 120 5.08 -7.16 33.11
N ARG F 121 4.09 -8.04 33.32
CA ARG F 121 3.14 -7.84 34.39
C ARG F 121 3.83 -7.85 35.74
N VAL F 122 4.79 -8.78 35.93
CA VAL F 122 5.51 -8.85 37.20
C VAL F 122 6.29 -7.57 37.45
N VAL F 123 7.03 -7.11 36.43
CA VAL F 123 7.85 -5.91 36.59
C VAL F 123 6.97 -4.69 36.85
N ARG F 124 5.84 -4.60 36.16
CA ARG F 124 4.93 -3.48 36.36
C ARG F 124 4.32 -3.51 37.74
N ALA F 125 3.99 -4.70 38.25
CA ALA F 125 3.43 -4.79 39.59
C ALA F 125 4.45 -4.40 40.65
N SER F 126 5.65 -4.96 40.57
CA SER F 126 6.67 -4.66 41.55
C SER F 126 7.08 -3.19 41.52
N SER F 127 7.03 -2.57 40.34
CA SER F 127 7.49 -1.20 40.16
C SER F 127 8.91 -1.06 40.68
N ILE F 128 9.72 -2.08 40.44
CA ILE F 128 11.07 -2.11 40.99
C ILE F 128 11.95 -1.04 40.35
N PHE F 129 11.62 -0.58 39.15
CA PHE F 129 12.50 0.34 38.44
C PHE F 129 12.38 1.76 38.97
N PRO F 130 11.17 2.31 39.13
CA PRO F 130 11.06 3.61 39.79
C PRO F 130 11.59 3.61 41.22
N ILE F 131 11.33 2.53 41.96
CA ILE F 131 11.82 2.42 43.32
C ILE F 131 13.34 2.39 43.32
N LEU F 132 13.93 1.66 42.38
CA LEU F 132 15.38 1.63 42.24
C LEU F 132 15.91 3.01 41.90
N SER F 133 15.20 3.74 41.04
CA SER F 133 15.62 5.11 40.71
C SER F 133 15.67 5.96 41.97
N ALA F 134 14.63 5.90 42.78
CA ALA F 134 14.61 6.68 44.01
C ALA F 134 15.73 6.26 44.96
N ILE F 135 15.94 4.95 45.09
CA ILE F 135 16.98 4.46 45.98
C ILE F 135 18.35 4.95 45.53
N LEU F 136 18.61 4.86 44.22
CA LEU F 136 19.90 5.29 43.69
C LEU F 136 20.08 6.80 43.87
N LEU F 137 19.01 7.57 43.71
CA LEU F 137 19.10 9.01 43.96
C LEU F 137 19.46 9.28 45.42
N LEU F 138 18.84 8.53 46.34
CA LEU F 138 19.16 8.69 47.75
C LEU F 138 20.62 8.38 48.02
N LEU F 139 21.10 7.26 47.50
CA LEU F 139 22.49 6.87 47.71
C LEU F 139 23.45 7.88 47.11
N GLY F 140 23.09 8.43 45.94
CA GLY F 140 23.94 9.45 45.34
C GLY F 140 24.00 10.72 46.16
N GLY F 141 22.86 11.16 46.70
CA GLY F 141 22.88 12.29 47.59
C GLY F 141 23.72 12.04 48.83
N VAL F 142 23.64 10.83 49.37
CA VAL F 142 24.46 10.47 50.51
C VAL F 142 25.94 10.52 50.15
N CYS F 143 26.30 10.01 48.99
CA CYS F 143 27.69 10.05 48.55
C CYS F 143 28.16 11.50 48.36
N VAL F 144 27.29 12.36 47.87
CA VAL F 144 27.65 13.77 47.73
C VAL F 144 27.90 14.38 49.11
N ALA F 145 27.03 14.09 50.06
CA ALA F 145 27.22 14.62 51.41
C ALA F 145 28.54 14.14 51.98
N ALA F 146 28.89 12.87 51.73
CA ALA F 146 30.20 12.38 52.15
C ALA F 146 31.32 13.16 51.47
N SER F 147 31.16 13.42 50.17
CA SER F 147 32.15 14.23 49.45
C SER F 147 32.30 15.59 50.09
N ARG F 148 31.25 16.08 50.75
CA ARG F 148 31.35 17.30 51.53
C ARG F 148 32.14 17.11 52.81
N VAL F 149 32.61 15.90 53.10
CA VAL F 149 33.35 15.64 54.33
C VAL F 149 34.74 15.11 53.98
N TYR F 150 34.79 13.95 53.32
CA TYR F 150 36.06 13.39 52.85
C TYR F 150 36.46 14.09 51.54
N LYS F 151 36.86 15.35 51.69
CA LYS F 151 37.26 16.14 50.53
C LYS F 151 38.47 15.54 49.82
N SER F 152 39.22 14.66 50.48
CA SER F 152 40.37 14.03 49.85
C SER F 152 39.94 12.99 48.84
N LYS F 153 39.13 12.01 49.28
CA LYS F 153 38.68 10.95 48.39
C LYS F 153 37.84 11.54 47.27
N ARG F 154 38.37 11.52 46.04
CA ARG F 154 37.70 12.12 44.89
C ARG F 154 36.82 11.14 44.14
N ASN F 155 36.87 9.85 44.46
CA ASN F 155 36.09 8.83 43.77
C ASN F 155 34.73 8.63 44.41
N ILE F 156 34.20 9.65 45.08
CA ILE F 156 32.88 9.60 45.71
C ILE F 156 31.87 10.39 44.90
N ILE F 157 32.22 11.62 44.53
CA ILE F 157 31.38 12.47 43.71
C ILE F 157 31.29 11.87 42.31
N LEU F 158 32.07 10.83 42.04
CA LEU F 158 31.93 10.04 40.83
C LEU F 158 30.86 8.98 40.98
N GLY F 159 30.88 8.25 42.08
CA GLY F 159 29.80 7.32 42.35
C GLY F 159 28.45 8.00 42.38
N ALA F 160 28.42 9.22 42.92
CA ALA F 160 27.17 9.97 42.93
C ALA F 160 26.64 10.18 41.51
N GLY F 161 27.52 10.60 40.59
CA GLY F 161 27.09 10.83 39.23
C GLY F 161 26.67 9.55 38.53
N ILE F 162 27.42 8.47 38.73
CA ILE F 162 27.04 7.19 38.13
C ILE F 162 25.67 6.78 38.62
N LEU F 163 25.42 6.91 39.92
CA LEU F 163 24.13 6.53 40.48
C LEU F 163 23.00 7.39 39.94
N PHE F 164 23.24 8.70 39.81
CA PHE F 164 22.21 9.58 39.26
C PHE F 164 21.86 9.19 37.83
N VAL F 165 22.88 8.93 37.01
CA VAL F 165 22.64 8.55 35.62
C VAL F 165 21.88 7.23 35.56
N ALA F 166 22.30 6.25 36.36
CA ALA F 166 21.61 4.97 36.38
C ALA F 166 20.17 5.13 36.85
N ALA F 167 19.92 6.02 37.80
CA ALA F 167 18.56 6.28 38.24
C ALA F 167 17.72 6.83 37.10
N GLY F 168 18.28 7.76 36.32
CA GLY F 168 17.56 8.25 35.16
C GLY F 168 17.22 7.14 34.18
N LEU F 169 18.17 6.25 33.93
CA LEU F 169 17.91 5.12 33.04
C LEU F 169 16.79 4.23 33.58
N SER F 170 16.83 3.95 34.88
CA SER F 170 15.81 3.10 35.48
C SER F 170 14.43 3.77 35.39
N ASN F 171 14.38 5.08 35.56
CA ASN F 171 13.12 5.80 35.39
C ASN F 171 12.61 5.68 33.96
N ILE F 172 13.51 5.80 32.98
CA ILE F 172 13.09 5.60 31.60
C ILE F 172 12.47 4.22 31.43
N ILE F 173 13.13 3.20 31.98
CA ILE F 173 12.65 1.84 31.83
C ILE F 173 11.29 1.67 32.49
N GLY F 174 11.13 2.24 33.67
CA GLY F 174 9.84 2.15 34.36
C GLY F 174 8.72 2.81 33.58
N VAL F 175 9.02 3.97 32.99
CA VAL F 175 8.02 4.65 32.17
C VAL F 175 7.63 3.79 30.99
N ILE F 176 8.62 3.19 30.32
CA ILE F 176 8.34 2.34 29.17
C ILE F 176 7.48 1.16 29.59
N VAL F 177 7.83 0.52 30.71
CA VAL F 177 7.08 -0.63 31.18
C VAL F 177 5.64 -0.24 31.51
N TYR F 178 5.46 0.88 32.20
CA TYR F 178 4.13 1.35 32.56
C TYR F 178 3.28 1.56 31.32
N ILE F 179 3.82 2.30 30.35
CA ILE F 179 3.07 2.61 29.14
C ILE F 179 2.74 1.34 28.38
N SER F 180 3.71 0.43 28.26
CA SER F 180 3.47 -0.82 27.53
C SER F 180 2.41 -1.67 28.21
N ALA F 181 2.45 -1.75 29.54
CA ALA F 181 1.53 -2.62 30.26
C ALA F 181 0.11 -2.07 30.21
N ASN F 182 -0.05 -0.75 30.30
CA ASN F 182 -1.38 -0.18 30.23
C ASN F 182 -2.11 -0.62 28.96
N ALA F 183 -1.41 -0.63 27.84
CA ALA F 183 -2.03 -1.00 26.58
C ALA F 183 -2.47 -2.46 26.59
N GLY F 184 -3.57 -2.74 25.90
CA GLY F 184 -4.09 -4.09 25.79
C GLY F 184 -4.96 -4.24 24.58
N GLU F 185 -5.31 -5.49 24.29
CA GLU F 185 -6.16 -5.82 23.15
C GLU F 185 -6.36 -7.32 23.04
N LYS F 195 -12.28 3.59 27.54
CA LYS F 195 -11.32 2.81 26.79
C LYS F 195 -10.72 3.64 25.66
N ASN F 196 -10.64 4.94 25.86
CA ASN F 196 -10.08 5.86 24.89
C ASN F 196 -10.00 7.24 25.52
N HIS F 197 -9.45 8.20 24.78
CA HIS F 197 -9.33 9.58 25.23
C HIS F 197 -8.65 9.67 26.60
N TYR F 198 -7.81 8.68 26.91
CA TYR F 198 -7.10 8.69 28.19
C TYR F 198 -6.08 9.82 28.21
N SER F 199 -5.47 10.00 29.38
CA SER F 199 -4.53 11.10 29.59
C SER F 199 -3.64 10.76 30.76
N TYR F 200 -2.53 11.49 30.86
CA TYR F 200 -1.54 11.29 31.89
C TYR F 200 -1.59 12.44 32.90
N GLY F 201 -1.40 12.11 34.17
CA GLY F 201 -1.50 13.07 35.24
C GLY F 201 -0.18 13.66 35.67
N TRP F 202 -0.25 14.50 36.69
CA TRP F 202 0.93 15.23 37.15
C TRP F 202 1.96 14.34 37.82
N SER F 203 1.57 13.15 38.27
CA SER F 203 2.55 12.23 38.84
C SER F 203 3.50 11.69 37.77
N PHE F 204 2.97 11.39 36.59
CA PHE F 204 3.80 10.95 35.48
C PHE F 204 4.85 12.02 35.13
N TYR F 205 4.43 13.27 35.08
CA TYR F 205 5.35 14.35 34.77
C TYR F 205 6.28 14.65 35.93
N PHE F 206 5.87 14.34 37.17
CA PHE F 206 6.82 14.38 38.28
C PHE F 206 7.93 13.37 38.06
N GLY F 207 7.58 12.16 37.62
CA GLY F 207 8.61 11.19 37.29
C GLY F 207 9.54 11.68 36.20
N GLY F 208 8.98 12.26 35.15
CA GLY F 208 9.81 12.81 34.08
C GLY F 208 10.74 13.91 34.57
N LEU F 209 10.22 14.80 35.41
CA LEU F 209 11.05 15.86 35.99
C LEU F 209 12.16 15.28 36.84
N SER F 210 11.85 14.23 37.60
CA SER F 210 12.87 13.54 38.39
C SER F 210 13.98 13.00 37.48
N PHE F 211 13.59 12.40 36.36
CA PHE F 211 14.60 11.90 35.42
C PHE F 211 15.50 13.02 34.93
N ILE F 212 14.88 14.13 34.50
CA ILE F 212 15.67 15.24 33.95
C ILE F 212 16.62 15.79 35.01
N LEU F 213 16.12 15.97 36.22
CA LEU F 213 16.96 16.50 37.29
C LEU F 213 18.10 15.55 37.61
N ALA F 214 17.83 14.25 37.63
CA ALA F 214 18.88 13.29 37.91
C ALA F 214 19.98 13.35 36.87
N GLU F 215 19.61 13.43 35.59
CA GLU F 215 20.62 13.54 34.56
C GLU F 215 21.44 14.82 34.70
N VAL F 216 20.76 15.93 35.00
CA VAL F 216 21.47 17.20 35.16
C VAL F 216 22.48 17.12 36.29
N ILE F 217 22.06 16.58 37.44
CA ILE F 217 22.96 16.57 38.59
C ILE F 217 24.06 15.55 38.39
N GLY F 218 23.82 14.49 37.64
CA GLY F 218 24.91 13.62 37.24
C GLY F 218 25.95 14.35 36.42
N VAL F 219 25.49 15.18 35.48
CA VAL F 219 26.41 16.00 34.70
C VAL F 219 27.23 16.90 35.62
N LEU F 220 26.55 17.58 36.55
CA LEU F 220 27.26 18.50 37.43
C LEU F 220 28.27 17.77 38.29
N ALA F 221 27.90 16.60 38.82
CA ALA F 221 28.83 15.84 39.65
C ALA F 221 30.04 15.39 38.86
N VAL F 222 29.83 14.96 37.62
CA VAL F 222 30.96 14.56 36.78
C VAL F 222 31.87 15.76 36.52
N ASN F 223 31.28 16.94 36.29
CA ASN F 223 32.09 18.13 36.09
C ASN F 223 32.90 18.45 37.34
N ILE F 224 32.29 18.28 38.50
CA ILE F 224 32.99 18.52 39.77
C ILE F 224 34.18 17.57 39.89
N TYR F 225 33.95 16.29 39.59
CA TYR F 225 35.04 15.33 39.62
C TYR F 225 36.15 15.73 38.67
N ILE F 226 35.78 16.19 37.47
CA ILE F 226 36.77 16.62 36.50
C ILE F 226 37.62 17.75 37.07
N GLU F 227 36.96 18.79 37.60
CA GLU F 227 37.70 19.94 38.11
C GLU F 227 38.60 19.54 39.26
N ARG F 228 38.09 18.71 40.17
CA ARG F 228 38.87 18.32 41.34
C ARG F 228 40.08 17.49 40.97
N SER F 229 39.87 16.48 40.10
CA SER F 229 40.99 15.65 39.65
C SER F 229 42.01 16.48 38.89
N ARG F 230 41.55 17.40 38.05
CA ARG F 230 42.47 18.27 37.32
C ARG F 230 43.31 19.11 38.28
N GLU F 231 42.65 19.72 39.26
CA GLU F 231 43.39 20.52 40.24
C GLU F 231 44.45 19.68 40.93
N ALA F 232 44.06 18.51 41.43
CA ALA F 232 45.00 17.69 42.18
C ALA F 232 46.15 17.22 41.28
N HIS F 233 45.85 16.78 40.06
CA HIS F 233 46.89 16.29 39.17
C HIS F 233 47.85 17.39 38.77
N CYS F 234 47.33 18.58 38.45
CA CYS F 234 48.21 19.69 38.09
C CYS F 234 49.07 20.10 39.27
N GLN F 235 48.49 20.16 40.47
CA GLN F 235 49.27 20.50 41.65
C GLN F 235 50.39 19.49 41.87
N SER F 236 50.07 18.20 41.73
CA SER F 236 51.08 17.16 41.96
C SER F 236 52.19 17.23 40.91
N ARG F 237 51.81 17.30 39.63
CA ARG F 237 52.82 17.32 38.57
C ARG F 237 53.70 18.56 38.68
N SER F 238 53.10 19.73 38.91
CA SER F 238 53.88 20.95 39.08
C SER F 238 54.73 20.89 40.34
N ASP F 239 54.43 19.99 41.27
CA ASP F 239 55.21 19.83 42.49
C ASP F 239 56.24 18.72 42.33
N GLN G 413 -27.47 -74.72 -4.62
CA GLN G 413 -26.49 -73.67 -4.37
C GLN G 413 -27.08 -72.29 -4.64
N ASN G 414 -26.91 -71.38 -3.70
CA ASN G 414 -27.39 -70.01 -3.88
C ASN G 414 -26.80 -69.43 -5.15
N ARG G 415 -27.67 -68.88 -5.99
CA ARG G 415 -27.23 -68.41 -7.31
C ARG G 415 -26.28 -67.24 -7.17
N THR G 416 -25.24 -67.24 -8.01
CA THR G 416 -24.34 -66.10 -8.07
C THR G 416 -25.11 -64.87 -8.53
N TYR G 417 -24.92 -63.76 -7.82
CA TYR G 417 -25.60 -62.52 -8.15
C TYR G 417 -24.73 -61.72 -9.10
N ILE G 418 -25.33 -61.24 -10.18
CA ILE G 418 -24.62 -60.55 -11.25
C ILE G 418 -24.49 -59.09 -10.89
N VAL G 419 -23.26 -58.58 -10.89
CA VAL G 419 -22.97 -57.21 -10.51
C VAL G 419 -22.56 -56.43 -11.75
N THR G 420 -23.16 -55.26 -11.93
CA THR G 420 -22.79 -54.35 -13.00
C THR G 420 -21.92 -53.23 -12.45
N THR G 421 -20.98 -52.78 -13.26
CA THR G 421 -20.07 -51.72 -12.90
C THR G 421 -19.72 -50.94 -14.15
N ILE G 422 -18.67 -50.12 -14.08
CA ILE G 422 -18.21 -49.34 -15.22
C ILE G 422 -16.76 -48.97 -14.96
N LEU G 423 -16.02 -48.72 -16.04
CA LEU G 423 -14.62 -48.35 -15.95
C LEU G 423 -14.52 -46.85 -15.67
N GLU G 424 -14.07 -46.51 -14.47
CA GLU G 424 -13.85 -45.11 -14.12
C GLU G 424 -12.86 -45.11 -12.97
N ASP G 425 -11.62 -44.72 -13.24
CA ASP G 425 -10.60 -44.74 -12.21
C ASP G 425 -10.98 -43.76 -11.11
N PRO G 426 -10.79 -44.13 -9.83
CA PRO G 426 -10.31 -45.40 -9.27
C PRO G 426 -11.39 -46.40 -8.91
N TYR G 427 -12.65 -46.10 -9.25
CA TYR G 427 -13.74 -46.93 -8.78
C TYR G 427 -13.62 -48.35 -9.28
N VAL G 428 -13.30 -48.53 -10.56
CA VAL G 428 -13.05 -49.85 -11.13
C VAL G 428 -11.97 -49.71 -12.18
N MET G 429 -10.93 -50.55 -12.08
CA MET G 429 -9.84 -50.55 -13.03
C MET G 429 -9.41 -51.99 -13.29
N LEU G 430 -8.67 -52.16 -14.38
CA LEU G 430 -8.14 -53.46 -14.76
C LEU G 430 -6.75 -53.64 -14.16
N LYS G 431 -6.56 -54.74 -13.43
CA LYS G 431 -5.31 -54.97 -12.74
C LYS G 431 -4.18 -55.15 -13.74
N LYS G 432 -2.96 -54.83 -13.30
CA LYS G 432 -1.79 -55.03 -14.14
C LYS G 432 -1.71 -56.48 -14.59
N ASN G 433 -1.41 -56.68 -15.87
CA ASN G 433 -1.41 -58.01 -16.47
C ASN G 433 -2.80 -58.63 -16.38
N ALA G 434 -3.75 -57.99 -17.08
CA ALA G 434 -5.14 -58.45 -17.05
C ALA G 434 -5.25 -59.89 -17.55
N ASN G 435 -4.56 -60.21 -18.65
CA ASN G 435 -4.66 -61.55 -19.20
C ASN G 435 -4.21 -62.60 -18.21
N GLN G 436 -3.33 -62.25 -17.28
CA GLN G 436 -2.85 -63.22 -16.30
C GLN G 436 -3.98 -63.73 -15.42
N PHE G 437 -4.86 -62.84 -14.97
CA PHE G 437 -5.93 -63.19 -14.05
C PHE G 437 -7.27 -63.22 -14.78
N GLU G 438 -8.18 -64.05 -14.28
CA GLU G 438 -9.50 -64.23 -14.89
C GLU G 438 -10.59 -64.04 -13.83
N GLY G 439 -11.72 -63.52 -14.28
CA GLY G 439 -12.88 -63.34 -13.41
C GLY G 439 -12.88 -62.02 -12.68
N ASN G 440 -13.23 -62.03 -11.39
CA ASN G 440 -13.17 -60.83 -10.58
C ASN G 440 -11.74 -60.46 -10.18
N ASP G 441 -10.83 -61.44 -10.15
CA ASP G 441 -9.47 -61.18 -9.68
C ASP G 441 -8.73 -60.19 -10.55
N ARG G 442 -9.21 -59.95 -11.79
CA ARG G 442 -8.55 -59.02 -12.67
C ARG G 442 -8.94 -57.57 -12.42
N TYR G 443 -10.00 -57.35 -11.64
CA TYR G 443 -10.51 -56.01 -11.37
C TYR G 443 -10.00 -55.53 -10.02
N GLU G 444 -9.51 -54.29 -9.98
CA GLU G 444 -9.03 -53.68 -8.76
C GLU G 444 -9.61 -52.27 -8.66
N GLY G 445 -10.09 -51.91 -7.48
CA GLY G 445 -10.57 -50.56 -7.26
C GLY G 445 -11.46 -50.46 -6.04
N TYR G 446 -11.87 -49.22 -5.78
CA TYR G 446 -12.70 -48.92 -4.62
C TYR G 446 -13.99 -49.72 -4.65
N CYS G 447 -14.71 -49.68 -5.77
CA CYS G 447 -15.99 -50.36 -5.85
C CYS G 447 -15.85 -51.86 -5.71
N VAL G 448 -14.72 -52.42 -6.13
CA VAL G 448 -14.53 -53.86 -6.04
C VAL G 448 -14.47 -54.30 -4.58
N GLU G 449 -13.64 -53.61 -3.78
CA GLU G 449 -13.55 -53.94 -2.37
C GLU G 449 -14.85 -53.62 -1.64
N LEU G 450 -15.55 -52.56 -2.07
CA LEU G 450 -16.85 -52.27 -1.49
C LEU G 450 -17.82 -53.41 -1.73
N ALA G 451 -17.85 -53.93 -2.96
CA ALA G 451 -18.73 -55.06 -3.26
C ALA G 451 -18.32 -56.29 -2.47
N ALA G 452 -17.02 -56.51 -2.33
CA ALA G 452 -16.54 -57.63 -1.52
C ALA G 452 -17.10 -57.54 -0.10
N GLU G 453 -16.95 -56.38 0.54
CA GLU G 453 -17.43 -56.23 1.91
C GLU G 453 -18.94 -56.39 1.98
N ILE G 454 -19.65 -55.80 1.02
CA ILE G 454 -21.11 -55.85 1.05
C ILE G 454 -21.60 -57.29 0.92
N ALA G 455 -21.02 -58.04 -0.03
CA ALA G 455 -21.40 -59.43 -0.19
C ALA G 455 -21.00 -60.26 1.01
N LYS G 456 -19.87 -59.93 1.65
CA LYS G 456 -19.47 -60.63 2.85
C LYS G 456 -20.50 -60.45 3.97
N HIS G 457 -20.99 -59.23 4.14
CA HIS G 457 -21.97 -58.97 5.20
C HIS G 457 -23.32 -59.57 4.86
N VAL G 458 -23.76 -59.44 3.60
CA VAL G 458 -24.99 -60.07 3.17
C VAL G 458 -24.82 -61.58 3.10
N GLY G 459 -23.70 -62.04 2.57
CA GLY G 459 -23.41 -63.46 2.50
C GLY G 459 -23.84 -64.11 1.21
N TYR G 460 -23.41 -63.55 0.07
CA TYR G 460 -23.74 -64.09 -1.23
C TYR G 460 -22.52 -64.00 -2.13
N SER G 461 -22.45 -64.91 -3.10
CA SER G 461 -21.38 -64.91 -4.08
C SER G 461 -21.78 -64.05 -5.27
N TYR G 462 -20.80 -63.35 -5.84
CA TYR G 462 -21.06 -62.39 -6.91
C TYR G 462 -20.09 -62.60 -8.07
N ARG G 463 -20.57 -62.27 -9.26
CA ARG G 463 -19.77 -62.27 -10.48
C ARG G 463 -19.87 -60.89 -11.11
N LEU G 464 -18.72 -60.27 -11.35
CA LEU G 464 -18.71 -58.93 -11.90
C LEU G 464 -18.85 -58.97 -13.42
N GLU G 465 -19.11 -57.80 -13.98
CA GLU G 465 -19.14 -57.57 -15.42
C GLU G 465 -19.13 -56.06 -15.61
N ILE G 466 -19.36 -55.61 -16.84
CA ILE G 466 -19.33 -54.19 -17.17
C ILE G 466 -20.46 -53.90 -18.14
N VAL G 467 -21.08 -52.73 -17.99
CA VAL G 467 -22.12 -52.30 -18.91
C VAL G 467 -21.49 -52.10 -20.29
N SER G 468 -21.99 -52.85 -21.28
CA SER G 468 -21.43 -52.74 -22.62
C SER G 468 -21.55 -51.33 -23.16
N ASP G 469 -22.70 -50.69 -22.94
CA ASP G 469 -22.87 -49.31 -23.36
C ASP G 469 -21.85 -48.38 -22.71
N GLY G 470 -21.28 -48.78 -21.58
CA GLY G 470 -20.30 -47.95 -20.91
C GLY G 470 -20.81 -46.59 -20.51
N LYS G 471 -22.12 -46.46 -20.33
CA LYS G 471 -22.73 -45.19 -19.95
C LYS G 471 -23.65 -45.41 -18.76
N TYR G 472 -23.72 -44.42 -17.89
CA TYR G 472 -24.62 -44.49 -16.76
C TYR G 472 -26.06 -44.36 -17.24
N GLY G 473 -26.98 -44.83 -16.40
CA GLY G 473 -28.36 -44.97 -16.83
C GLY G 473 -28.94 -43.65 -17.29
N ALA G 474 -29.77 -43.73 -18.33
CA ALA G 474 -30.50 -42.58 -18.86
C ALA G 474 -31.51 -43.08 -19.86
N ARG G 475 -32.68 -42.44 -19.88
CA ARG G 475 -33.78 -42.84 -20.75
C ARG G 475 -33.77 -42.05 -22.05
N ASP G 476 -34.17 -42.71 -23.13
CA ASP G 476 -34.38 -42.00 -24.38
C ASP G 476 -35.67 -41.20 -24.30
N PRO G 477 -35.65 -39.90 -24.58
CA PRO G 477 -36.86 -39.09 -24.37
C PRO G 477 -38.07 -39.60 -25.13
N ASP G 478 -37.87 -40.10 -26.36
CA ASP G 478 -38.96 -40.62 -27.17
C ASP G 478 -39.12 -42.12 -27.04
N THR G 479 -38.02 -42.88 -27.16
CA THR G 479 -38.10 -44.33 -27.07
C THR G 479 -38.48 -44.81 -25.68
N LYS G 480 -38.29 -43.98 -24.66
CA LYS G 480 -38.63 -44.34 -23.28
C LYS G 480 -37.88 -45.58 -22.82
N ALA G 481 -36.63 -45.73 -23.25
CA ALA G 481 -35.80 -46.87 -22.90
C ALA G 481 -34.53 -46.41 -22.22
N TRP G 482 -34.13 -47.12 -21.18
CA TRP G 482 -32.95 -46.76 -20.40
C TRP G 482 -31.69 -47.23 -21.09
N ASN G 483 -30.66 -46.40 -21.06
CA ASN G 483 -29.38 -46.67 -21.72
C ASN G 483 -28.28 -46.66 -20.67
N GLY G 484 -28.03 -47.82 -20.08
CA GLY G 484 -26.93 -47.99 -19.15
C GLY G 484 -27.33 -48.90 -18.01
N MET G 485 -26.44 -48.97 -17.02
CA MET G 485 -26.58 -49.92 -15.93
C MET G 485 -27.99 -49.94 -15.35
N VAL G 486 -28.67 -48.79 -15.34
CA VAL G 486 -30.07 -48.77 -14.96
C VAL G 486 -30.87 -49.72 -15.84
N GLY G 487 -30.56 -49.73 -17.13
CA GLY G 487 -31.21 -50.69 -18.03
C GLY G 487 -30.89 -52.12 -17.68
N GLU G 488 -29.61 -52.40 -17.41
CA GLU G 488 -29.21 -53.75 -17.01
C GLU G 488 -29.83 -54.16 -15.69
N LEU G 489 -30.36 -53.23 -14.92
CA LEU G 489 -31.04 -53.54 -13.67
C LEU G 489 -32.54 -53.74 -13.84
N VAL G 490 -33.22 -52.74 -14.41
CA VAL G 490 -34.68 -52.78 -14.48
C VAL G 490 -35.20 -53.76 -15.52
N TYR G 491 -34.35 -54.23 -16.43
CA TYR G 491 -34.73 -55.22 -17.41
C TYR G 491 -34.35 -56.63 -17.00
N GLY G 492 -33.93 -56.82 -15.75
CA GLY G 492 -33.64 -58.13 -15.22
C GLY G 492 -32.27 -58.67 -15.56
N ARG G 493 -31.48 -57.94 -16.34
CA ARG G 493 -30.17 -58.44 -16.73
C ARG G 493 -29.24 -58.55 -15.52
N ALA G 494 -29.31 -57.60 -14.61
CA ALA G 494 -28.41 -57.53 -13.47
C ALA G 494 -29.19 -57.49 -12.17
N ASP G 495 -28.56 -57.99 -11.11
CA ASP G 495 -29.20 -58.09 -9.80
C ASP G 495 -28.79 -56.97 -8.86
N VAL G 496 -27.68 -56.27 -9.14
CA VAL G 496 -27.23 -55.18 -8.30
C VAL G 496 -26.20 -54.39 -9.08
N ALA G 497 -26.07 -53.11 -8.76
CA ALA G 497 -25.11 -52.23 -9.40
C ALA G 497 -24.26 -51.57 -8.33
N VAL G 498 -22.95 -51.71 -8.45
CA VAL G 498 -21.99 -51.17 -7.50
C VAL G 498 -21.07 -50.26 -8.30
N ALA G 499 -21.42 -48.98 -8.37
CA ALA G 499 -20.66 -48.03 -9.17
C ALA G 499 -21.04 -46.63 -8.73
N PRO G 500 -20.36 -45.62 -9.25
CA PRO G 500 -20.70 -44.24 -8.88
C PRO G 500 -22.01 -43.77 -9.50
N LEU G 501 -23.12 -44.39 -9.08
CA LEU G 501 -24.43 -43.99 -9.56
C LEU G 501 -24.92 -42.76 -8.79
N THR G 502 -24.98 -41.64 -9.48
CA THR G 502 -25.56 -40.44 -8.90
C THR G 502 -27.03 -40.68 -8.59
N ILE G 503 -27.46 -40.24 -7.41
CA ILE G 503 -28.84 -40.42 -6.99
C ILE G 503 -29.68 -39.29 -7.56
N THR G 504 -30.72 -39.65 -8.31
CA THR G 504 -31.57 -38.67 -8.98
C THR G 504 -33.01 -39.13 -8.87
N LEU G 505 -33.92 -38.19 -9.14
CA LEU G 505 -35.34 -38.50 -9.06
C LEU G 505 -35.77 -39.46 -10.16
N VAL G 506 -35.29 -39.25 -11.38
CA VAL G 506 -35.71 -40.09 -12.50
C VAL G 506 -35.37 -41.54 -12.23
N ARG G 507 -34.18 -41.81 -11.69
CA ARG G 507 -33.77 -43.18 -11.43
C ARG G 507 -34.43 -43.75 -10.18
N GLU G 508 -34.66 -42.92 -9.16
CA GLU G 508 -35.19 -43.42 -7.91
C GLU G 508 -36.62 -43.93 -8.06
N GLU G 509 -37.30 -43.52 -9.12
CA GLU G 509 -38.66 -44.01 -9.38
C GLU G 509 -38.65 -45.45 -9.88
N VAL G 510 -37.69 -45.79 -10.73
CA VAL G 510 -37.62 -47.10 -11.36
C VAL G 510 -36.50 -47.95 -10.76
N ILE G 511 -35.87 -47.49 -9.69
CA ILE G 511 -34.76 -48.21 -9.08
C ILE G 511 -34.77 -47.97 -7.58
N ASP G 512 -34.32 -48.96 -6.83
CA ASP G 512 -34.22 -48.88 -5.38
C ASP G 512 -32.75 -48.70 -5.01
N PHE G 513 -32.38 -47.47 -4.65
CA PHE G 513 -31.03 -47.13 -4.27
C PHE G 513 -30.75 -47.54 -2.82
N SER G 514 -29.59 -47.15 -2.33
CA SER G 514 -29.18 -47.31 -0.95
C SER G 514 -28.74 -45.96 -0.42
N LYS G 515 -28.63 -45.86 0.89
CA LYS G 515 -28.17 -44.63 1.49
C LYS G 515 -26.76 -44.33 0.96
N PRO G 516 -26.47 -43.08 0.59
CA PRO G 516 -25.20 -42.80 -0.08
C PRO G 516 -24.00 -43.28 0.70
N PHE G 517 -23.15 -44.04 0.04
CA PHE G 517 -21.87 -44.46 0.60
C PHE G 517 -20.79 -43.43 0.37
N MET G 518 -21.05 -42.42 -0.46
CA MET G 518 -20.10 -41.34 -0.71
C MET G 518 -20.90 -40.09 -1.02
N SER G 519 -20.86 -39.12 -0.11
CA SER G 519 -21.40 -37.81 -0.39
C SER G 519 -20.42 -37.03 -1.26
N LEU G 520 -20.94 -36.03 -1.94
CA LEU G 520 -20.24 -35.51 -3.11
C LEU G 520 -20.82 -34.14 -3.45
N GLY G 521 -20.14 -33.42 -4.33
CA GLY G 521 -20.63 -32.13 -4.77
C GLY G 521 -19.76 -31.57 -5.87
N ILE G 522 -20.25 -30.47 -6.43
CA ILE G 522 -19.53 -29.73 -7.46
C ILE G 522 -18.44 -28.89 -6.79
N SER G 523 -17.29 -28.79 -7.44
CA SER G 523 -16.13 -28.14 -6.85
C SER G 523 -15.30 -27.53 -7.97
N ILE G 524 -14.35 -26.70 -7.54
CA ILE G 524 -13.55 -25.84 -8.42
C ILE G 524 -12.14 -26.40 -8.50
N MET G 525 -11.67 -26.54 -9.74
CA MET G 525 -10.34 -27.07 -10.06
C MET G 525 -9.55 -25.96 -10.74
N ILE G 526 -8.33 -25.74 -10.26
CA ILE G 526 -7.48 -24.66 -10.76
C ILE G 526 -6.07 -25.19 -10.98
N LYS G 527 -5.28 -24.41 -11.71
CA LYS G 527 -3.88 -24.73 -11.89
C LYS G 527 -3.15 -24.56 -10.57
N LYS G 528 -2.34 -25.54 -10.22
CA LYS G 528 -1.60 -25.48 -8.96
C LYS G 528 -0.60 -24.34 -9.04
N PRO G 529 -0.64 -23.35 -8.14
CA PRO G 529 0.32 -22.25 -8.22
C PRO G 529 1.73 -22.74 -7.96
N GLN G 530 2.57 -22.64 -8.99
CA GLN G 530 3.98 -22.98 -8.83
C GLN G 530 4.62 -22.04 -7.83
N LYS G 531 5.48 -22.58 -6.97
CA LYS G 531 6.16 -21.76 -5.99
C LYS G 531 7.20 -20.91 -6.70
N SER G 532 6.81 -19.70 -7.10
CA SER G 532 7.70 -18.84 -7.87
C SER G 532 9.02 -18.66 -7.15
N LYS G 533 10.09 -19.18 -7.72
CA LYS G 533 11.41 -19.04 -7.11
C LYS G 533 11.92 -17.65 -7.44
N PRO G 534 12.09 -16.76 -6.46
CA PRO G 534 12.59 -15.42 -6.77
C PRO G 534 13.96 -15.50 -7.39
N GLY G 535 14.17 -14.70 -8.42
CA GLY G 535 15.45 -14.70 -9.09
C GLY G 535 16.50 -13.98 -8.27
N VAL G 536 17.75 -14.46 -8.40
CA VAL G 536 18.88 -13.67 -7.95
C VAL G 536 18.97 -12.45 -8.84
N PHE G 537 19.15 -11.28 -8.22
CA PHE G 537 19.04 -10.00 -8.91
C PHE G 537 17.58 -9.68 -9.17
N SER G 538 16.68 -10.18 -8.32
CA SER G 538 15.32 -9.68 -8.28
C SER G 538 15.23 -8.39 -7.47
N PHE G 539 16.26 -8.07 -6.70
CA PHE G 539 16.32 -6.81 -5.97
C PHE G 539 16.51 -5.62 -6.90
N LEU G 540 16.80 -5.86 -8.17
CA LEU G 540 16.87 -4.82 -9.18
C LEU G 540 15.55 -4.59 -9.89
N ASP G 541 14.53 -5.38 -9.60
CA ASP G 541 13.27 -5.35 -10.33
C ASP G 541 12.52 -4.04 -10.17
N PRO G 542 12.63 -3.35 -9.04
CA PRO G 542 11.91 -2.08 -8.90
C PRO G 542 12.25 -1.06 -9.96
N LEU G 543 13.46 -1.09 -10.50
CA LEU G 543 13.90 -0.17 -11.54
C LEU G 543 14.27 -0.97 -12.79
N ALA G 544 13.90 -0.42 -13.94
CA ALA G 544 14.15 -1.10 -15.19
C ALA G 544 15.64 -1.15 -15.51
N TYR G 545 16.00 -2.09 -16.38
CA TYR G 545 17.38 -2.27 -16.79
C TYR G 545 17.98 -0.99 -17.35
N GLU G 546 17.17 -0.23 -18.09
CA GLU G 546 17.66 1.00 -18.71
C GLU G 546 18.08 2.01 -17.66
N ILE G 547 17.34 2.08 -16.56
CA ILE G 547 17.67 3.03 -15.50
C ILE G 547 19.02 2.72 -14.89
N TRP G 548 19.28 1.43 -14.61
CA TRP G 548 20.58 1.05 -14.08
C TRP G 548 21.69 1.36 -15.06
N MET G 549 21.47 1.03 -16.34
CA MET G 549 22.47 1.34 -17.36
C MET G 549 22.81 2.82 -17.37
N CYS G 550 21.79 3.67 -17.44
CA CYS G 550 22.02 5.10 -17.50
C CYS G 550 22.54 5.65 -16.18
N ILE G 551 22.27 4.98 -15.07
CA ILE G 551 22.88 5.35 -13.79
C ILE G 551 24.38 5.18 -13.87
N VAL G 552 24.82 4.05 -14.43
CA VAL G 552 26.25 3.81 -14.58
C VAL G 552 26.86 4.87 -15.49
N PHE G 553 26.20 5.15 -16.62
CA PHE G 553 26.70 6.14 -17.55
C PHE G 553 26.81 7.51 -16.89
N ALA G 554 25.79 7.91 -16.14
CA ALA G 554 25.80 9.20 -15.47
C ALA G 554 26.85 9.25 -14.37
N TYR G 555 27.09 8.14 -13.68
CA TYR G 555 28.17 8.08 -12.70
C TYR G 555 29.51 8.37 -13.36
N ILE G 556 29.77 7.73 -14.49
CA ILE G 556 31.03 7.94 -15.18
C ILE G 556 31.14 9.39 -15.63
N GLY G 557 30.09 9.92 -16.22
CA GLY G 557 30.13 11.30 -16.69
C GLY G 557 30.32 12.29 -15.57
N VAL G 558 29.62 12.09 -14.46
CA VAL G 558 29.75 12.97 -13.30
C VAL G 558 31.17 12.94 -12.78
N SER G 559 31.73 11.74 -12.63
CA SER G 559 33.09 11.65 -12.11
C SER G 559 34.09 12.33 -13.03
N VAL G 560 33.94 12.14 -14.33
CA VAL G 560 34.87 12.78 -15.27
C VAL G 560 34.73 14.29 -15.23
N VAL G 561 33.50 14.79 -15.21
CA VAL G 561 33.31 16.24 -15.21
C VAL G 561 33.84 16.85 -13.93
N LEU G 562 33.67 16.14 -12.80
CA LEU G 562 34.24 16.61 -11.54
C LEU G 562 35.75 16.67 -11.60
N PHE G 563 36.38 15.57 -12.03
CA PHE G 563 37.83 15.55 -12.20
C PHE G 563 38.30 16.71 -13.06
N LEU G 564 37.66 16.88 -14.22
CA LEU G 564 38.02 17.96 -15.13
C LEU G 564 37.91 19.32 -14.46
N VAL G 565 36.70 19.71 -14.06
CA VAL G 565 36.47 21.02 -13.48
C VAL G 565 37.21 21.22 -12.16
N SER G 566 37.89 20.20 -11.65
CA SER G 566 38.71 20.36 -10.46
C SER G 566 40.21 20.41 -10.74
N ARG G 567 40.66 19.93 -11.89
CA ARG G 567 42.08 19.71 -12.16
C ARG G 567 42.43 20.18 -13.56
N PHE G 568 42.00 21.39 -13.93
CA PHE G 568 42.28 21.92 -15.25
C PHE G 568 42.96 23.26 -15.16
N SER G 569 42.53 24.07 -14.19
CA SER G 569 42.96 25.45 -14.09
C SER G 569 44.27 25.51 -13.31
N PRO G 570 45.35 25.94 -13.93
CA PRO G 570 46.60 26.08 -13.17
C PRO G 570 46.54 27.26 -12.22
N TYR G 571 45.70 27.15 -11.19
CA TYR G 571 45.52 28.19 -10.21
C TYR G 571 46.48 27.99 -9.04
N SER G 590 45.97 22.90 -3.27
CA SER G 590 45.66 22.05 -4.42
C SER G 590 44.28 21.44 -4.28
N ASN G 591 43.99 20.45 -5.13
CA ASN G 591 42.73 19.73 -5.09
C ASN G 591 43.01 18.24 -5.05
N GLU G 592 42.26 17.54 -4.20
CA GLU G 592 42.38 16.10 -4.06
C GLU G 592 41.46 15.34 -5.00
N PHE G 593 40.87 16.03 -5.98
CA PHE G 593 39.89 15.42 -6.87
C PHE G 593 40.57 15.03 -8.18
N GLY G 594 41.28 13.91 -8.13
CA GLY G 594 41.71 13.23 -9.33
C GLY G 594 40.57 12.45 -9.93
N ILE G 595 40.92 11.47 -10.76
CA ILE G 595 39.89 10.65 -11.38
C ILE G 595 39.51 9.48 -10.50
N PHE G 596 40.43 9.00 -9.65
CA PHE G 596 40.11 7.91 -8.73
C PHE G 596 39.24 8.42 -7.60
N ASN G 597 39.59 9.57 -7.03
CA ASN G 597 38.83 10.10 -5.91
C ASN G 597 37.53 10.75 -6.37
N SER G 598 37.46 11.24 -7.60
CA SER G 598 36.18 11.68 -8.14
C SER G 598 35.21 10.51 -8.23
N LEU G 599 35.68 9.37 -8.73
CA LEU G 599 34.84 8.18 -8.76
C LEU G 599 34.44 7.75 -7.36
N TRP G 600 35.37 7.80 -6.41
CA TRP G 600 35.04 7.44 -5.03
C TRP G 600 33.97 8.36 -4.46
N PHE G 601 34.12 9.67 -4.65
CA PHE G 601 33.16 10.62 -4.13
C PHE G 601 31.79 10.42 -4.75
N SER G 602 31.75 10.23 -6.07
CA SER G 602 30.48 10.01 -6.74
C SER G 602 29.79 8.75 -6.24
N LEU G 603 30.55 7.67 -6.09
CA LEU G 603 29.97 6.43 -5.59
C LEU G 603 29.42 6.60 -4.18
N GLY G 604 30.21 7.20 -3.30
CA GLY G 604 29.74 7.44 -1.94
C GLY G 604 28.52 8.33 -1.90
N ALA G 605 28.45 9.32 -2.80
CA ALA G 605 27.27 10.16 -2.90
C ALA G 605 26.05 9.35 -3.29
N PHE G 606 26.20 8.46 -4.28
CA PHE G 606 25.06 7.67 -4.72
C PHE G 606 24.49 6.82 -3.60
N MET G 607 25.33 6.37 -2.67
CA MET G 607 24.90 5.51 -1.57
C MET G 607 24.54 6.28 -0.33
N GLN G 608 24.51 7.61 -0.39
CA GLN G 608 24.13 8.45 0.74
C GLN G 608 25.04 8.21 1.93
N GLN G 609 26.33 8.03 1.66
CA GLN G 609 27.34 7.82 2.69
C GLN G 609 28.24 9.02 2.92
N GLY G 610 28.69 9.66 1.85
CA GLY G 610 29.66 10.73 1.98
C GLY G 610 31.04 10.20 2.27
N CYS G 611 32.07 10.94 1.88
CA CYS G 611 33.44 10.52 2.07
C CYS G 611 34.21 11.67 2.73
N ASP G 612 35.52 11.53 2.80
CA ASP G 612 36.34 12.53 3.49
C ASP G 612 36.36 13.84 2.73
N ILE G 613 36.61 13.78 1.43
CA ILE G 613 36.75 14.99 0.64
C ILE G 613 35.38 15.53 0.24
N SER G 614 35.35 16.82 -0.09
CA SER G 614 34.17 17.46 -0.63
C SER G 614 34.62 18.63 -1.47
N PRO G 615 33.92 18.95 -2.56
CA PRO G 615 34.35 20.05 -3.41
C PRO G 615 34.34 21.39 -2.70
N ARG G 616 35.20 22.28 -3.17
CA ARG G 616 35.28 23.65 -2.66
C ARG G 616 35.02 24.70 -3.73
N SER G 617 35.07 24.34 -5.00
CA SER G 617 34.86 25.26 -6.09
C SER G 617 33.38 25.35 -6.44
N LEU G 618 33.05 26.35 -7.26
CA LEU G 618 31.66 26.54 -7.67
C LEU G 618 31.23 25.45 -8.64
N SER G 619 32.07 25.13 -9.61
CA SER G 619 31.73 24.10 -10.59
C SER G 619 31.62 22.73 -9.94
N GLY G 620 32.59 22.37 -9.12
CA GLY G 620 32.53 21.10 -8.44
C GLY G 620 31.31 20.97 -7.56
N ARG G 621 30.91 22.05 -6.91
CA ARG G 621 29.74 22.03 -6.06
C ARG G 621 28.45 21.95 -6.85
N ILE G 622 28.39 22.58 -8.02
CA ILE G 622 27.25 22.39 -8.92
C ILE G 622 27.12 20.91 -9.28
N VAL G 623 28.23 20.30 -9.67
CA VAL G 623 28.22 18.89 -10.06
C VAL G 623 27.74 18.03 -8.90
N GLY G 624 28.33 18.25 -7.72
CA GLY G 624 27.95 17.48 -6.56
C GLY G 624 26.49 17.65 -6.19
N GLY G 625 25.97 18.88 -6.31
CA GLY G 625 24.58 19.12 -5.97
C GLY G 625 23.63 18.40 -6.89
N VAL G 626 23.87 18.47 -8.20
CA VAL G 626 22.97 17.77 -9.13
C VAL G 626 23.08 16.27 -8.93
N TRP G 627 24.28 15.75 -8.70
CA TRP G 627 24.43 14.34 -8.43
C TRP G 627 23.68 13.94 -7.16
N TRP G 628 23.72 14.79 -6.13
CA TRP G 628 23.03 14.52 -4.90
C TRP G 628 21.52 14.48 -5.10
N PHE G 629 20.99 15.43 -5.87
CA PHE G 629 19.57 15.45 -6.19
C PHE G 629 19.17 14.17 -6.92
N PHE G 630 19.95 13.81 -7.94
CA PHE G 630 19.69 12.59 -8.69
C PHE G 630 19.67 11.37 -7.77
N THR G 631 20.68 11.26 -6.91
CA THR G 631 20.74 10.14 -5.97
C THR G 631 19.51 10.10 -5.08
N LEU G 632 19.12 11.25 -4.55
CA LEU G 632 17.96 11.29 -3.66
C LEU G 632 16.72 10.77 -4.36
N ILE G 633 16.45 11.31 -5.56
CA ILE G 633 15.27 10.90 -6.30
C ILE G 633 15.31 9.41 -6.59
N ILE G 634 16.46 8.91 -7.05
CA ILE G 634 16.55 7.52 -7.47
C ILE G 634 16.38 6.57 -6.30
N ILE G 635 17.02 6.85 -5.17
CA ILE G 635 16.90 5.96 -4.02
C ILE G 635 15.49 5.98 -3.47
N SER G 636 14.87 7.16 -3.41
CA SER G 636 13.50 7.24 -2.95
C SER G 636 12.57 6.46 -3.86
N SER G 637 12.77 6.57 -5.18
CA SER G 637 11.95 5.83 -6.12
C SER G 637 12.13 4.33 -5.95
N TYR G 638 13.36 3.88 -5.78
CA TYR G 638 13.60 2.45 -5.57
C TYR G 638 12.85 1.95 -4.35
N THR G 639 13.01 2.64 -3.22
CA THR G 639 12.34 2.21 -2.00
C THR G 639 10.83 2.21 -2.18
N ALA G 640 10.29 3.26 -2.79
CA ALA G 640 8.85 3.38 -2.93
C ALA G 640 8.28 2.30 -3.84
N ASN G 641 8.93 2.04 -4.97
CA ASN G 641 8.42 1.02 -5.87
C ASN G 641 8.58 -0.38 -5.30
N LEU G 642 9.62 -0.61 -4.51
CA LEU G 642 9.73 -1.89 -3.82
C LEU G 642 8.61 -2.07 -2.81
N ALA G 643 8.28 -1.00 -2.08
CA ALA G 643 7.16 -1.07 -1.16
C ALA G 643 5.87 -1.36 -1.90
N ALA G 644 5.67 -0.72 -3.06
CA ALA G 644 4.52 -1.01 -3.89
C ALA G 644 4.47 -2.48 -4.27
N PHE G 645 5.59 -3.01 -4.75
CA PHE G 645 5.63 -4.41 -5.14
C PHE G 645 5.20 -5.32 -4.00
N LEU G 646 5.82 -5.14 -2.83
CA LEU G 646 5.53 -6.03 -1.71
C LEU G 646 4.11 -5.86 -1.21
N THR G 647 3.61 -4.62 -1.16
CA THR G 647 2.25 -4.39 -0.71
C THR G 647 1.26 -5.07 -1.63
N VAL G 648 1.44 -4.93 -2.94
CA VAL G 648 0.53 -5.55 -3.88
C VAL G 648 0.62 -7.08 -3.78
N GLU G 649 1.83 -7.61 -3.68
CA GLU G 649 2.00 -9.04 -3.47
C GLU G 649 1.37 -9.51 -2.17
N ARG G 650 1.09 -8.60 -1.24
CA ARG G 650 0.44 -8.94 0.01
C ARG G 650 -1.07 -8.79 -0.05
N MET G 651 -1.59 -8.01 -0.99
CA MET G 651 -3.03 -7.89 -1.18
C MET G 651 -3.63 -9.13 -1.80
N VAL G 652 -2.83 -9.88 -2.55
CA VAL G 652 -3.34 -10.90 -3.46
C VAL G 652 -4.09 -11.95 -2.64
N SER G 653 -5.40 -12.00 -2.84
CA SER G 653 -6.25 -13.01 -2.24
C SER G 653 -6.63 -14.01 -3.30
N PRO G 654 -6.13 -15.25 -3.27
CA PRO G 654 -6.46 -16.19 -4.34
C PRO G 654 -7.93 -16.55 -4.35
N ILE G 655 -8.36 -17.36 -5.31
CA ILE G 655 -9.73 -17.85 -5.32
C ILE G 655 -9.87 -18.89 -4.22
N GLU G 656 -10.93 -18.75 -3.42
CA GLU G 656 -11.20 -19.69 -2.34
C GLU G 656 -12.67 -20.05 -2.23
N SER G 657 -13.51 -19.59 -3.15
CA SER G 657 -14.94 -19.82 -3.06
C SER G 657 -15.58 -19.51 -4.41
N ALA G 658 -16.86 -19.84 -4.51
CA ALA G 658 -17.59 -19.56 -5.74
C ALA G 658 -17.77 -18.06 -5.97
N GLU G 659 -17.91 -17.29 -4.88
CA GLU G 659 -18.11 -15.85 -5.02
C GLU G 659 -16.88 -15.18 -5.62
N ASP G 660 -15.71 -15.52 -5.10
CA ASP G 660 -14.48 -14.91 -5.61
C ASP G 660 -14.33 -15.14 -7.10
N LEU G 661 -14.66 -16.34 -7.56
CA LEU G 661 -14.66 -16.62 -8.99
C LEU G 661 -15.77 -15.86 -9.71
N ALA G 662 -16.92 -15.69 -9.04
CA ALA G 662 -18.08 -15.09 -9.70
C ALA G 662 -17.83 -13.63 -10.03
N LYS G 663 -17.38 -12.85 -9.04
CA LYS G 663 -17.24 -11.42 -9.27
C LYS G 663 -16.13 -11.13 -10.29
N GLN G 664 -14.97 -11.75 -10.12
CA GLN G 664 -13.86 -11.49 -11.03
C GLN G 664 -14.16 -12.06 -12.40
N THR G 665 -13.41 -11.59 -13.40
CA THR G 665 -13.52 -12.11 -14.75
C THR G 665 -12.18 -12.32 -15.43
N GLU G 666 -11.06 -12.03 -14.75
CA GLU G 666 -9.76 -12.27 -15.35
C GLU G 666 -9.52 -13.74 -15.64
N ILE G 667 -10.26 -14.62 -15.01
CA ILE G 667 -10.17 -16.06 -15.24
C ILE G 667 -11.53 -16.55 -15.74
N ALA G 668 -11.50 -17.44 -16.73
CA ALA G 668 -12.71 -18.02 -17.29
C ALA G 668 -12.97 -19.37 -16.64
N TYR G 669 -14.25 -19.69 -16.45
CA TYR G 669 -14.64 -20.96 -15.88
C TYR G 669 -15.80 -21.56 -16.66
N GLY G 670 -15.68 -22.84 -17.00
CA GLY G 670 -16.73 -23.52 -17.73
C GLY G 670 -16.71 -25.00 -17.43
N THR G 671 -17.88 -25.62 -17.52
CA THR G 671 -18.07 -27.03 -17.22
C THR G 671 -18.35 -27.81 -18.49
N LEU G 672 -18.68 -29.09 -18.32
CA LEU G 672 -18.94 -29.95 -19.46
C LEU G 672 -20.17 -29.47 -20.23
N GLU G 673 -20.12 -29.65 -21.56
CA GLU G 673 -21.21 -29.18 -22.40
C GLU G 673 -22.52 -29.87 -22.03
N ALA G 674 -22.48 -31.20 -21.91
CA ALA G 674 -23.64 -32.00 -21.53
C ALA G 674 -23.36 -32.67 -20.20
N GLY G 675 -24.24 -32.45 -19.23
CA GLY G 675 -24.05 -33.04 -17.92
C GLY G 675 -24.98 -32.42 -16.91
N SER G 676 -24.87 -32.92 -15.68
CA SER G 676 -25.70 -32.44 -14.59
C SER G 676 -25.26 -31.07 -14.09
N THR G 677 -24.01 -30.67 -14.34
CA THR G 677 -23.54 -29.37 -13.87
C THR G 677 -24.16 -28.24 -14.69
N LYS G 678 -24.20 -28.38 -16.01
CA LYS G 678 -24.81 -27.37 -16.84
C LYS G 678 -26.28 -27.20 -16.49
N GLU G 679 -26.99 -28.32 -16.30
CA GLU G 679 -28.39 -28.24 -15.91
C GLU G 679 -28.54 -27.61 -14.53
N PHE G 680 -27.65 -27.96 -13.60
CA PHE G 680 -27.74 -27.41 -12.26
C PHE G 680 -27.58 -25.90 -12.27
N PHE G 681 -26.65 -25.40 -13.08
CA PHE G 681 -26.45 -23.95 -13.16
C PHE G 681 -27.61 -23.28 -13.88
N ARG G 682 -28.04 -23.86 -15.02
CA ARG G 682 -29.14 -23.30 -15.77
C ARG G 682 -30.40 -23.19 -14.93
N ARG G 683 -30.75 -24.27 -14.23
CA ARG G 683 -31.97 -24.34 -13.44
C ARG G 683 -31.78 -23.85 -12.01
N SER G 684 -30.82 -22.98 -11.76
CA SER G 684 -30.51 -22.54 -10.41
C SER G 684 -31.31 -21.29 -10.05
N LYS G 685 -31.81 -21.26 -8.82
CA LYS G 685 -32.52 -20.10 -8.28
C LYS G 685 -31.66 -19.30 -7.30
N ILE G 686 -30.37 -19.58 -7.22
CA ILE G 686 -29.47 -18.90 -6.30
C ILE G 686 -28.85 -17.69 -7.01
N ALA G 687 -28.48 -16.69 -6.21
CA ALA G 687 -27.94 -15.46 -6.78
C ALA G 687 -26.59 -15.69 -7.46
N VAL G 688 -25.66 -16.33 -6.73
CA VAL G 688 -24.30 -16.45 -7.24
C VAL G 688 -24.26 -17.31 -8.48
N PHE G 689 -24.93 -18.46 -8.43
CA PHE G 689 -24.94 -19.35 -9.58
C PHE G 689 -25.76 -18.76 -10.72
N GLU G 690 -26.77 -17.94 -10.40
CA GLU G 690 -27.46 -17.19 -11.44
C GLU G 690 -26.49 -16.27 -12.17
N LYS G 691 -25.64 -15.56 -11.42
CA LYS G 691 -24.64 -14.70 -12.03
C LYS G 691 -23.66 -15.52 -12.87
N MET G 692 -23.25 -16.68 -12.35
CA MET G 692 -22.37 -17.56 -13.11
C MET G 692 -22.99 -17.95 -14.43
N TRP G 693 -24.26 -18.35 -14.40
CA TRP G 693 -24.96 -18.74 -15.62
C TRP G 693 -25.08 -17.57 -16.58
N THR G 694 -25.35 -16.38 -16.05
CA THR G 694 -25.37 -15.18 -16.88
C THR G 694 -24.03 -15.01 -17.60
N TYR G 695 -22.93 -15.15 -16.85
CA TYR G 695 -21.62 -15.20 -17.48
C TYR G 695 -21.49 -16.41 -18.38
N MET G 696 -22.02 -17.56 -17.95
CA MET G 696 -21.88 -18.78 -18.70
C MET G 696 -22.59 -18.67 -20.05
N LYS G 697 -22.09 -19.41 -21.02
CA LYS G 697 -22.58 -19.35 -22.40
C LYS G 697 -22.12 -18.07 -23.10
N SER G 698 -21.05 -17.47 -22.59
CA SER G 698 -20.51 -16.23 -23.15
C SER G 698 -19.54 -16.55 -24.29
N ALA G 699 -18.79 -15.55 -24.74
CA ALA G 699 -17.87 -15.70 -25.86
C ALA G 699 -16.47 -15.89 -25.31
N GLU G 700 -16.17 -17.14 -24.94
CA GLU G 700 -14.87 -17.54 -24.45
C GLU G 700 -13.83 -17.66 -25.55
N PRO G 701 -14.17 -18.19 -26.74
CA PRO G 701 -15.49 -18.51 -27.29
C PRO G 701 -16.26 -19.62 -26.59
N SER G 702 -15.56 -20.66 -26.12
CA SER G 702 -16.21 -21.85 -25.57
C SER G 702 -15.63 -22.14 -24.19
N VAL G 703 -16.29 -21.63 -23.16
CA VAL G 703 -15.96 -22.04 -21.79
C VAL G 703 -16.32 -23.52 -21.60
N PHE G 704 -17.41 -23.96 -22.22
CA PHE G 704 -17.84 -25.35 -22.10
C PHE G 704 -16.82 -26.28 -22.76
N VAL G 705 -17.02 -27.59 -22.55
CA VAL G 705 -16.12 -28.62 -23.05
C VAL G 705 -16.97 -29.86 -23.34
N ARG G 706 -16.40 -30.79 -24.10
CA ARG G 706 -17.08 -32.03 -24.46
C ARG G 706 -16.59 -33.22 -23.63
N THR G 707 -15.31 -33.28 -23.31
CA THR G 707 -14.73 -34.38 -22.55
C THR G 707 -14.04 -33.85 -21.30
N THR G 708 -14.15 -34.60 -20.20
CA THR G 708 -13.53 -34.19 -18.95
C THR G 708 -12.01 -34.11 -19.08
N GLU G 709 -11.40 -35.10 -19.73
CA GLU G 709 -9.97 -35.02 -20.01
C GLU G 709 -9.64 -33.76 -20.77
N GLU G 710 -10.55 -33.35 -21.67
CA GLU G 710 -10.35 -32.09 -22.38
C GLU G 710 -10.31 -30.91 -21.42
N GLY G 711 -11.21 -30.88 -20.44
CA GLY G 711 -11.18 -29.81 -19.46
C GLY G 711 -9.92 -29.80 -18.62
N MET G 712 -9.48 -30.99 -18.19
CA MET G 712 -8.25 -31.06 -17.41
C MET G 712 -7.05 -30.56 -18.22
N ILE G 713 -6.96 -31.00 -19.48
CA ILE G 713 -5.86 -30.56 -20.33
C ILE G 713 -5.93 -29.05 -20.55
N ARG G 714 -7.14 -28.52 -20.76
CA ARG G 714 -7.29 -27.09 -21.00
C ARG G 714 -6.84 -26.29 -19.78
N VAL G 715 -7.21 -26.75 -18.59
CA VAL G 715 -6.77 -26.06 -17.38
C VAL G 715 -5.26 -26.15 -17.22
N ARG G 716 -4.68 -27.31 -17.53
CA ARG G 716 -3.24 -27.45 -17.39
C ARG G 716 -2.50 -26.55 -18.37
N LYS G 717 -2.99 -26.46 -19.60
CA LYS G 717 -2.34 -25.62 -20.60
C LYS G 717 -2.48 -24.14 -20.23
N SER G 718 -3.68 -23.72 -19.87
CA SER G 718 -3.89 -22.34 -19.45
C SER G 718 -3.02 -22.02 -18.24
N LYS G 719 -2.39 -20.85 -18.27
CA LYS G 719 -1.51 -20.42 -17.19
C LYS G 719 -2.32 -19.79 -16.07
N GLY G 720 -3.26 -20.58 -15.54
CA GLY G 720 -4.17 -20.10 -14.53
C GLY G 720 -5.33 -19.30 -15.05
N LYS G 721 -5.55 -19.28 -16.37
CA LYS G 721 -6.61 -18.50 -16.98
C LYS G 721 -7.90 -19.28 -17.14
N TYR G 722 -7.93 -20.56 -16.75
CA TYR G 722 -9.14 -21.37 -16.81
C TYR G 722 -9.35 -22.09 -15.50
N ALA G 723 -10.61 -22.18 -15.07
CA ALA G 723 -10.99 -22.93 -13.89
C ALA G 723 -12.12 -23.88 -14.27
N TYR G 724 -11.98 -25.14 -13.88
CA TYR G 724 -12.95 -26.17 -14.24
C TYR G 724 -13.88 -26.45 -13.07
N LEU G 725 -15.13 -26.76 -13.40
CA LEU G 725 -16.12 -27.14 -12.40
C LEU G 725 -16.45 -28.61 -12.59
N LEU G 726 -16.27 -29.41 -11.54
CA LEU G 726 -16.45 -30.85 -11.68
C LEU G 726 -16.70 -31.47 -10.33
N GLU G 727 -17.02 -32.76 -10.34
CA GLU G 727 -17.28 -33.48 -9.10
C GLU G 727 -16.02 -33.49 -8.23
N SER G 728 -16.24 -33.36 -6.92
CA SER G 728 -15.12 -33.22 -5.99
C SER G 728 -14.23 -34.45 -6.00
N THR G 729 -14.82 -35.63 -6.09
CA THR G 729 -14.04 -36.87 -6.03
C THR G 729 -12.99 -36.91 -7.13
N MET G 730 -13.41 -36.63 -8.36
CA MET G 730 -12.46 -36.62 -9.46
C MET G 730 -11.44 -35.50 -9.29
N ASN G 731 -11.85 -34.36 -8.74
CA ASN G 731 -10.90 -33.29 -8.50
C ASN G 731 -9.78 -33.75 -7.57
N GLU G 732 -10.15 -34.43 -6.48
CA GLU G 732 -9.15 -34.94 -5.56
C GLU G 732 -8.26 -35.98 -6.22
N TYR G 733 -8.88 -36.94 -6.92
CA TYR G 733 -8.10 -37.98 -7.60
C TYR G 733 -7.08 -37.36 -8.53
N ILE G 734 -7.52 -36.42 -9.37
CA ILE G 734 -6.61 -35.74 -10.29
C ILE G 734 -5.52 -35.01 -9.52
N GLU G 735 -5.91 -34.31 -8.45
CA GLU G 735 -4.93 -33.61 -7.63
C GLU G 735 -3.85 -34.55 -7.12
N GLN G 736 -4.18 -35.81 -6.89
CA GLN G 736 -3.22 -36.79 -6.42
C GLN G 736 -2.59 -37.58 -7.56
N ARG G 737 -2.81 -37.17 -8.81
CA ARG G 737 -2.22 -37.84 -9.96
C ARG G 737 -1.00 -37.07 -10.44
N LYS G 738 -0.05 -37.80 -11.01
CA LYS G 738 1.09 -37.15 -11.65
C LYS G 738 0.58 -36.32 -12.82
N PRO G 739 1.17 -35.14 -13.08
CA PRO G 739 2.32 -34.53 -12.41
C PRO G 739 1.98 -33.79 -11.12
N CYS G 740 0.73 -33.83 -10.70
CA CYS G 740 0.27 -33.10 -9.52
C CYS G 740 0.48 -31.60 -9.72
N ASP G 741 -0.04 -31.09 -10.83
CA ASP G 741 0.06 -29.68 -11.20
C ASP G 741 -1.30 -29.00 -11.22
N THR G 742 -2.22 -29.44 -10.37
CA THR G 742 -3.54 -28.83 -10.27
C THR G 742 -4.07 -29.07 -8.86
N MET G 743 -5.07 -28.28 -8.48
CA MET G 743 -5.59 -28.36 -7.12
C MET G 743 -7.08 -28.08 -7.10
N LYS G 744 -7.71 -28.57 -6.04
CA LYS G 744 -9.10 -28.30 -5.72
C LYS G 744 -9.17 -27.17 -4.72
N VAL G 745 -10.10 -26.24 -4.93
CA VAL G 745 -10.21 -25.07 -4.06
C VAL G 745 -11.67 -24.81 -3.75
N GLY G 746 -11.92 -24.43 -2.50
CA GLY G 746 -13.25 -24.06 -2.06
C GLY G 746 -14.07 -25.25 -1.62
N GLY G 747 -15.25 -24.95 -1.09
CA GLY G 747 -16.21 -25.96 -0.72
C GLY G 747 -16.95 -26.47 -1.92
N ASN G 748 -18.00 -27.25 -1.65
CA ASN G 748 -18.81 -27.87 -2.70
C ASN G 748 -20.04 -27.02 -2.94
N LEU G 749 -20.21 -26.59 -4.20
CA LEU G 749 -21.35 -25.74 -4.54
C LEU G 749 -22.67 -26.46 -4.30
N ASP G 750 -22.76 -27.72 -4.74
CA ASP G 750 -23.95 -28.53 -4.60
C ASP G 750 -23.70 -29.63 -3.57
N SER G 751 -24.68 -30.51 -3.41
CA SER G 751 -24.55 -31.63 -2.50
C SER G 751 -25.39 -32.79 -3.04
N LYS G 752 -24.71 -33.87 -3.42
CA LYS G 752 -25.37 -35.05 -3.94
C LYS G 752 -24.64 -36.26 -3.38
N GLY G 753 -24.99 -37.44 -3.86
CA GLY G 753 -24.41 -38.67 -3.35
C GLY G 753 -24.36 -39.75 -4.39
N TYR G 754 -23.51 -40.74 -4.12
CA TYR G 754 -23.43 -41.95 -4.92
C TYR G 754 -24.03 -43.09 -4.13
N GLY G 755 -24.77 -43.96 -4.82
CA GLY G 755 -25.51 -45.00 -4.15
C GLY G 755 -25.36 -46.34 -4.85
N ILE G 756 -25.90 -47.36 -4.19
CA ILE G 756 -25.89 -48.73 -4.68
C ILE G 756 -27.31 -49.07 -5.09
N ALA G 757 -27.47 -49.52 -6.33
CA ALA G 757 -28.78 -49.70 -6.93
C ALA G 757 -29.16 -51.16 -6.98
N THR G 758 -30.43 -51.44 -6.67
CA THR G 758 -31.04 -52.74 -6.88
C THR G 758 -32.37 -52.54 -7.58
N PRO G 759 -32.83 -53.52 -8.33
CA PRO G 759 -34.10 -53.37 -9.05
C PRO G 759 -35.28 -53.37 -8.09
N LYS G 760 -36.35 -52.73 -8.53
CA LYS G 760 -37.55 -52.61 -7.70
C LYS G 760 -38.03 -53.98 -7.27
N GLY G 761 -38.47 -54.07 -6.03
CA GLY G 761 -38.99 -55.32 -5.51
C GLY G 761 -37.96 -56.43 -5.44
N SER G 762 -36.77 -56.12 -4.96
CA SER G 762 -35.70 -57.08 -4.83
C SER G 762 -35.46 -57.41 -3.36
N ALA G 763 -34.87 -58.58 -3.13
CA ALA G 763 -34.55 -59.04 -1.78
C ALA G 763 -33.24 -58.46 -1.26
N LEU G 764 -32.52 -57.71 -2.08
CA LEU G 764 -31.23 -57.13 -1.71
C LEU G 764 -31.34 -55.63 -1.45
N ARG G 765 -32.47 -55.19 -0.89
CA ARG G 765 -32.68 -53.78 -0.59
C ARG G 765 -32.30 -53.44 0.85
N GLY G 766 -32.95 -54.08 1.82
CA GLY G 766 -32.67 -53.81 3.21
C GLY G 766 -31.27 -54.20 3.61
N PRO G 767 -30.87 -55.44 3.28
CA PRO G 767 -29.52 -55.86 3.66
C PRO G 767 -28.43 -54.98 3.10
N VAL G 768 -28.58 -54.51 1.86
CA VAL G 768 -27.54 -53.69 1.25
C VAL G 768 -27.46 -52.33 1.94
N ASN G 769 -28.61 -51.71 2.21
CA ASN G 769 -28.60 -50.43 2.90
C ASN G 769 -28.00 -50.56 4.30
N LEU G 770 -28.39 -51.62 5.01
CA LEU G 770 -27.84 -51.85 6.34
C LEU G 770 -26.33 -52.06 6.26
N ALA G 771 -25.86 -52.79 5.26
CA ALA G 771 -24.43 -53.01 5.12
C ALA G 771 -23.70 -51.71 4.84
N VAL G 772 -24.26 -50.87 3.96
CA VAL G 772 -23.60 -49.60 3.65
C VAL G 772 -23.50 -48.74 4.90
N LEU G 773 -24.58 -48.65 5.66
CA LEU G 773 -24.55 -47.84 6.87
C LEU G 773 -23.57 -48.39 7.89
N LYS G 774 -23.57 -49.71 8.08
CA LYS G 774 -22.65 -50.32 9.03
C LYS G 774 -21.20 -50.05 8.62
N LEU G 775 -20.92 -50.16 7.32
CA LEU G 775 -19.58 -49.85 6.84
C LEU G 775 -19.22 -48.40 7.12
N SER G 776 -20.15 -47.48 6.89
CA SER G 776 -19.86 -46.08 7.12
C SER G 776 -19.55 -45.81 8.58
N GLU G 777 -20.34 -46.37 9.50
CA GLU G 777 -20.04 -46.18 10.92
C GLU G 777 -18.71 -46.83 11.29
N GLN G 778 -18.43 -48.01 10.75
CA GLN G 778 -17.19 -48.69 11.08
C GLN G 778 -15.96 -48.00 10.50
N GLY G 779 -16.14 -47.03 9.60
CA GLY G 779 -15.03 -46.32 9.01
C GLY G 779 -14.40 -47.00 7.81
N VAL G 780 -15.02 -48.06 7.29
CA VAL G 780 -14.45 -48.78 6.16
C VAL G 780 -14.38 -47.88 4.93
N LEU G 781 -15.48 -47.19 4.63
CA LEU G 781 -15.54 -46.42 3.38
C LEU G 781 -14.52 -45.29 3.38
N ASP G 782 -14.34 -44.63 4.52
CA ASP G 782 -13.34 -43.57 4.61
C ASP G 782 -11.94 -44.13 4.41
N LYS G 783 -11.67 -45.31 4.96
CA LYS G 783 -10.37 -45.93 4.79
C LYS G 783 -10.11 -46.27 3.32
N LEU G 784 -11.11 -46.82 2.64
CA LEU G 784 -10.97 -47.11 1.21
C LEU G 784 -10.76 -45.83 0.41
N LYS G 785 -11.50 -44.77 0.77
CA LYS G 785 -11.29 -43.47 0.14
C LYS G 785 -9.85 -43.04 0.26
N SER G 786 -9.32 -43.05 1.49
CA SER G 786 -7.95 -42.62 1.71
C SER G 786 -6.97 -43.50 0.94
N LYS G 787 -7.22 -44.81 0.92
CA LYS G 787 -6.31 -45.73 0.26
C LYS G 787 -6.23 -45.45 -1.23
N TRP G 788 -7.38 -45.41 -1.90
CA TRP G 788 -7.39 -45.28 -3.35
C TRP G 788 -7.27 -43.85 -3.84
N TRP G 789 -7.27 -42.86 -2.94
CA TRP G 789 -7.08 -41.47 -3.33
C TRP G 789 -5.72 -40.91 -2.91
N TYR G 790 -5.21 -41.33 -1.75
CA TYR G 790 -3.99 -40.74 -1.21
C TYR G 790 -2.88 -41.77 -1.01
N ASP G 791 -3.18 -42.93 -0.44
CA ASP G 791 -2.15 -43.95 -0.28
C ASP G 791 -1.71 -44.54 -1.62
N LYS G 792 -2.26 -44.07 -2.74
CA LYS G 792 -1.83 -44.47 -4.07
C LYS G 792 -1.62 -43.26 -4.95
N GLY G 793 -1.43 -42.08 -4.37
CA GLY G 793 -1.24 -40.87 -5.14
C GLY G 793 0.22 -40.65 -5.47
N GLU G 794 0.47 -40.21 -6.69
CA GLU G 794 1.83 -39.91 -7.11
C GLU G 794 2.41 -38.76 -6.32
N CYS G 795 1.55 -37.90 -5.78
CA CYS G 795 1.97 -36.64 -5.19
C CYS G 795 2.06 -36.83 -3.68
N GLY G 796 2.20 -35.74 -2.95
CA GLY G 796 2.40 -35.80 -1.52
C GLY G 796 1.09 -35.97 -0.77
N SER G 797 1.17 -35.72 0.54
CA SER G 797 0.01 -35.84 1.43
C SER G 797 -0.61 -34.49 1.75
N LYS G 798 0.22 -33.48 2.02
CA LYS G 798 -0.27 -32.14 2.33
C LYS G 798 0.52 -31.09 1.57
N LYS G 805 3.82 -18.83 3.95
CA LYS G 805 3.25 -18.74 5.30
C LYS G 805 3.67 -17.43 5.97
N THR G 806 4.92 -17.05 5.78
CA THR G 806 5.48 -15.83 6.36
C THR G 806 5.76 -14.84 5.24
N SER G 807 5.29 -13.61 5.42
CA SER G 807 5.54 -12.55 4.46
C SER G 807 6.89 -11.86 4.68
N ALA G 808 7.59 -12.22 5.74
CA ALA G 808 8.92 -11.67 5.98
C ALA G 808 9.84 -11.99 4.80
N LEU G 809 10.68 -11.02 4.46
CA LEU G 809 11.58 -11.20 3.33
C LEU G 809 12.52 -12.37 3.59
N SER G 810 12.67 -13.22 2.59
CA SER G 810 13.51 -14.40 2.68
C SER G 810 14.86 -14.13 2.04
N LEU G 811 15.84 -14.95 2.42
CA LEU G 811 17.19 -14.79 1.90
C LEU G 811 17.25 -14.97 0.40
N SER G 812 16.27 -15.65 -0.20
CA SER G 812 16.23 -15.82 -1.65
C SER G 812 15.94 -14.52 -2.37
N ASN G 813 15.33 -13.55 -1.69
CA ASN G 813 14.99 -12.28 -2.33
C ASN G 813 16.21 -11.39 -2.51
N VAL G 814 17.20 -11.51 -1.62
CA VAL G 814 18.33 -10.61 -1.59
C VAL G 814 19.63 -11.39 -1.79
N ALA G 815 19.54 -12.53 -2.46
CA ALA G 815 20.71 -13.38 -2.64
C ALA G 815 21.78 -12.70 -3.47
N GLY G 816 21.38 -12.02 -4.54
CA GLY G 816 22.34 -11.35 -5.39
C GLY G 816 23.21 -10.37 -4.64
N VAL G 817 22.65 -9.72 -3.63
CA VAL G 817 23.43 -8.79 -2.83
C VAL G 817 24.58 -9.51 -2.15
N PHE G 818 24.30 -10.67 -1.55
CA PHE G 818 25.34 -11.41 -0.86
C PHE G 818 26.35 -11.99 -1.84
N TYR G 819 25.89 -12.46 -3.00
CA TYR G 819 26.83 -12.95 -4.01
C TYR G 819 27.77 -11.83 -4.44
N ILE G 820 27.23 -10.64 -4.69
CA ILE G 820 28.05 -9.51 -5.08
C ILE G 820 29.03 -9.15 -3.98
N LEU G 821 28.58 -9.20 -2.73
CA LEU G 821 29.45 -8.88 -1.61
C LEU G 821 30.63 -9.84 -1.54
N ILE G 822 30.36 -11.14 -1.65
CA ILE G 822 31.43 -12.13 -1.59
C ILE G 822 32.39 -11.95 -2.77
N GLY G 823 31.84 -11.73 -3.97
CA GLY G 823 32.70 -11.49 -5.11
C GLY G 823 33.58 -10.28 -4.93
N GLY G 824 33.03 -9.20 -4.37
CA GLY G 824 33.82 -8.01 -4.14
C GLY G 824 34.90 -8.23 -3.09
N LEU G 825 34.58 -8.98 -2.04
CA LEU G 825 35.60 -9.30 -1.04
C LEU G 825 36.75 -10.08 -1.66
N GLY G 826 36.41 -11.11 -2.44
CA GLY G 826 37.46 -11.89 -3.08
C GLY G 826 38.29 -11.07 -4.04
N LEU G 827 37.64 -10.23 -4.83
CA LEU G 827 38.36 -9.36 -5.75
C LEU G 827 39.26 -8.39 -5.00
N ALA G 828 38.80 -7.90 -3.84
CA ALA G 828 39.62 -7.02 -3.04
C ALA G 828 40.85 -7.74 -2.53
N MET G 829 40.69 -8.99 -2.08
CA MET G 829 41.86 -9.76 -1.66
C MET G 829 42.84 -9.93 -2.80
N LEU G 830 42.33 -10.26 -3.99
CA LEU G 830 43.19 -10.45 -5.15
C LEU G 830 43.94 -9.18 -5.51
N VAL G 831 43.23 -8.05 -5.52
CA VAL G 831 43.86 -6.78 -5.86
C VAL G 831 44.87 -6.38 -4.79
N ALA G 832 44.60 -6.70 -3.53
CA ALA G 832 45.57 -6.42 -2.48
C ALA G 832 46.83 -7.25 -2.67
N LEU G 833 46.67 -8.50 -3.08
CA LEU G 833 47.85 -9.32 -3.36
C LEU G 833 48.65 -8.74 -4.52
N ILE G 834 47.97 -8.31 -5.57
CA ILE G 834 48.65 -7.71 -6.72
C ILE G 834 49.40 -6.46 -6.29
N GLU G 835 48.76 -5.60 -5.50
CA GLU G 835 49.41 -4.39 -5.02
C GLU G 835 50.59 -4.73 -4.12
N PHE G 836 50.46 -5.77 -3.31
CA PHE G 836 51.55 -6.22 -2.44
C PHE G 836 52.77 -6.60 -3.26
N CYS G 837 52.55 -7.42 -4.29
CA CYS G 837 53.68 -7.83 -5.14
C CYS G 837 54.29 -6.63 -5.86
N TYR G 838 53.44 -5.77 -6.44
CA TYR G 838 53.93 -4.61 -7.17
C TYR G 838 54.75 -3.69 -6.28
N LYS G 839 54.23 -3.38 -5.09
CA LYS G 839 54.95 -2.50 -4.18
C LYS G 839 56.22 -3.15 -3.68
N SER G 840 56.20 -4.45 -3.43
CA SER G 840 57.41 -5.14 -2.99
C SER G 840 58.49 -5.04 -4.06
N ARG G 841 58.12 -5.25 -5.33
CA ARG G 841 59.11 -5.16 -6.39
C ARG G 841 59.63 -3.74 -6.53
N SER G 842 58.75 -2.74 -6.51
CA SER G 842 59.19 -1.36 -6.66
C SER G 842 60.09 -0.93 -5.51
N GLU G 843 59.81 -1.42 -4.29
CA GLU G 843 60.66 -1.08 -3.15
C GLU G 843 62.00 -1.80 -3.22
N SER G 844 61.99 -3.09 -3.56
CA SER G 844 63.25 -3.81 -3.76
C SER G 844 64.09 -3.14 -4.83
N LYS G 845 63.45 -2.50 -5.81
CA LYS G 845 64.19 -1.67 -6.75
C LYS G 845 64.86 -0.50 -6.04
N ARG G 846 64.19 0.05 -5.02
CA ARG G 846 64.75 1.16 -4.24
C ARG G 846 65.62 0.64 -3.11
N ALA H 2 19.23 -24.73 -1.99
CA ALA H 2 19.16 -23.32 -2.35
C ALA H 2 20.01 -22.48 -1.42
N PHE H 3 20.15 -21.19 -1.72
CA PHE H 3 20.93 -20.30 -0.88
C PHE H 3 20.35 -20.28 0.53
N THR H 4 21.24 -20.31 1.52
CA THR H 4 20.84 -20.33 2.91
C THR H 4 21.99 -19.79 3.76
N PHE H 5 21.77 -19.78 5.08
CA PHE H 5 22.77 -19.23 5.99
C PHE H 5 24.06 -20.03 5.94
N ALA H 6 23.95 -21.35 5.93
CA ALA H 6 25.14 -22.19 5.93
C ALA H 6 25.97 -21.99 4.67
N ALA H 7 25.31 -21.86 3.51
CA ALA H 7 26.04 -21.64 2.27
C ALA H 7 26.80 -20.33 2.30
N PHE H 8 26.19 -19.28 2.85
CA PHE H 8 26.90 -18.01 2.96
C PHE H 8 28.09 -18.13 3.91
N CYS H 9 27.91 -18.85 5.03
CA CYS H 9 29.03 -19.10 5.92
C CYS H 9 30.16 -19.80 5.18
N TYR H 10 29.83 -20.80 4.36
CA TYR H 10 30.85 -21.52 3.62
C TYR H 10 31.56 -20.61 2.63
N MET H 11 30.81 -19.74 1.94
CA MET H 11 31.43 -18.81 1.02
C MET H 11 32.40 -17.89 1.73
N LEU H 12 31.97 -17.34 2.87
CA LEU H 12 32.82 -16.40 3.59
C LEU H 12 34.07 -17.08 4.13
N THR H 13 33.92 -18.30 4.64
CA THR H 13 35.08 -19.06 5.11
C THR H 13 36.01 -19.40 3.95
N LEU H 14 35.45 -19.69 2.78
CA LEU H 14 36.26 -19.95 1.61
C LEU H 14 37.09 -18.73 1.24
N VAL H 15 36.48 -17.55 1.32
CA VAL H 15 37.22 -16.32 1.01
C VAL H 15 38.28 -16.06 2.06
N LEU H 16 37.99 -16.35 3.33
CA LEU H 16 38.93 -16.04 4.40
C LEU H 16 40.02 -17.09 4.58
N CYS H 17 39.85 -18.28 4.01
CA CYS H 17 40.88 -19.32 4.14
C CYS H 17 42.08 -19.03 3.23
N ALA H 18 41.86 -18.31 2.14
CA ALA H 18 42.98 -17.84 1.33
C ALA H 18 43.94 -17.02 2.18
N SER H 19 43.41 -16.22 3.10
CA SER H 19 44.27 -15.44 3.98
C SER H 19 45.13 -16.34 4.86
N LEU H 20 44.54 -17.42 5.38
CA LEU H 20 45.29 -18.36 6.20
C LEU H 20 46.36 -19.06 5.37
N ILE H 21 46.04 -19.41 4.13
CA ILE H 21 47.03 -20.00 3.23
C ILE H 21 48.19 -19.03 3.03
N PHE H 22 47.86 -17.76 2.79
CA PHE H 22 48.89 -16.74 2.63
C PHE H 22 49.76 -16.62 3.87
N PHE H 23 49.13 -16.67 5.05
CA PHE H 23 49.89 -16.54 6.29
C PHE H 23 50.84 -17.71 6.49
N VAL H 24 50.37 -18.94 6.22
CA VAL H 24 51.23 -20.10 6.42
C VAL H 24 52.35 -20.11 5.38
N ILE H 25 52.05 -19.69 4.15
CA ILE H 25 53.09 -19.60 3.13
C ILE H 25 54.16 -18.60 3.56
N TRP H 26 53.72 -17.46 4.09
CA TRP H 26 54.68 -16.49 4.63
C TRP H 26 55.50 -17.09 5.77
N HIS H 27 54.85 -17.86 6.64
CA HIS H 27 55.55 -18.53 7.73
C HIS H 27 56.66 -19.41 7.19
N ILE H 28 56.34 -20.26 6.22
CA ILE H 28 57.33 -21.22 5.73
C ILE H 28 58.43 -20.50 4.98
N ILE H 29 58.12 -19.42 4.27
CA ILE H 29 59.16 -18.66 3.58
C ILE H 29 60.11 -18.04 4.60
N ALA H 30 59.56 -17.44 5.66
CA ALA H 30 60.40 -16.84 6.68
C ALA H 30 61.26 -17.89 7.36
N PHE H 31 60.71 -19.08 7.60
CA PHE H 31 61.49 -20.13 8.25
C PHE H 31 62.52 -20.73 7.32
N ASP H 32 62.25 -20.74 6.01
CA ASP H 32 63.28 -21.12 5.05
C ASP H 32 64.43 -20.13 5.06
N GLU H 33 64.11 -18.84 5.15
CA GLU H 33 65.16 -17.83 5.28
C GLU H 33 65.94 -18.03 6.58
N LEU H 34 65.23 -18.32 7.67
CA LEU H 34 65.90 -18.57 8.94
C LEU H 34 66.83 -19.77 8.85
N ARG H 35 66.39 -20.83 8.16
CA ARG H 35 67.24 -21.99 7.95
C ARG H 35 68.46 -21.64 7.10
N THR H 36 68.24 -20.85 6.04
CA THR H 36 69.37 -20.42 5.23
C THR H 36 70.38 -19.64 6.06
N ASP H 37 69.91 -18.89 7.06
CA ASP H 37 70.83 -18.17 7.94
C ASP H 37 71.47 -19.10 8.97
N PHE H 38 70.76 -20.14 9.41
CA PHE H 38 71.24 -20.99 10.48
C PHE H 38 72.20 -22.05 9.97
N LYS H 39 71.72 -22.92 9.07
CA LYS H 39 72.58 -23.96 8.51
C LYS H 39 73.80 -23.35 7.84
N ASN H 40 73.67 -22.17 7.25
CA ASN H 40 74.83 -21.47 6.75
C ASN H 40 75.73 -21.05 7.92
N PRO H 41 77.03 -20.89 7.67
CA PRO H 41 77.94 -20.59 8.78
C PRO H 41 77.48 -19.39 9.59
N ILE H 42 77.50 -19.55 10.91
CA ILE H 42 77.02 -18.53 11.83
C ILE H 42 78.18 -17.71 12.41
N ASP H 43 79.34 -17.73 11.75
CA ASP H 43 80.46 -16.95 12.23
C ASP H 43 80.09 -15.47 12.26
N GLN H 44 80.39 -14.82 13.39
CA GLN H 44 80.06 -13.41 13.60
C GLN H 44 81.33 -12.61 13.85
N GLY H 45 82.40 -12.91 13.11
CA GLY H 45 83.64 -12.16 13.29
C GLY H 45 83.49 -10.69 12.96
N ASN H 46 82.78 -10.38 11.89
CA ASN H 46 82.55 -8.99 11.52
C ASN H 46 81.45 -8.40 12.38
N PRO H 47 81.72 -7.35 13.16
CA PRO H 47 80.63 -6.76 13.95
C PRO H 47 79.45 -6.32 13.11
N ALA H 48 79.71 -5.77 11.92
CA ALA H 48 78.62 -5.38 11.03
C ALA H 48 77.80 -6.58 10.59
N ARG H 49 78.48 -7.68 10.23
CA ARG H 49 77.76 -8.88 9.82
C ARG H 49 76.92 -9.44 10.97
N ALA H 50 77.48 -9.48 12.17
CA ALA H 50 76.73 -9.96 13.32
C ALA H 50 75.50 -9.08 13.57
N ARG H 51 75.67 -7.76 13.51
CA ARG H 51 74.54 -6.86 13.74
C ARG H 51 73.47 -7.06 12.68
N GLU H 52 73.88 -7.20 11.41
CA GLU H 52 72.91 -7.39 10.35
C GLU H 52 72.14 -8.70 10.54
N ARG H 53 72.84 -9.77 10.87
CA ARG H 53 72.17 -11.05 11.07
C ARG H 53 71.21 -10.98 12.26
N LEU H 54 71.64 -10.36 13.35
CA LEU H 54 70.78 -10.25 14.52
C LEU H 54 69.53 -9.43 14.21
N LYS H 55 69.69 -8.33 13.49
CA LYS H 55 68.53 -7.50 13.17
C LYS H 55 67.60 -8.20 12.19
N ASN H 56 68.15 -8.98 11.25
CA ASN H 56 67.30 -9.77 10.38
C ASN H 56 66.48 -10.78 11.18
N ILE H 57 67.14 -11.48 12.12
CA ILE H 57 66.43 -12.45 12.94
C ILE H 57 65.32 -11.76 13.74
N GLU H 58 65.66 -10.63 14.36
CA GLU H 58 64.67 -9.90 15.15
C GLU H 58 63.50 -9.43 14.29
N ARG H 59 63.79 -8.92 13.09
CA ARG H 59 62.74 -8.46 12.20
C ARG H 59 61.81 -9.61 11.82
N ILE H 60 62.37 -10.76 11.47
CA ILE H 60 61.54 -11.89 11.08
C ILE H 60 60.70 -12.36 12.26
N CYS H 61 61.29 -12.41 13.47
CA CYS H 61 60.53 -12.79 14.65
C CYS H 61 59.39 -11.82 14.91
N CYS H 62 59.65 -10.52 14.78
CA CYS H 62 58.59 -9.53 14.99
C CYS H 62 57.48 -9.70 13.96
N LEU H 63 57.85 -9.94 12.70
CA LEU H 63 56.86 -10.16 11.67
C LEU H 63 55.99 -11.36 12.00
N LEU H 64 56.61 -12.48 12.42
CA LEU H 64 55.84 -13.67 12.74
C LEU H 64 54.92 -13.42 13.93
N ARG H 65 55.41 -12.72 14.95
CA ARG H 65 54.57 -12.45 16.11
C ARG H 65 53.38 -11.57 15.73
N LYS H 66 53.61 -10.53 14.92
CA LYS H 66 52.54 -9.65 14.51
C LYS H 66 51.49 -10.36 13.66
N LEU H 67 51.84 -11.50 13.09
CA LEU H 67 51.04 -12.17 12.08
C LEU H 67 50.33 -13.41 12.59
N VAL H 68 50.47 -13.74 13.87
CA VAL H 68 49.91 -14.99 14.39
C VAL H 68 48.49 -14.80 14.88
N VAL H 69 48.22 -13.71 15.60
CA VAL H 69 46.88 -13.51 16.17
C VAL H 69 45.82 -13.51 15.09
N PRO H 70 46.00 -12.86 13.94
CA PRO H 70 44.96 -12.91 12.90
C PRO H 70 44.59 -14.31 12.49
N GLU H 71 45.56 -15.20 12.32
CA GLU H 71 45.26 -16.57 11.93
C GLU H 71 44.37 -17.26 12.96
N TYR H 72 44.78 -17.23 14.22
CA TYR H 72 44.04 -17.94 15.25
C TYR H 72 42.65 -17.36 15.43
N SER H 73 42.54 -16.03 15.43
CA SER H 73 41.25 -15.41 15.66
C SER H 73 40.32 -15.61 14.47
N ILE H 74 40.85 -15.64 13.25
CA ILE H 74 40.02 -15.89 12.09
C ILE H 74 39.52 -17.34 12.09
N HIS H 75 40.38 -18.27 12.50
CA HIS H 75 39.91 -19.65 12.62
C HIS H 75 38.84 -19.77 13.70
N GLY H 76 39.01 -19.04 14.81
CA GLY H 76 37.96 -18.99 15.81
C GLY H 76 36.66 -18.42 15.26
N LEU H 77 36.76 -17.43 14.38
CA LEU H 77 35.59 -16.91 13.69
C LEU H 77 34.91 -18.00 12.88
N PHE H 78 35.71 -18.79 12.16
CA PHE H 78 35.16 -19.91 11.40
C PHE H 78 34.38 -20.84 12.33
N CYS H 79 34.97 -21.18 13.47
CA CYS H 79 34.32 -22.09 14.41
C CYS H 79 33.01 -21.50 14.91
N LEU H 80 33.03 -20.22 15.27
CA LEU H 80 31.82 -19.56 15.76
C LEU H 80 30.73 -19.55 14.69
N MET H 81 31.10 -19.25 13.45
CA MET H 81 30.13 -19.24 12.36
C MET H 81 29.50 -20.60 12.18
N PHE H 82 30.32 -21.65 12.17
CA PHE H 82 29.78 -22.98 11.98
C PHE H 82 28.95 -23.44 13.17
N LEU H 83 29.24 -22.91 14.37
CA LEU H 83 28.37 -23.18 15.51
C LEU H 83 27.01 -22.53 15.32
N CYS H 84 26.98 -21.25 14.98
CA CYS H 84 25.71 -20.55 14.86
C CYS H 84 24.87 -21.11 13.74
N ALA H 85 25.50 -21.46 12.62
CA ALA H 85 24.77 -22.04 11.49
C ALA H 85 24.34 -23.48 11.76
N ALA H 86 24.77 -24.08 12.86
CA ALA H 86 24.43 -25.46 13.19
C ALA H 86 24.95 -26.43 12.13
N GLU H 87 26.22 -26.26 11.76
CA GLU H 87 26.93 -27.20 10.90
C GLU H 87 27.88 -27.97 11.81
N TRP H 88 27.41 -29.10 12.32
CA TRP H 88 28.11 -29.79 13.40
C TRP H 88 29.37 -30.50 12.92
N VAL H 89 29.33 -31.08 11.72
CA VAL H 89 30.47 -31.86 11.24
C VAL H 89 31.70 -30.97 11.09
N THR H 90 31.55 -29.84 10.39
CA THR H 90 32.68 -28.95 10.17
C THR H 90 33.21 -28.40 11.49
N LEU H 91 32.30 -28.06 12.40
CA LEU H 91 32.72 -27.58 13.71
C LEU H 91 33.53 -28.63 14.44
N GLY H 92 33.12 -29.90 14.35
CA GLY H 92 33.91 -30.96 14.94
C GLY H 92 35.28 -31.08 14.32
N LEU H 93 35.36 -31.02 12.99
CA LEU H 93 36.66 -31.07 12.33
C LEU H 93 37.55 -29.90 12.73
N ASN H 94 36.96 -28.75 13.07
CA ASN H 94 37.76 -27.55 13.30
C ASN H 94 38.10 -27.32 14.77
N ILE H 95 37.35 -27.91 15.70
CA ILE H 95 37.63 -27.71 17.12
C ILE H 95 39.05 -28.14 17.49
N PRO H 96 39.57 -29.28 17.02
CA PRO H 96 40.93 -29.67 17.46
C PRO H 96 41.98 -28.63 17.13
N LEU H 97 41.94 -28.04 15.93
CA LEU H 97 42.92 -27.01 15.59
C LEU H 97 42.70 -25.77 16.45
N LEU H 98 41.44 -25.45 16.75
CA LEU H 98 41.15 -24.34 17.66
C LEU H 98 41.86 -24.54 18.99
N PHE H 99 41.69 -25.73 19.59
CA PHE H 99 42.30 -25.99 20.89
C PHE H 99 43.82 -26.04 20.78
N TYR H 100 44.35 -26.57 19.67
CA TYR H 100 45.80 -26.58 19.50
C TYR H 100 46.35 -25.16 19.46
N HIS H 101 45.69 -24.27 18.72
CA HIS H 101 46.13 -22.87 18.66
C HIS H 101 46.01 -22.22 20.03
N LEU H 102 44.92 -22.49 20.75
CA LEU H 102 44.76 -21.94 22.08
C LEU H 102 45.91 -22.37 22.98
N TRP H 103 46.22 -23.67 22.97
CA TRP H 103 47.30 -24.19 23.79
C TRP H 103 48.63 -23.55 23.41
N ARG H 104 48.89 -23.47 22.10
CA ARG H 104 50.14 -22.93 21.60
C ARG H 104 50.31 -21.48 22.01
N TYR H 105 49.25 -20.69 21.93
CA TYR H 105 49.34 -19.28 22.27
C TYR H 105 49.46 -19.06 23.78
N PHE H 106 48.77 -19.87 24.58
CA PHE H 106 48.67 -19.62 26.01
C PHE H 106 49.59 -20.46 26.88
N HIS H 107 50.48 -21.26 26.29
CA HIS H 107 51.48 -22.02 27.04
C HIS H 107 52.83 -21.33 27.10
N ARG H 108 53.34 -20.89 25.96
CA ARG H 108 54.68 -20.32 25.92
C ARG H 108 55.63 -21.34 26.52
N PRO H 109 55.83 -22.48 25.84
CA PRO H 109 56.76 -23.48 26.38
C PRO H 109 58.14 -22.92 26.62
N ALA H 110 58.54 -21.91 25.86
CA ALA H 110 59.80 -21.23 26.13
C ALA H 110 59.80 -20.69 27.55
N ASP H 111 60.93 -20.88 28.25
CA ASP H 111 61.02 -20.46 29.64
C ASP H 111 60.82 -18.96 29.79
N GLY H 112 61.14 -18.19 28.75
CA GLY H 112 60.96 -16.74 28.84
C GLY H 112 59.52 -16.36 29.06
N SER H 113 58.61 -16.94 28.28
CA SER H 113 57.17 -16.73 28.43
C SER H 113 56.81 -15.24 28.32
N GLU H 114 57.30 -14.61 27.26
CA GLU H 114 56.94 -13.23 26.97
C GLU H 114 56.51 -13.08 25.52
N VAL H 115 57.01 -13.96 24.64
CA VAL H 115 56.65 -13.98 23.23
C VAL H 115 56.58 -15.42 22.76
N MET H 116 55.66 -15.67 21.82
CA MET H 116 55.59 -16.99 21.20
C MET H 116 56.92 -17.33 20.53
N TYR H 117 57.42 -16.44 19.69
CA TYR H 117 58.73 -16.57 19.07
C TYR H 117 59.65 -15.52 19.69
N ASP H 118 60.79 -15.97 20.21
CA ASP H 118 61.76 -15.10 20.83
C ASP H 118 63.08 -15.21 20.09
N ALA H 119 63.63 -14.07 19.68
CA ALA H 119 64.85 -14.08 18.89
C ALA H 119 65.94 -14.91 19.56
N VAL H 120 66.06 -14.80 20.88
CA VAL H 120 67.09 -15.56 21.59
C VAL H 120 66.80 -17.05 21.52
N SER H 121 65.54 -17.44 21.78
CA SER H 121 65.18 -18.85 21.70
C SER H 121 65.15 -19.33 20.26
N ILE H 122 64.75 -18.46 19.33
CA ILE H 122 64.82 -18.80 17.93
C ILE H 122 66.28 -19.02 17.54
N MET H 123 66.48 -19.65 16.39
CA MET H 123 67.75 -20.12 15.84
C MET H 123 68.10 -21.47 16.44
N ASN H 124 67.30 -21.99 17.37
CA ASN H 124 67.50 -23.34 17.89
C ASN H 124 66.98 -24.35 16.87
N ALA H 125 67.76 -25.40 16.61
CA ALA H 125 67.40 -26.35 15.57
C ALA H 125 66.10 -27.06 15.90
N ASP H 126 65.92 -27.47 17.15
CA ASP H 126 64.69 -28.16 17.54
C ASP H 126 63.47 -27.27 17.30
N ILE H 127 63.51 -26.05 17.83
CA ILE H 127 62.39 -25.13 17.69
C ILE H 127 62.16 -24.79 16.21
N LEU H 128 63.25 -24.54 15.48
CA LEU H 128 63.13 -24.21 14.07
C LEU H 128 62.44 -25.33 13.30
N ASN H 129 62.89 -26.58 13.50
CA ASN H 129 62.32 -27.70 12.78
C ASN H 129 60.87 -27.94 13.18
N TYR H 130 60.56 -27.79 14.47
CA TYR H 130 59.18 -27.97 14.91
C TYR H 130 58.28 -26.93 14.25
N CYS H 131 58.72 -25.68 14.19
CA CYS H 131 57.93 -24.64 13.56
C CYS H 131 57.75 -24.93 12.07
N GLN H 132 58.81 -25.40 11.41
CA GLN H 132 58.70 -25.71 9.99
C GLN H 132 57.68 -26.81 9.74
N LYS H 133 57.76 -27.89 10.52
CA LYS H 133 56.82 -29.00 10.34
C LYS H 133 55.40 -28.56 10.66
N GLU H 134 55.22 -27.79 11.72
CA GLU H 134 53.90 -27.30 12.08
C GLU H 134 53.31 -26.46 10.96
N SER H 135 54.12 -25.56 10.40
CA SER H 135 53.64 -24.72 9.32
C SER H 135 53.26 -25.55 8.10
N TRP H 136 54.05 -26.56 7.76
CA TRP H 136 53.73 -27.37 6.59
C TRP H 136 52.43 -28.15 6.80
N CYS H 137 52.28 -28.76 7.98
CA CYS H 137 51.05 -29.49 8.26
C CYS H 137 49.85 -28.55 8.26
N LYS H 138 50.02 -27.35 8.80
CA LYS H 138 48.94 -26.38 8.83
C LYS H 138 48.56 -25.95 7.42
N LEU H 139 49.55 -25.78 6.54
CA LEU H 139 49.25 -25.45 5.15
C LEU H 139 48.45 -26.56 4.48
N ALA H 140 48.85 -27.81 4.70
CA ALA H 140 48.09 -28.93 4.14
C ALA H 140 46.66 -28.92 4.67
N PHE H 141 46.50 -28.72 5.98
CA PHE H 141 45.17 -28.69 6.57
C PHE H 141 44.32 -27.58 5.99
N TYR H 142 44.90 -26.39 5.81
CA TYR H 142 44.14 -25.27 5.29
C TYR H 142 43.74 -25.50 3.85
N LEU H 143 44.62 -26.10 3.05
CA LEU H 143 44.25 -26.43 1.66
C LEU H 143 43.07 -27.41 1.65
N LEU H 144 43.18 -28.46 2.46
CA LEU H 144 42.11 -29.46 2.50
C LEU H 144 40.80 -28.84 2.96
N SER H 145 40.86 -27.99 3.99
CA SER H 145 39.64 -27.36 4.51
C SER H 145 39.06 -26.39 3.49
N PHE H 146 39.90 -25.71 2.73
CA PHE H 146 39.42 -24.82 1.67
C PHE H 146 38.63 -25.62 0.64
N PHE H 147 39.19 -26.74 0.19
CA PHE H 147 38.49 -27.53 -0.82
C PHE H 147 37.21 -28.14 -0.25
N TYR H 148 37.26 -28.57 1.01
CA TYR H 148 36.05 -29.10 1.66
C TYR H 148 34.97 -28.03 1.74
N TYR H 149 35.35 -26.80 2.09
CA TYR H 149 34.38 -25.71 2.16
C TYR H 149 33.79 -25.43 0.79
N LEU H 150 34.60 -25.44 -0.25
CA LEU H 150 34.08 -25.23 -1.60
C LEU H 150 33.07 -26.31 -1.95
N TYR H 151 33.43 -27.57 -1.69
CA TYR H 151 32.52 -28.67 -2.01
C TYR H 151 31.20 -28.53 -1.25
N SER H 152 31.28 -28.23 0.05
CA SER H 152 30.08 -28.10 0.85
C SER H 152 29.22 -26.94 0.37
N MET H 153 29.84 -25.83 -0.01
CA MET H 153 29.11 -24.70 -0.54
C MET H 153 28.34 -25.08 -1.80
N VAL H 154 29.02 -25.75 -2.74
CA VAL H 154 28.34 -26.14 -3.97
C VAL H 154 27.21 -27.12 -3.67
N TYR H 155 27.48 -28.09 -2.80
CA TYR H 155 26.46 -29.07 -2.42
C TYR H 155 25.22 -28.38 -1.86
N THR H 156 25.42 -27.45 -0.92
CA THR H 156 24.29 -26.77 -0.30
C THR H 156 23.56 -25.90 -1.29
N LEU H 157 24.27 -25.27 -2.22
CA LEU H 157 23.62 -24.42 -3.20
C LEU H 157 22.73 -25.23 -4.14
N VAL H 158 23.28 -26.31 -4.71
CA VAL H 158 22.54 -27.03 -5.76
C VAL H 158 21.27 -27.65 -5.19
N SER H 159 21.33 -28.15 -3.95
CA SER H 159 20.17 -28.76 -3.33
C SER H 159 19.21 -27.69 -2.81
#